data_9B0I
#
_entry.id   9B0I
#
_cell.length_a   1.00
_cell.length_b   1.00
_cell.length_c   1.00
_cell.angle_alpha   90.00
_cell.angle_beta   90.00
_cell.angle_gamma   90.00
#
_symmetry.space_group_name_H-M   'P 1'
#
loop_
_entity.id
_entity.type
_entity.pdbx_description
1 polymer 'RNA cytidine acetyltransferase'
2 non-polymer "ADENOSINE-5'-DIPHOSPHATE"
3 non-polymer 'MAGNESIUM ION'
4 non-polymer '[[(2~{R},3~{S},4~{S},5~{R})-5-(6-aminopurin-9-yl)-4-oxidanyl-3-phosphonooxy-oxolan-2-yl]methoxy-oxidanyl-phosphoryl] [(3~{R})-4-[[3-[2-[2-[[1-[(2~{R},3~{S},4~{R},5~{R})-5-(hydroxymethyl)-3,4-bis(oxidanyl)oxolan-2-yl]-2-oxidanylidene-pyrimidin-4-yl]amino]-2-oxidanylidene-ethyl]sulfanylethylamino]-3-oxidanylidene-propyl]amino]-2,2-dimethyl-3-oxidanyl-4-oxidanylidene-butyl] hydrogen phosphate'
#
_entity_poly.entity_id   1
_entity_poly.type   'polypeptide(L)'
_entity_poly.pdbx_seq_one_letter_code
;HHHHHHENLYFQGMTVQKTVDSRIPTLIRNGLQTKKRSFFVVVGDHAKEAIVHLYYIMSSMDVRQNKSVLWAYKKELLGF
TSHRKKREAKIKKEIKRGIREPNQADPFELFISLNDIRYCYYKETDKILGNTYGMCILQDFEAITPNILARTIETVEGGG
LVVLLLKGMTSLKQLYTMTMDVHARYRTEAHDDVIARFNERFLLSLGSCESCLVIDDELNVLPISGGKGVKPLPPPDEDE
ELSPAAKELKKIKDELEDTQPIGSLIKLARTVDQAKALLTFVDAIAEKTLRNTVTLTAARGRGKSAAMGVAIAAAVAYGY
SNIFITSPSPENLKTLFEFVFKGFDALDYKDHADYTIIQSTNPEFNKAIVRVNIHRNHRQTIQYIRPQDAHVLGQAELVV
IDEAAAIPLPLVKKLMGPYLVFMASTISGYEGTGRSLSLKLIKQLREQSRAGANPNGGNAVEVDRSTLKATKETTSVGGR
SLKEITLSEPIRYAQGDNVEKWLNTLLCLDATLPRSKISTTGCPDPSQCELLHVNRDTLFSFHPVSEKFLQQMVALYVAS
HYKNSPNDLQLMSDAPAHELFVLTGPIQEGRLPEPLCVIQVSLEGKISKQSILKSLSRGQQPAGDLIPWLVSQQFQDDEF
ASLSGARIVRIATNPDYMSMGYGSKALQLLVDYYEGKFADLSEDAAAEVPRSIPRVTDAELSKGSLFDDIKVRDMHELPP
LFSKLSERRPEKLDYVGVSYGLTQQLHKFWKRAQFVPVYLRQTANDLTGEHTCVMIRPLQDGNDPSWLGAFAADFHKRFL
SLLSYKFREFPSILALTIEESANAGAMLDPSNAPTELTKAELDQLFTPFDHKRLESYANGLLDYHVVLDLMPTIAQLYFT
GRLREAVKLSGLQQAILLALGLQRKDIDTLATELNLPGSQVLAIFMKIMRKVTQHFGALVSGAIAAELPDPNKTVGVSKE
NAMGIHDDEVVGLKFEALEQRLEDELDEGGDEALRELRKKQRELIDSLPLDQYEIDGDDDAWKEAEKRVASAAKSGKKVD
GTLVSVPSAKAAKRKAEEMAALRDELEKMEKGKERGSKKAKKEKRR
;
_entity_poly.pdbx_strand_id   A,B
#
# COMPACT_ATOMS: atom_id res chain seq x y z
N LYS A 18 -44.67 -14.87 58.11
CA LYS A 18 -44.81 -15.42 56.77
C LYS A 18 -45.44 -14.41 55.83
N THR A 19 -46.15 -13.43 56.40
CA THR A 19 -46.82 -12.42 55.61
C THR A 19 -45.80 -11.44 55.03
N VAL A 20 -45.73 -11.40 53.70
CA VAL A 20 -44.77 -10.52 53.03
C VAL A 20 -45.29 -9.08 53.09
N ASP A 21 -44.36 -8.14 53.21
CA ASP A 21 -44.72 -6.72 53.19
C ASP A 21 -45.43 -6.37 51.90
N SER A 22 -46.47 -5.54 52.00
CA SER A 22 -47.31 -5.24 50.85
C SER A 22 -46.63 -4.33 49.83
N ARG A 23 -45.53 -3.68 50.21
CA ARG A 23 -44.86 -2.76 49.29
C ARG A 23 -44.13 -3.48 48.17
N ILE A 24 -43.60 -4.68 48.42
CA ILE A 24 -42.87 -5.45 47.42
C ILE A 24 -43.79 -5.82 46.25
N PRO A 25 -44.90 -6.54 46.46
CA PRO A 25 -45.77 -6.84 45.32
C PRO A 25 -46.36 -5.60 44.69
N THR A 26 -46.61 -4.54 45.47
CA THR A 26 -47.14 -3.31 44.90
C THR A 26 -46.15 -2.70 43.91
N LEU A 27 -44.88 -2.61 44.29
CA LEU A 27 -43.87 -2.08 43.39
C LEU A 27 -43.70 -2.97 42.17
N ILE A 28 -43.70 -4.29 42.37
CA ILE A 28 -43.55 -5.20 41.24
C ILE A 28 -44.71 -5.03 40.26
N ARG A 29 -45.93 -4.93 40.77
CA ARG A 29 -47.10 -4.76 39.91
C ARG A 29 -47.07 -3.42 39.19
N ASN A 30 -46.66 -2.35 39.87
CA ASN A 30 -46.57 -1.07 39.19
C ASN A 30 -45.54 -1.10 38.08
N GLY A 31 -44.39 -1.73 38.33
CA GLY A 31 -43.39 -1.87 37.29
C GLY A 31 -43.88 -2.69 36.11
N LEU A 32 -44.60 -3.77 36.38
CA LEU A 32 -45.16 -4.59 35.31
C LEU A 32 -46.19 -3.81 34.50
N GLN A 33 -47.05 -3.04 35.18
CA GLN A 33 -48.07 -2.27 34.49
C GLN A 33 -47.47 -1.19 33.62
N THR A 34 -46.49 -0.45 34.14
CA THR A 34 -45.89 0.66 33.42
C THR A 34 -44.73 0.23 32.54
N LYS A 35 -44.33 -1.05 32.63
CA LYS A 35 -43.20 -1.60 31.89
C LYS A 35 -41.89 -0.90 32.27
N LYS A 36 -41.61 -0.91 33.57
CA LYS A 36 -40.41 -0.32 34.12
C LYS A 36 -39.77 -1.29 35.10
N ARG A 37 -38.45 -1.18 35.26
CA ARG A 37 -37.69 -2.12 36.06
C ARG A 37 -37.85 -1.82 37.54
N SER A 38 -37.38 -2.76 38.37
CA SER A 38 -37.38 -2.62 39.81
C SER A 38 -36.00 -2.98 40.34
N PHE A 39 -35.61 -2.30 41.42
CA PHE A 39 -34.31 -2.49 42.05
C PHE A 39 -34.51 -3.02 43.45
N PHE A 40 -33.83 -4.12 43.76
CA PHE A 40 -33.87 -4.72 45.09
C PHE A 40 -32.45 -5.00 45.55
N VAL A 41 -32.18 -4.65 46.81
CA VAL A 41 -30.90 -4.93 47.44
C VAL A 41 -31.14 -5.84 48.62
N VAL A 42 -30.42 -6.97 48.66
CA VAL A 42 -30.61 -7.99 49.68
C VAL A 42 -29.39 -8.01 50.59
N VAL A 43 -29.63 -8.01 51.90
CA VAL A 43 -28.58 -8.08 52.91
C VAL A 43 -28.85 -9.29 53.79
N GLY A 44 -27.87 -10.17 53.90
CA GLY A 44 -28.02 -11.35 54.73
C GLY A 44 -27.23 -12.51 54.15
N ASP A 45 -27.36 -13.65 54.82
CA ASP A 45 -26.67 -14.87 54.41
C ASP A 45 -27.59 -15.88 53.72
N HIS A 46 -28.86 -15.56 53.54
CA HIS A 46 -29.79 -16.47 52.87
C HIS A 46 -30.53 -15.76 51.74
N ALA A 47 -29.79 -15.05 50.89
CA ALA A 47 -30.39 -14.33 49.78
C ALA A 47 -31.06 -15.24 48.76
N LYS A 48 -30.78 -16.55 48.80
CA LYS A 48 -31.40 -17.47 47.85
C LYS A 48 -32.92 -17.47 48.00
N GLU A 49 -33.40 -17.52 49.25
CA GLU A 49 -34.84 -17.53 49.48
C GLU A 49 -35.47 -16.22 49.03
N ALA A 50 -34.80 -15.10 49.29
CA ALA A 50 -35.33 -13.81 48.86
C ALA A 50 -35.43 -13.73 47.35
N ILE A 51 -34.40 -14.20 46.63
CA ILE A 51 -34.44 -14.18 45.18
C ILE A 51 -35.53 -15.09 44.66
N VAL A 52 -35.69 -16.27 45.27
CA VAL A 52 -36.74 -17.20 44.84
C VAL A 52 -38.11 -16.58 45.03
N HIS A 53 -38.34 -15.96 46.18
CA HIS A 53 -39.63 -15.32 46.45
C HIS A 53 -39.89 -14.17 45.47
N LEU A 54 -38.88 -13.36 45.21
CA LEU A 54 -39.04 -12.24 44.27
C LEU A 54 -39.37 -12.74 42.87
N TYR A 55 -38.67 -13.78 42.41
CA TYR A 55 -38.94 -14.32 41.09
C TYR A 55 -40.34 -14.92 41.01
N TYR A 56 -40.76 -15.63 42.04
CA TYR A 56 -42.11 -16.19 42.05
C TYR A 56 -43.15 -15.08 41.98
N ILE A 57 -42.98 -14.03 42.79
CA ILE A 57 -43.95 -12.93 42.80
C ILE A 57 -44.00 -12.24 41.44
N MET A 58 -42.83 -12.00 40.84
CA MET A 58 -42.81 -11.36 39.53
C MET A 58 -43.45 -12.23 38.46
N SER A 59 -43.20 -13.54 38.49
CA SER A 59 -43.69 -14.42 37.43
C SER A 59 -45.19 -14.70 37.57
N SER A 60 -45.72 -14.70 38.79
CA SER A 60 -47.12 -15.08 38.98
C SER A 60 -48.09 -14.04 38.42
N MET A 61 -47.62 -12.85 38.07
CA MET A 61 -48.51 -11.80 37.58
C MET A 61 -48.59 -11.73 36.06
N ASP A 62 -47.50 -12.03 35.36
CA ASP A 62 -47.44 -11.85 33.91
C ASP A 62 -46.92 -13.10 33.24
N VAL A 63 -47.27 -13.26 31.97
CA VAL A 63 -46.78 -14.38 31.16
C VAL A 63 -45.98 -13.94 29.95
N ARG A 64 -46.20 -12.74 29.43
CA ARG A 64 -45.45 -12.25 28.28
C ARG A 64 -44.03 -11.82 28.62
N GLN A 65 -43.69 -11.71 29.90
CA GLN A 65 -42.34 -11.32 30.33
C GLN A 65 -41.86 -12.35 31.35
N ASN A 66 -41.27 -13.44 30.86
CA ASN A 66 -40.66 -14.46 31.72
C ASN A 66 -39.37 -14.96 31.08
N LYS A 67 -38.55 -14.05 30.59
CA LYS A 67 -37.37 -14.42 29.82
C LYS A 67 -36.29 -15.02 30.72
N SER A 68 -35.12 -15.27 30.15
CA SER A 68 -34.04 -15.93 30.86
C SER A 68 -33.51 -15.04 31.99
N VAL A 69 -32.85 -15.70 32.94
CA VAL A 69 -32.28 -15.05 34.12
C VAL A 69 -30.77 -15.02 33.97
N LEU A 70 -30.18 -13.83 34.12
CA LEU A 70 -28.75 -13.66 34.00
C LEU A 70 -28.11 -13.65 35.39
N TRP A 71 -26.97 -14.33 35.52
CA TRP A 71 -26.23 -14.39 36.77
C TRP A 71 -24.78 -14.04 36.50
N ALA A 72 -24.26 -13.05 37.22
CA ALA A 72 -22.88 -12.60 37.07
C ALA A 72 -22.16 -12.69 38.41
N TYR A 73 -20.94 -13.21 38.40
CA TYR A 73 -20.18 -13.40 39.62
C TYR A 73 -18.70 -13.46 39.27
N LYS A 74 -17.86 -13.32 40.30
CA LYS A 74 -16.42 -13.24 40.09
C LYS A 74 -15.79 -14.62 39.93
N LYS A 75 -15.82 -15.44 40.98
CA LYS A 75 -15.21 -16.77 40.91
C LYS A 75 -16.13 -17.88 41.39
N GLU A 76 -16.94 -17.62 42.42
CA GLU A 76 -17.76 -18.68 43.01
C GLU A 76 -19.24 -18.28 43.06
N PRO A 107 -35.74 -24.99 47.76
CA PRO A 107 -36.42 -24.28 46.67
C PRO A 107 -35.45 -23.75 45.62
N PHE A 108 -34.29 -23.26 46.06
CA PHE A 108 -33.27 -22.79 45.13
C PHE A 108 -32.78 -23.90 44.23
N GLU A 109 -32.62 -25.11 44.78
CA GLU A 109 -32.21 -26.26 43.98
C GLU A 109 -33.22 -26.57 42.88
N LEU A 110 -34.51 -26.48 43.21
CA LEU A 110 -35.55 -26.64 42.20
C LEU A 110 -35.66 -25.41 41.30
N PHE A 111 -35.36 -24.23 41.84
CA PHE A 111 -35.46 -23.00 41.04
C PHE A 111 -34.44 -22.99 39.92
N ILE A 112 -33.21 -23.44 40.19
CA ILE A 112 -32.18 -23.40 39.15
C ILE A 112 -32.38 -24.49 38.10
N SER A 113 -33.26 -25.45 38.36
CA SER A 113 -33.49 -26.56 37.45
C SER A 113 -34.75 -26.40 36.61
N LEU A 114 -35.37 -25.20 36.62
CA LEU A 114 -36.60 -24.98 35.88
C LEU A 114 -36.57 -23.79 34.93
N ASN A 115 -35.56 -22.93 35.01
CA ASN A 115 -35.49 -21.73 34.19
C ASN A 115 -34.14 -21.63 33.52
N ASP A 116 -34.12 -20.96 32.37
CA ASP A 116 -32.89 -20.79 31.59
C ASP A 116 -32.02 -19.73 32.25
N ILE A 117 -30.91 -20.17 32.85
CA ILE A 117 -29.98 -19.29 33.53
C ILE A 117 -28.66 -19.28 32.77
N ARG A 118 -28.20 -18.09 32.40
CA ARG A 118 -26.92 -17.91 31.73
C ARG A 118 -25.92 -17.41 32.76
N TYR A 119 -24.88 -18.19 33.01
CA TYR A 119 -23.84 -17.84 33.97
C TYR A 119 -22.70 -17.14 33.26
N CYS A 120 -22.32 -15.96 33.74
CA CYS A 120 -21.29 -15.15 33.13
C CYS A 120 -20.30 -14.67 34.20
N TYR A 121 -19.03 -14.57 33.80
CA TYR A 121 -18.02 -14.03 34.69
C TYR A 121 -17.94 -12.52 34.55
N TYR A 122 -17.34 -11.87 35.55
CA TYR A 122 -17.19 -10.42 35.49
C TYR A 122 -16.25 -10.01 34.36
N LYS A 123 -15.29 -10.86 34.01
CA LYS A 123 -14.39 -10.59 32.90
C LYS A 123 -14.98 -10.98 31.56
N GLU A 124 -16.07 -11.75 31.55
CA GLU A 124 -16.69 -12.21 30.32
C GLU A 124 -17.98 -11.48 29.99
N THR A 125 -18.20 -10.31 30.59
CA THR A 125 -19.44 -9.57 30.36
C THR A 125 -19.54 -9.02 28.94
N ASP A 126 -18.46 -9.06 28.16
CA ASP A 126 -18.53 -8.65 26.77
C ASP A 126 -19.29 -9.64 25.90
N LYS A 127 -19.50 -10.87 26.39
CA LYS A 127 -20.19 -11.89 25.61
C LYS A 127 -21.70 -11.77 25.68
N ILE A 128 -22.24 -11.04 26.66
CA ILE A 128 -23.68 -10.94 26.81
C ILE A 128 -24.17 -9.64 26.19
N LEU A 129 -23.36 -9.05 25.32
CA LEU A 129 -23.74 -7.81 24.66
C LEU A 129 -24.84 -8.08 23.65
N GLY A 130 -25.90 -7.27 23.70
CA GLY A 130 -26.99 -7.37 22.75
C GLY A 130 -28.13 -8.27 23.15
N ASN A 131 -28.02 -8.97 24.28
CA ASN A 131 -29.09 -9.87 24.71
C ASN A 131 -30.15 -9.10 25.49
N THR A 132 -31.18 -9.83 25.92
CA THR A 132 -32.25 -9.28 26.74
C THR A 132 -32.67 -10.33 27.75
N TYR A 133 -32.71 -9.94 29.02
CA TYR A 133 -33.03 -10.87 30.11
C TYR A 133 -34.15 -10.29 30.96
N GLY A 134 -34.84 -11.18 31.66
CA GLY A 134 -35.95 -10.78 32.51
C GLY A 134 -35.56 -10.59 33.96
N MET A 135 -34.31 -10.95 34.30
CA MET A 135 -33.82 -10.78 35.66
C MET A 135 -32.31 -10.86 35.64
N CYS A 136 -31.66 -9.98 36.42
CA CYS A 136 -30.22 -9.93 36.52
C CYS A 136 -29.82 -10.00 37.99
N ILE A 137 -28.77 -10.76 38.28
CA ILE A 137 -28.29 -10.97 39.64
C ILE A 137 -26.80 -10.69 39.69
N LEU A 138 -26.36 -9.90 40.67
CA LEU A 138 -24.95 -9.65 40.93
C LEU A 138 -24.62 -10.19 42.31
N GLN A 139 -23.61 -11.06 42.39
CA GLN A 139 -23.33 -11.81 43.61
C GLN A 139 -22.20 -11.20 44.43
N ASP A 140 -21.02 -11.02 43.85
CA ASP A 140 -19.85 -10.55 44.58
C ASP A 140 -19.80 -9.03 44.51
N PHE A 141 -20.13 -8.37 45.63
CA PHE A 141 -20.06 -6.92 45.72
C PHE A 141 -18.63 -6.40 45.76
N GLU A 142 -17.65 -7.28 46.01
CA GLU A 142 -16.29 -6.84 46.28
C GLU A 142 -15.58 -6.34 45.03
N ALA A 143 -16.00 -6.79 43.85
CA ALA A 143 -15.26 -6.51 42.63
C ALA A 143 -16.11 -5.91 41.52
N ILE A 144 -17.30 -5.41 41.82
CA ILE A 144 -18.18 -4.85 40.78
C ILE A 144 -17.70 -3.44 40.47
N THR A 145 -16.86 -3.33 39.44
CA THR A 145 -16.44 -2.02 38.96
C THR A 145 -17.59 -1.35 38.22
N PRO A 146 -17.55 -0.02 38.09
CA PRO A 146 -18.62 0.67 37.35
C PRO A 146 -18.80 0.18 35.92
N ASN A 147 -17.73 -0.22 35.25
CA ASN A 147 -17.86 -0.74 33.89
C ASN A 147 -18.71 -2.01 33.87
N ILE A 148 -18.51 -2.90 34.85
CA ILE A 148 -19.34 -4.08 34.95
C ILE A 148 -20.79 -3.71 35.25
N LEU A 149 -20.98 -2.76 36.18
CA LEU A 149 -22.32 -2.39 36.61
C LEU A 149 -23.14 -1.78 35.49
N ALA A 150 -22.51 -0.95 34.64
CA ALA A 150 -23.23 -0.37 33.53
C ALA A 150 -23.69 -1.43 32.54
N ARG A 151 -22.85 -2.44 32.29
CA ARG A 151 -23.17 -3.45 31.28
C ARG A 151 -24.19 -4.47 31.78
N THR A 152 -24.14 -4.86 33.06
CA THR A 152 -25.00 -5.94 33.50
C THR A 152 -26.46 -5.52 33.65
N ILE A 153 -26.73 -4.22 33.76
CA ILE A 153 -28.09 -3.77 34.06
C ILE A 153 -28.86 -3.37 32.80
N GLU A 154 -28.17 -2.87 31.78
CA GLU A 154 -28.82 -2.40 30.57
C GLU A 154 -29.49 -3.52 29.77
N THR A 155 -29.21 -4.77 30.09
CA THR A 155 -29.77 -5.91 29.36
C THR A 155 -31.03 -6.47 29.99
N VAL A 156 -31.71 -5.71 30.84
CA VAL A 156 -32.96 -6.13 31.45
C VAL A 156 -34.11 -5.35 30.82
N GLU A 157 -35.13 -6.06 30.35
CA GLU A 157 -36.27 -5.42 29.73
C GLU A 157 -37.22 -4.86 30.79
N GLY A 158 -38.15 -4.01 30.34
CA GLY A 158 -39.07 -3.39 31.27
C GLY A 158 -39.91 -4.43 32.00
N GLY A 159 -40.17 -4.16 33.27
CA GLY A 159 -40.93 -5.07 34.12
C GLY A 159 -40.09 -6.07 34.87
N GLY A 160 -38.78 -6.14 34.61
CA GLY A 160 -37.92 -7.11 35.26
C GLY A 160 -37.46 -6.64 36.63
N LEU A 161 -36.55 -7.43 37.20
CA LEU A 161 -35.98 -7.16 38.51
C LEU A 161 -34.48 -7.07 38.41
N VAL A 162 -33.89 -6.14 39.17
CA VAL A 162 -32.44 -6.03 39.32
C VAL A 162 -32.14 -6.29 40.79
N VAL A 163 -31.45 -7.39 41.06
CA VAL A 163 -31.17 -7.83 42.43
C VAL A 163 -29.66 -7.73 42.67
N LEU A 164 -29.28 -7.10 43.78
CA LEU A 164 -27.89 -6.97 44.18
C LEU A 164 -27.72 -7.63 45.54
N LEU A 165 -26.73 -8.53 45.65
CA LEU A 165 -26.52 -9.31 46.86
C LEU A 165 -25.41 -8.69 47.70
N LEU A 166 -25.65 -8.59 49.00
CA LEU A 166 -24.67 -8.06 49.94
C LEU A 166 -24.31 -9.13 50.97
N LYS A 167 -23.04 -9.12 51.38
CA LYS A 167 -22.56 -10.11 52.33
C LYS A 167 -23.20 -9.89 53.69
N GLY A 168 -23.18 -10.94 54.51
CA GLY A 168 -23.78 -10.91 55.83
C GLY A 168 -23.18 -9.84 56.73
N MET A 169 -24.03 -8.99 57.30
CA MET A 169 -23.57 -7.84 58.07
C MET A 169 -24.48 -7.65 59.28
N THR A 170 -23.93 -6.98 60.29
CA THR A 170 -24.71 -6.53 61.43
C THR A 170 -25.11 -5.07 61.34
N SER A 171 -24.26 -4.22 60.77
CA SER A 171 -24.57 -2.83 60.51
C SER A 171 -24.17 -2.49 59.08
N LEU A 172 -24.90 -1.57 58.47
CA LEU A 172 -24.65 -1.20 57.09
C LEU A 172 -23.51 -0.19 56.92
N LYS A 173 -22.81 0.14 58.01
CA LYS A 173 -21.75 1.13 57.94
C LYS A 173 -20.38 0.54 57.61
N GLN A 174 -20.25 -0.80 57.60
CA GLN A 174 -18.95 -1.40 57.35
C GLN A 174 -18.51 -1.31 55.89
N LEU A 175 -19.42 -0.99 54.97
CA LEU A 175 -19.04 -0.78 53.58
C LEU A 175 -18.31 0.53 53.36
N TYR A 176 -18.37 1.45 54.32
CA TYR A 176 -17.77 2.77 54.14
C TYR A 176 -16.26 2.69 53.92
N THR A 177 -15.60 1.64 54.43
CA THR A 177 -14.16 1.50 54.27
C THR A 177 -13.74 0.07 53.97
N MET A 178 -14.67 -0.76 53.51
CA MET A 178 -14.36 -2.16 53.23
C MET A 178 -13.39 -2.27 52.05
N THR A 179 -12.42 -3.17 52.18
CA THR A 179 -11.42 -3.34 51.13
C THR A 179 -12.05 -3.96 49.89
N MET A 180 -11.55 -3.55 48.73
CA MET A 180 -12.04 -4.02 47.44
C MET A 180 -10.98 -4.86 46.75
N ASP A 181 -11.40 -5.54 45.68
CA ASP A 181 -10.48 -6.34 44.88
C ASP A 181 -9.67 -5.50 43.89
N VAL A 182 -9.99 -4.20 43.77
CA VAL A 182 -9.25 -3.31 42.89
C VAL A 182 -8.21 -2.49 43.65
N HIS A 183 -8.37 -2.32 44.96
CA HIS A 183 -7.46 -1.51 45.76
C HIS A 183 -6.02 -2.03 45.74
N ALA A 184 -5.83 -3.31 45.36
CA ALA A 184 -4.48 -3.85 45.32
C ALA A 184 -3.61 -3.11 44.32
N ARG A 185 -4.16 -2.78 43.15
CA ARG A 185 -3.40 -2.03 42.16
C ARG A 185 -3.17 -0.59 42.56
N TYR A 186 -3.97 -0.07 43.50
CA TYR A 186 -3.80 1.33 43.92
C TYR A 186 -2.58 1.51 44.81
N ARG A 187 -2.31 0.53 45.67
CA ARG A 187 -1.24 0.67 46.66
C ARG A 187 0.12 0.72 46.00
N THR A 188 1.02 1.50 46.60
CA THR A 188 2.38 1.69 46.10
C THR A 188 3.35 1.52 47.27
N GLU A 189 4.64 1.59 46.98
CA GLU A 189 5.65 1.51 48.04
C GLU A 189 5.57 2.72 48.96
N ALA A 190 5.45 3.92 48.38
CA ALA A 190 5.42 5.14 49.18
C ALA A 190 4.10 5.30 49.92
N HIS A 191 2.98 5.02 49.24
CA HIS A 191 1.65 5.17 49.83
C HIS A 191 0.99 3.81 49.89
N ASP A 192 0.54 3.42 51.08
CA ASP A 192 -0.05 2.11 51.30
C ASP A 192 -1.43 2.15 51.95
N ASP A 193 -1.87 3.29 52.46
CA ASP A 193 -3.16 3.40 53.12
C ASP A 193 -4.17 4.00 52.15
N VAL A 194 -5.26 3.26 51.89
CA VAL A 194 -6.28 3.65 50.94
C VAL A 194 -7.61 3.74 51.67
N ILE A 195 -8.31 4.86 51.47
CA ILE A 195 -9.60 5.13 52.11
C ILE A 195 -10.70 4.98 51.06
N ALA A 196 -11.71 4.18 51.37
CA ALA A 196 -12.79 3.91 50.43
C ALA A 196 -13.85 5.00 50.48
N ARG A 197 -14.22 5.51 49.31
CA ARG A 197 -15.24 6.53 49.19
C ARG A 197 -16.36 6.20 48.21
N PHE A 198 -16.12 5.32 47.23
CA PHE A 198 -17.16 4.97 46.28
C PHE A 198 -18.31 4.24 46.95
N ASN A 199 -18.02 3.34 47.89
CA ASN A 199 -19.06 2.59 48.57
C ASN A 199 -19.91 3.46 49.49
N GLU A 200 -19.36 4.59 49.96
CA GLU A 200 -20.18 5.53 50.71
C GLU A 200 -21.25 6.15 49.82
N ARG A 201 -20.85 6.68 48.67
CA ARG A 201 -21.77 7.25 47.70
C ARG A 201 -22.75 6.22 47.16
N PHE A 202 -22.32 4.97 46.99
CA PHE A 202 -23.22 3.93 46.50
C PHE A 202 -24.41 3.72 47.44
N LEU A 203 -24.16 3.65 48.75
CA LEU A 203 -25.26 3.50 49.69
C LEU A 203 -26.01 4.80 49.92
N LEU A 204 -25.35 5.95 49.78
CA LEU A 204 -26.05 7.21 49.97
C LEU A 204 -27.00 7.51 48.81
N SER A 205 -26.70 7.00 47.61
CA SER A 205 -27.55 7.26 46.46
C SER A 205 -28.72 6.29 46.36
N LEU A 206 -28.76 5.24 47.18
CA LEU A 206 -29.87 4.30 47.14
C LEU A 206 -31.17 4.95 47.58
N GLY A 207 -31.10 5.94 48.47
CA GLY A 207 -32.29 6.62 48.95
C GLY A 207 -32.86 7.65 48.02
N SER A 208 -32.20 7.92 46.90
CA SER A 208 -32.69 8.87 45.91
C SER A 208 -33.43 8.20 44.76
N CYS A 209 -33.61 6.89 44.80
CA CYS A 209 -34.30 6.15 43.76
C CYS A 209 -35.68 5.76 44.25
N GLU A 210 -36.71 6.01 43.45
CA GLU A 210 -38.08 5.75 43.84
C GLU A 210 -38.52 4.32 43.58
N SER A 211 -37.71 3.53 42.88
CA SER A 211 -38.03 2.14 42.56
C SER A 211 -37.10 1.16 43.26
N CYS A 212 -36.38 1.59 44.29
CA CYS A 212 -35.39 0.77 44.97
C CYS A 212 -35.88 0.41 46.36
N LEU A 213 -35.87 -0.88 46.67
CA LEU A 213 -36.21 -1.39 47.99
C LEU A 213 -35.03 -2.16 48.55
N VAL A 214 -34.71 -1.93 49.82
CA VAL A 214 -33.65 -2.65 50.52
C VAL A 214 -34.32 -3.54 51.56
N ILE A 215 -34.09 -4.85 51.46
CA ILE A 215 -34.73 -5.81 52.33
C ILE A 215 -33.66 -6.70 52.97
N ASP A 216 -34.03 -7.28 54.10
CA ASP A 216 -33.15 -8.14 54.87
C ASP A 216 -33.45 -9.61 54.56
N ASP A 217 -32.86 -10.51 55.37
CA ASP A 217 -33.12 -11.94 55.20
C ASP A 217 -34.58 -12.27 55.51
N GLU A 218 -35.16 -11.64 56.53
CA GLU A 218 -36.54 -11.88 56.92
C GLU A 218 -37.52 -11.02 56.14
N LEU A 219 -37.08 -10.43 55.02
CA LEU A 219 -37.93 -9.59 54.16
C LEU A 219 -38.50 -8.40 54.93
N ASN A 220 -37.61 -7.54 55.42
CA ASN A 220 -37.97 -6.35 56.16
C ASN A 220 -37.40 -5.12 55.47
N VAL A 221 -38.25 -4.11 55.26
CA VAL A 221 -37.81 -2.89 54.60
C VAL A 221 -36.96 -2.06 55.55
N LEU A 222 -35.95 -1.38 54.99
CA LEU A 222 -35.03 -0.57 55.78
C LEU A 222 -35.25 0.92 55.52
N PRO A 223 -34.99 1.77 56.52
CA PRO A 223 -35.12 3.22 56.32
C PRO A 223 -34.31 3.75 55.15
N ILE A 224 -33.14 3.17 54.86
CA ILE A 224 -32.30 3.68 53.78
C ILE A 224 -33.00 3.60 52.44
N SER A 225 -33.91 2.63 52.28
CA SER A 225 -34.60 2.43 51.01
C SER A 225 -35.37 3.69 50.62
N GLY A 226 -35.18 4.11 49.36
CA GLY A 226 -35.80 5.30 48.83
C GLY A 226 -37.15 5.10 48.17
N GLY A 227 -37.73 3.91 48.28
CA GLY A 227 -39.02 3.64 47.67
C GLY A 227 -40.02 3.04 48.62
N LYS A 228 -39.95 3.44 49.90
CA LYS A 228 -40.91 2.96 50.89
C LYS A 228 -42.21 3.74 50.90
N GLY A 229 -42.30 4.81 50.12
CA GLY A 229 -43.50 5.60 50.01
C GLY A 229 -44.33 5.36 48.76
N VAL A 230 -44.07 4.27 48.03
CA VAL A 230 -44.78 4.01 46.78
C VAL A 230 -46.19 3.51 47.10
N LYS A 231 -47.18 4.13 46.45
CA LYS A 231 -48.59 3.77 46.57
C LYS A 231 -49.07 3.04 45.32
N PRO A 232 -50.01 2.10 45.46
CA PRO A 232 -50.46 1.32 44.30
C PRO A 232 -51.07 2.20 43.22
N LEU A 233 -50.80 1.84 41.97
CA LEU A 233 -51.34 2.54 40.82
C LEU A 233 -52.75 2.03 40.51
N PRO A 234 -53.60 2.88 39.94
CA PRO A 234 -54.95 2.43 39.54
C PRO A 234 -54.87 1.36 38.48
N PRO A 235 -55.76 0.37 38.52
CA PRO A 235 -55.74 -0.69 37.51
C PRO A 235 -56.21 -0.17 36.17
N PRO A 236 -55.41 -0.32 35.11
CA PRO A 236 -55.79 0.20 33.80
C PRO A 236 -56.74 -0.73 33.07
N ASP A 237 -57.34 -0.19 32.02
CA ASP A 237 -58.23 -0.95 31.14
C ASP A 237 -57.80 -0.70 29.70
N GLU A 238 -57.10 -1.68 29.12
CA GLU A 238 -56.62 -1.60 27.75
C GLU A 238 -57.51 -2.35 26.76
N ASP A 239 -58.72 -2.72 27.18
CA ASP A 239 -59.64 -3.39 26.27
C ASP A 239 -59.99 -2.50 25.08
N GLU A 240 -60.26 -1.22 25.33
CA GLU A 240 -60.48 -0.23 24.30
C GLU A 240 -59.42 0.86 24.28
N GLU A 241 -58.94 1.27 25.45
CA GLU A 241 -57.90 2.29 25.52
C GLU A 241 -56.60 1.77 24.94
N LEU A 242 -55.96 2.59 24.10
CA LEU A 242 -54.65 2.28 23.55
C LEU A 242 -53.78 3.53 23.63
N SER A 243 -52.49 3.33 23.83
CA SER A 243 -51.57 4.44 23.94
C SER A 243 -51.49 5.20 22.62
N PRO A 244 -51.38 6.53 22.65
CA PRO A 244 -51.25 7.29 21.40
C PRO A 244 -50.05 6.87 20.57
N ALA A 245 -48.93 6.52 21.20
CA ALA A 245 -47.77 6.07 20.47
C ALA A 245 -48.06 4.76 19.75
N ALA A 246 -48.78 3.84 20.40
CA ALA A 246 -49.13 2.59 19.75
C ALA A 246 -50.03 2.82 18.55
N LYS A 247 -51.00 3.73 18.67
CA LYS A 247 -51.87 4.06 17.55
C LYS A 247 -51.07 4.66 16.39
N GLU A 248 -50.13 5.57 16.71
CA GLU A 248 -49.31 6.17 15.67
C GLU A 248 -48.45 5.11 14.97
N LEU A 249 -47.86 4.19 15.75
CA LEU A 249 -47.06 3.13 15.17
C LEU A 249 -47.88 2.23 14.27
N LYS A 250 -49.08 1.84 14.72
CA LYS A 250 -49.93 1.00 13.89
C LYS A 250 -50.35 1.70 12.61
N LYS A 251 -50.67 3.00 12.70
CA LYS A 251 -51.03 3.74 11.50
C LYS A 251 -49.86 3.82 10.52
N ILE A 252 -48.66 4.09 11.03
CA ILE A 252 -47.48 4.17 10.16
C ILE A 252 -47.25 2.83 9.48
N LYS A 253 -47.38 1.74 10.21
CA LYS A 253 -47.21 0.41 9.61
C LYS A 253 -48.27 0.15 8.55
N ASP A 254 -49.52 0.54 8.81
CA ASP A 254 -50.62 0.18 7.91
C ASP A 254 -50.65 1.01 6.64
N GLU A 255 -50.29 2.30 6.69
CA GLU A 255 -50.41 3.11 5.48
C GLU A 255 -49.43 2.71 4.38
N LEU A 256 -48.45 1.84 4.68
CA LEU A 256 -47.50 1.40 3.66
C LEU A 256 -47.49 -0.11 3.48
N GLU A 257 -48.59 -0.78 3.85
CA GLU A 257 -48.63 -2.24 3.75
C GLU A 257 -48.61 -2.69 2.29
N ASP A 258 -49.26 -1.95 1.40
CA ASP A 258 -49.42 -2.38 0.02
C ASP A 258 -48.17 -2.17 -0.82
N THR A 259 -47.14 -1.53 -0.29
CA THR A 259 -45.90 -1.29 -1.02
C THR A 259 -44.85 -2.30 -0.58
N GLN A 260 -43.97 -2.69 -1.52
CA GLN A 260 -42.92 -3.63 -1.24
C GLN A 260 -41.56 -3.07 -1.68
N PRO A 261 -40.47 -3.43 -0.99
CA PRO A 261 -40.38 -4.31 0.18
C PRO A 261 -40.56 -3.57 1.49
N ILE A 262 -40.81 -2.25 1.44
CA ILE A 262 -40.89 -1.45 2.65
C ILE A 262 -42.06 -1.90 3.52
N GLY A 263 -43.13 -2.39 2.90
CA GLY A 263 -44.28 -2.84 3.68
C GLY A 263 -43.95 -4.02 4.57
N SER A 264 -43.15 -4.97 4.07
CA SER A 264 -42.76 -6.11 4.88
C SER A 264 -41.68 -5.75 5.88
N LEU A 265 -40.78 -4.82 5.53
CA LEU A 265 -39.69 -4.45 6.42
C LEU A 265 -40.14 -3.57 7.58
N ILE A 266 -41.13 -2.70 7.36
CA ILE A 266 -41.56 -1.78 8.40
C ILE A 266 -42.19 -2.50 9.57
N LYS A 267 -42.56 -3.77 9.40
CA LYS A 267 -43.13 -4.57 10.49
C LYS A 267 -42.09 -4.99 11.52
N LEU A 268 -40.87 -4.46 11.43
CA LEU A 268 -39.81 -4.79 12.37
C LEU A 268 -39.59 -3.72 13.43
N ALA A 269 -39.95 -2.47 13.15
CA ALA A 269 -39.73 -1.38 14.07
C ALA A 269 -40.58 -1.53 15.32
N ARG A 270 -40.10 -0.96 16.42
CA ARG A 270 -40.82 -0.99 17.69
C ARG A 270 -41.16 0.39 18.23
N THR A 271 -40.47 1.44 17.81
CA THR A 271 -40.76 2.80 18.24
C THR A 271 -41.05 3.66 17.01
N VAL A 272 -41.70 4.80 17.25
CA VAL A 272 -42.02 5.70 16.15
C VAL A 272 -40.75 6.30 15.55
N ASP A 273 -39.78 6.62 16.39
CA ASP A 273 -38.51 7.17 15.91
C ASP A 273 -37.76 6.17 15.05
N GLN A 274 -37.78 4.88 15.45
CA GLN A 274 -37.18 3.85 14.61
C GLN A 274 -37.84 3.77 13.25
N ALA A 275 -39.18 3.85 13.23
CA ALA A 275 -39.90 3.81 11.97
C ALA A 275 -39.53 5.00 11.09
N LYS A 276 -39.43 6.18 11.67
CA LYS A 276 -39.05 7.36 10.89
C LYS A 276 -37.62 7.25 10.37
N ALA A 277 -36.70 6.73 11.17
CA ALA A 277 -35.33 6.53 10.71
C ALA A 277 -35.28 5.53 9.55
N LEU A 278 -36.03 4.43 9.67
CA LEU A 278 -36.10 3.48 8.57
C LEU A 278 -36.70 4.09 7.32
N LEU A 279 -37.73 4.92 7.49
CA LEU A 279 -38.32 5.60 6.33
C LEU A 279 -37.30 6.51 5.66
N THR A 280 -36.52 7.26 6.43
CA THR A 280 -35.50 8.12 5.83
C THR A 280 -34.44 7.30 5.11
N PHE A 281 -33.98 6.21 5.73
CA PHE A 281 -32.97 5.36 5.09
C PHE A 281 -33.48 4.78 3.78
N VAL A 282 -34.71 4.24 3.79
CA VAL A 282 -35.25 3.61 2.59
C VAL A 282 -35.54 4.66 1.51
N ASP A 283 -35.98 5.86 1.92
CA ASP A 283 -36.18 6.92 0.95
C ASP A 283 -34.87 7.32 0.29
N ALA A 284 -33.79 7.37 1.06
CA ALA A 284 -32.49 7.65 0.47
C ALA A 284 -32.06 6.53 -0.48
N ILE A 285 -32.29 5.29 -0.10
CA ILE A 285 -31.83 4.15 -0.91
C ILE A 285 -32.61 4.08 -2.22
N ALA A 286 -33.94 4.17 -2.15
CA ALA A 286 -34.78 3.97 -3.33
C ALA A 286 -34.66 5.11 -4.32
N GLU A 287 -34.14 6.27 -3.90
CA GLU A 287 -33.94 7.37 -4.83
C GLU A 287 -32.94 7.02 -5.92
N LYS A 288 -32.07 6.03 -5.67
CA LYS A 288 -31.06 5.57 -6.64
C LYS A 288 -30.15 6.70 -7.09
N THR A 289 -29.96 7.69 -6.22
CA THR A 289 -28.95 8.73 -6.41
C THR A 289 -27.95 8.63 -5.28
N LEU A 290 -26.66 8.59 -5.63
CA LEU A 290 -25.60 8.35 -4.66
C LEU A 290 -25.05 9.63 -4.06
N ARG A 291 -25.85 10.69 -3.98
CA ARG A 291 -25.45 11.98 -3.44
C ARG A 291 -26.13 12.27 -2.11
N ASN A 292 -26.27 11.25 -1.26
CA ASN A 292 -27.00 11.38 0.00
C ASN A 292 -26.12 10.97 1.18
N THR A 293 -26.43 11.51 2.35
CA THR A 293 -25.74 11.17 3.59
C THR A 293 -26.73 11.36 4.73
N VAL A 294 -26.83 10.35 5.60
CA VAL A 294 -27.73 10.40 6.75
C VAL A 294 -26.91 10.11 8.01
N THR A 295 -26.98 11.02 8.98
CA THR A 295 -26.28 10.88 10.25
C THR A 295 -27.31 10.72 11.35
N LEU A 296 -27.20 9.64 12.12
CA LEU A 296 -28.13 9.32 13.19
C LEU A 296 -27.39 9.34 14.52
N THR A 297 -27.89 10.14 15.47
CA THR A 297 -27.29 10.25 16.79
C THR A 297 -28.35 10.06 17.85
N ALA A 298 -27.99 9.34 18.91
CA ALA A 298 -28.91 9.04 20.00
C ALA A 298 -28.10 8.52 21.18
N ALA A 299 -28.79 8.18 22.26
CA ALA A 299 -28.16 7.63 23.44
C ALA A 299 -27.89 6.14 23.20
N ARG A 300 -27.51 5.42 24.25
CA ARG A 300 -27.25 3.99 24.15
C ARG A 300 -28.52 3.21 24.42
N GLY A 301 -28.94 2.41 23.44
CA GLY A 301 -30.14 1.61 23.55
C GLY A 301 -31.35 2.15 22.82
N ARG A 302 -31.18 3.02 21.83
CA ARG A 302 -32.30 3.64 21.15
C ARG A 302 -32.67 2.95 19.84
N GLY A 303 -31.78 2.14 19.27
CA GLY A 303 -32.13 1.40 18.07
C GLY A 303 -31.50 1.89 16.79
N LYS A 304 -30.22 2.28 16.84
CA LYS A 304 -29.56 2.72 15.62
C LYS A 304 -28.97 1.56 14.84
N SER A 305 -28.34 0.60 15.53
CA SER A 305 -27.72 -0.53 14.85
C SER A 305 -28.77 -1.39 14.16
N ALA A 306 -29.88 -1.67 14.82
CA ALA A 306 -30.94 -2.46 14.20
C ALA A 306 -31.55 -1.75 13.01
N ALA A 307 -31.76 -0.43 13.13
CA ALA A 307 -32.31 0.33 12.01
C ALA A 307 -31.38 0.30 10.80
N MET A 308 -30.08 0.48 11.02
CA MET A 308 -29.13 0.40 9.92
C MET A 308 -29.03 -1.00 9.35
N GLY A 309 -29.14 -2.03 10.20
CA GLY A 309 -29.15 -3.39 9.69
C GLY A 309 -30.33 -3.67 8.78
N VAL A 310 -31.52 -3.20 9.15
CA VAL A 310 -32.69 -3.38 8.30
C VAL A 310 -32.56 -2.56 7.02
N ALA A 311 -31.99 -1.36 7.12
CA ALA A 311 -31.73 -0.57 5.92
C ALA A 311 -30.76 -1.26 4.98
N ILE A 312 -29.80 -2.02 5.51
CA ILE A 312 -28.90 -2.78 4.65
C ILE A 312 -29.66 -3.84 3.85
N ALA A 313 -30.59 -4.54 4.51
CA ALA A 313 -31.42 -5.51 3.80
C ALA A 313 -32.29 -4.84 2.75
N ALA A 314 -32.83 -3.67 3.06
CA ALA A 314 -33.59 -2.92 2.04
C ALA A 314 -32.72 -2.57 0.85
N ALA A 315 -31.48 -2.13 1.10
CA ALA A 315 -30.56 -1.81 0.01
C ALA A 315 -30.24 -3.04 -0.83
N VAL A 316 -30.04 -4.18 -0.17
CA VAL A 316 -29.78 -5.42 -0.91
C VAL A 316 -30.97 -5.78 -1.78
N ALA A 317 -32.18 -5.70 -1.23
CA ALA A 317 -33.38 -6.00 -1.99
C ALA A 317 -33.65 -4.99 -3.09
N TYR A 318 -33.07 -3.81 -3.04
CA TYR A 318 -33.26 -2.79 -4.06
C TYR A 318 -32.24 -2.88 -5.19
N GLY A 319 -31.37 -3.89 -5.17
CA GLY A 319 -30.44 -4.10 -6.25
C GLY A 319 -29.05 -3.53 -6.07
N TYR A 320 -28.54 -3.45 -4.85
CA TYR A 320 -27.21 -2.93 -4.61
C TYR A 320 -26.19 -4.07 -4.60
N SER A 321 -25.02 -3.81 -5.18
CA SER A 321 -23.99 -4.83 -5.35
C SER A 321 -22.83 -4.69 -4.38
N ASN A 322 -22.24 -3.51 -4.27
CA ASN A 322 -21.07 -3.28 -3.44
C ASN A 322 -21.49 -2.55 -2.18
N ILE A 323 -21.39 -3.22 -1.03
CA ILE A 323 -21.77 -2.67 0.27
C ILE A 323 -20.63 -2.92 1.24
N PHE A 324 -20.15 -1.85 1.88
CA PHE A 324 -19.01 -1.91 2.78
C PHE A 324 -19.41 -1.39 4.16
N ILE A 325 -18.92 -2.06 5.20
CA ILE A 325 -19.24 -1.72 6.58
C ILE A 325 -17.94 -1.55 7.36
N THR A 326 -17.80 -0.41 8.05
CA THR A 326 -16.62 -0.13 8.85
C THR A 326 -17.05 0.24 10.27
N SER A 327 -16.18 -0.05 11.24
CA SER A 327 -16.43 0.28 12.64
C SER A 327 -15.09 0.26 13.37
N PRO A 328 -15.00 0.96 14.51
CA PRO A 328 -13.75 0.90 15.29
C PRO A 328 -13.36 -0.51 15.69
N SER A 329 -14.32 -1.35 16.05
CA SER A 329 -14.07 -2.72 16.45
C SER A 329 -15.08 -3.63 15.79
N PRO A 330 -14.71 -4.87 15.46
CA PRO A 330 -15.67 -5.82 14.88
C PRO A 330 -16.69 -6.33 15.89
N GLU A 331 -16.63 -5.91 17.16
CA GLU A 331 -17.66 -6.28 18.12
C GLU A 331 -18.84 -5.31 18.10
N ASN A 332 -18.77 -4.26 17.29
CA ASN A 332 -19.85 -3.28 17.21
C ASN A 332 -20.94 -3.68 16.22
N LEU A 333 -20.72 -4.75 15.44
CA LEU A 333 -21.63 -5.13 14.38
C LEU A 333 -22.47 -6.36 14.73
N LYS A 334 -22.46 -6.76 16.00
CA LYS A 334 -23.12 -7.99 16.41
C LYS A 334 -24.63 -7.94 16.15
N THR A 335 -25.27 -6.81 16.47
CA THR A 335 -26.70 -6.66 16.22
C THR A 335 -27.02 -6.17 14.81
N LEU A 336 -26.11 -5.40 14.20
CA LEU A 336 -26.31 -5.00 12.82
C LEU A 336 -26.40 -6.21 11.91
N PHE A 337 -25.48 -7.17 12.06
CA PHE A 337 -25.50 -8.36 11.23
C PHE A 337 -26.61 -9.32 11.62
N GLU A 338 -27.16 -9.22 12.83
CA GLU A 338 -28.32 -10.01 13.18
C GLU A 338 -29.58 -9.46 12.50
N PHE A 339 -29.75 -8.15 12.49
CA PHE A 339 -30.92 -7.57 11.85
C PHE A 339 -30.83 -7.58 10.33
N VAL A 340 -29.62 -7.64 9.75
CA VAL A 340 -29.54 -7.89 8.32
C VAL A 340 -30.17 -9.23 7.97
N PHE A 341 -29.85 -10.28 8.74
CA PHE A 341 -30.45 -11.59 8.50
C PHE A 341 -31.94 -11.59 8.83
N LYS A 342 -32.36 -10.82 9.84
CA LYS A 342 -33.79 -10.71 10.11
C LYS A 342 -34.54 -10.10 8.94
N GLY A 343 -33.99 -9.04 8.33
CA GLY A 343 -34.58 -8.50 7.13
C GLY A 343 -34.60 -9.48 5.97
N PHE A 344 -33.52 -10.25 5.80
CA PHE A 344 -33.51 -11.29 4.77
C PHE A 344 -34.61 -12.31 5.00
N ASP A 345 -34.80 -12.73 6.25
CA ASP A 345 -35.87 -13.67 6.57
C ASP A 345 -37.24 -13.07 6.29
N ALA A 346 -37.43 -11.79 6.62
CA ALA A 346 -38.68 -11.11 6.30
C ALA A 346 -38.88 -10.91 4.81
N LEU A 347 -37.82 -11.04 4.01
CA LEU A 347 -37.92 -10.94 2.56
C LEU A 347 -38.03 -12.30 1.87
N ASP A 348 -38.28 -13.37 2.64
CA ASP A 348 -38.49 -14.72 2.13
C ASP A 348 -37.24 -15.33 1.50
N TYR A 349 -36.05 -14.80 1.80
CA TYR A 349 -34.82 -15.42 1.33
C TYR A 349 -34.55 -16.71 2.11
N LYS A 350 -33.91 -17.65 1.45
CA LYS A 350 -33.62 -18.96 2.04
C LYS A 350 -32.12 -19.12 2.24
N ASP A 351 -31.75 -19.73 3.38
CA ASP A 351 -30.35 -19.95 3.69
C ASP A 351 -29.76 -21.05 2.83
N HIS A 352 -28.48 -20.89 2.49
CA HIS A 352 -27.70 -21.88 1.75
C HIS A 352 -28.24 -22.12 0.35
N ALA A 353 -29.21 -21.31 -0.07
CA ALA A 353 -29.75 -21.40 -1.42
C ALA A 353 -29.72 -20.04 -2.09
N ASP A 354 -29.94 -18.98 -1.31
CA ASP A 354 -29.94 -17.62 -1.81
C ASP A 354 -28.78 -16.77 -1.31
N TYR A 355 -28.20 -17.12 -0.16
CA TYR A 355 -27.06 -16.38 0.37
C TYR A 355 -26.20 -17.32 1.22
N THR A 356 -24.94 -16.94 1.38
CA THR A 356 -24.01 -17.69 2.22
C THR A 356 -23.23 -16.71 3.09
N ILE A 357 -22.86 -17.16 4.29
CA ILE A 357 -22.19 -16.34 5.29
C ILE A 357 -20.74 -16.81 5.43
N ILE A 358 -19.81 -15.88 5.31
CA ILE A 358 -18.38 -16.15 5.44
C ILE A 358 -17.91 -15.54 6.76
N GLN A 359 -17.36 -16.37 7.64
CA GLN A 359 -16.99 -15.96 8.98
C GLN A 359 -15.49 -16.16 9.18
N SER A 360 -14.84 -15.18 9.82
CA SER A 360 -13.39 -15.20 10.01
C SER A 360 -13.08 -15.99 11.28
N THR A 361 -12.82 -17.28 11.11
CA THR A 361 -12.54 -18.14 12.25
C THR A 361 -11.10 -17.98 12.76
N ASN A 362 -10.16 -17.68 11.86
CA ASN A 362 -8.74 -17.73 12.23
C ASN A 362 -8.37 -16.76 13.35
N PRO A 363 -8.73 -15.47 13.31
CA PRO A 363 -8.35 -14.58 14.42
C PRO A 363 -9.13 -14.86 15.69
N GLU A 364 -8.88 -14.08 16.74
CA GLU A 364 -9.55 -14.29 18.02
C GLU A 364 -11.05 -14.04 17.91
N PHE A 365 -11.45 -12.99 17.19
CA PHE A 365 -12.87 -12.70 17.02
C PHE A 365 -13.50 -13.68 16.04
N ASN A 366 -13.74 -14.91 16.50
CA ASN A 366 -14.29 -15.93 15.61
C ASN A 366 -15.68 -15.56 15.12
N LYS A 367 -16.53 -15.03 16.01
CA LYS A 367 -17.91 -14.73 15.66
C LYS A 367 -18.04 -13.54 14.73
N ALA A 368 -16.96 -12.80 14.47
CA ALA A 368 -17.03 -11.61 13.64
C ALA A 368 -17.26 -12.00 12.19
N ILE A 369 -18.44 -11.66 11.65
CA ILE A 369 -18.73 -11.86 10.24
C ILE A 369 -17.89 -10.88 9.42
N VAL A 370 -17.38 -11.35 8.29
CA VAL A 370 -16.50 -10.53 7.48
C VAL A 370 -17.06 -10.33 6.08
N ARG A 371 -17.88 -11.28 5.62
CA ARG A 371 -18.38 -11.23 4.25
C ARG A 371 -19.68 -12.02 4.14
N VAL A 372 -20.62 -11.50 3.36
CA VAL A 372 -21.87 -12.18 3.05
C VAL A 372 -22.09 -12.09 1.55
N ASN A 373 -22.37 -13.23 0.91
CA ASN A 373 -22.56 -13.31 -0.53
C ASN A 373 -24.01 -13.62 -0.85
N ILE A 374 -24.55 -12.93 -1.85
CA ILE A 374 -25.95 -13.09 -2.27
C ILE A 374 -25.97 -13.37 -3.77
N HIS A 375 -26.67 -14.43 -4.16
CA HIS A 375 -26.72 -14.87 -5.56
C HIS A 375 -28.16 -15.20 -5.95
N ARG A 376 -29.10 -14.28 -5.67
CA ARG A 376 -30.48 -14.50 -6.05
C ARG A 376 -30.68 -14.28 -7.55
N ASN A 377 -30.44 -13.04 -8.02
CA ASN A 377 -30.52 -12.72 -9.44
C ASN A 377 -29.13 -12.52 -10.03
N HIS A 378 -28.36 -11.59 -9.49
CA HIS A 378 -26.95 -11.42 -9.82
C HIS A 378 -26.16 -11.35 -8.53
N ARG A 379 -24.85 -11.53 -8.64
CA ARG A 379 -24.01 -11.65 -7.45
C ARG A 379 -23.92 -10.32 -6.71
N GLN A 380 -24.21 -10.37 -5.41
CA GLN A 380 -24.10 -9.21 -4.53
C GLN A 380 -23.35 -9.62 -3.26
N THR A 381 -22.66 -8.66 -2.65
CA THR A 381 -21.83 -8.97 -1.50
C THR A 381 -21.92 -7.85 -0.47
N ILE A 382 -21.62 -8.20 0.78
CA ILE A 382 -21.53 -7.28 1.90
C ILE A 382 -20.21 -7.54 2.61
N GLN A 383 -19.34 -6.53 2.66
CA GLN A 383 -17.98 -6.71 3.15
C GLN A 383 -17.69 -5.82 4.34
N TYR A 384 -16.99 -6.36 5.33
CA TYR A 384 -16.52 -5.62 6.49
C TYR A 384 -15.04 -5.34 6.36
N ILE A 385 -14.67 -4.06 6.46
CA ILE A 385 -13.28 -3.62 6.31
C ILE A 385 -12.88 -2.79 7.53
N ARG A 386 -11.57 -2.56 7.63
CA ARG A 386 -11.03 -1.70 8.67
C ARG A 386 -11.04 -0.25 8.22
N PRO A 387 -11.09 0.70 9.15
CA PRO A 387 -11.16 2.11 8.76
C PRO A 387 -9.97 2.61 7.96
N GLN A 388 -8.85 1.91 8.00
CA GLN A 388 -7.65 2.31 7.26
C GLN A 388 -7.57 1.69 5.87
N ASP A 389 -8.62 0.97 5.44
CA ASP A 389 -8.64 0.30 4.14
C ASP A 389 -9.49 1.06 3.13
N ALA A 390 -9.39 2.39 3.12
CA ALA A 390 -10.19 3.21 2.23
C ALA A 390 -9.83 3.05 0.77
N HIS A 391 -8.71 2.39 0.45
CA HIS A 391 -8.29 2.22 -0.94
C HIS A 391 -9.10 1.17 -1.69
N VAL A 392 -9.93 0.38 -1.00
CA VAL A 392 -10.72 -0.67 -1.65
C VAL A 392 -12.11 -0.18 -2.03
N LEU A 393 -12.45 1.07 -1.75
CA LEU A 393 -13.80 1.60 -1.99
C LEU A 393 -13.94 2.26 -3.35
N GLY A 394 -13.18 1.82 -4.35
CA GLY A 394 -13.28 2.42 -5.67
C GLY A 394 -14.62 2.16 -6.34
N GLN A 395 -15.21 0.99 -6.08
CA GLN A 395 -16.45 0.57 -6.73
C GLN A 395 -17.63 0.53 -5.77
N ALA A 396 -17.52 1.19 -4.61
CA ALA A 396 -18.54 1.10 -3.59
C ALA A 396 -19.82 1.82 -4.01
N GLU A 397 -20.92 1.43 -3.38
CA GLU A 397 -22.22 2.06 -3.61
C GLU A 397 -22.87 2.47 -2.30
N LEU A 398 -22.52 1.79 -1.22
CA LEU A 398 -23.06 2.12 0.10
C LEU A 398 -22.02 1.77 1.15
N VAL A 399 -21.62 2.75 1.94
CA VAL A 399 -20.67 2.57 3.03
C VAL A 399 -21.38 2.94 4.33
N VAL A 400 -21.39 2.01 5.29
CA VAL A 400 -22.02 2.22 6.58
C VAL A 400 -20.91 2.32 7.63
N ILE A 401 -20.87 3.44 8.32
CA ILE A 401 -19.84 3.70 9.34
C ILE A 401 -20.55 3.70 10.69
N ASP A 402 -20.43 2.59 11.41
CA ASP A 402 -20.98 2.49 12.75
C ASP A 402 -20.02 3.11 13.75
N GLU A 403 -20.57 3.86 14.71
CA GLU A 403 -19.78 4.55 15.73
C GLU A 403 -18.75 5.48 15.08
N ALA A 404 -19.28 6.47 14.35
CA ALA A 404 -18.41 7.37 13.59
C ALA A 404 -17.68 8.36 14.47
N ALA A 405 -18.16 8.60 15.69
CA ALA A 405 -17.50 9.57 16.58
C ALA A 405 -16.23 9.00 17.21
N ALA A 406 -16.16 7.68 17.39
CA ALA A 406 -15.01 7.06 18.01
C ALA A 406 -13.87 6.81 17.04
N ILE A 407 -14.02 7.18 15.77
CA ILE A 407 -12.97 7.02 14.77
C ILE A 407 -12.20 8.34 14.67
N PRO A 408 -10.88 8.31 14.55
CA PRO A 408 -10.14 9.56 14.33
C PRO A 408 -10.63 10.27 13.08
N LEU A 409 -10.70 11.60 13.17
CA LEU A 409 -11.33 12.38 12.11
C LEU A 409 -10.72 12.21 10.72
N PRO A 410 -9.39 12.19 10.54
CA PRO A 410 -8.86 11.99 9.18
C PRO A 410 -9.29 10.69 8.53
N LEU A 411 -9.46 9.61 9.29
CA LEU A 411 -9.94 8.36 8.71
C LEU A 411 -11.36 8.53 8.14
N VAL A 412 -12.24 9.17 8.90
CA VAL A 412 -13.59 9.44 8.39
C VAL A 412 -13.51 10.36 7.17
N LYS A 413 -12.64 11.36 7.22
CA LYS A 413 -12.47 12.27 6.08
C LYS A 413 -12.03 11.53 4.83
N LYS A 414 -11.22 10.47 4.98
CA LYS A 414 -10.79 9.67 3.85
C LYS A 414 -11.79 8.59 3.46
N LEU A 415 -12.76 8.27 4.31
CA LEU A 415 -13.79 7.30 3.94
C LEU A 415 -14.94 7.92 3.14
N MET A 416 -15.02 9.25 3.06
CA MET A 416 -16.06 9.91 2.27
C MET A 416 -15.73 9.78 0.79
N GLY A 417 -16.71 9.37 -0.01
CA GLY A 417 -16.54 9.26 -1.42
C GLY A 417 -17.75 9.77 -2.19
N PRO A 418 -17.80 9.47 -3.49
CA PRO A 418 -18.98 9.83 -4.29
C PRO A 418 -20.03 8.73 -4.29
N TYR A 419 -20.52 8.39 -3.11
CA TYR A 419 -21.54 7.35 -2.97
C TYR A 419 -22.40 7.67 -1.76
N LEU A 420 -23.15 6.69 -1.28
CA LEU A 420 -24.15 6.87 -0.24
C LEU A 420 -23.58 6.38 1.09
N VAL A 421 -23.67 7.22 2.12
CA VAL A 421 -23.03 6.98 3.40
C VAL A 421 -24.07 7.00 4.51
N PHE A 422 -24.00 6.03 5.41
CA PHE A 422 -24.82 5.97 6.62
C PHE A 422 -23.93 6.06 7.84
N MET A 423 -24.26 6.96 8.77
CA MET A 423 -23.49 7.13 9.99
C MET A 423 -24.39 7.03 11.20
N ALA A 424 -23.87 6.38 12.25
CA ALA A 424 -24.51 6.33 13.55
C ALA A 424 -23.48 6.65 14.63
N SER A 425 -23.93 7.32 15.69
CA SER A 425 -23.03 7.74 16.74
C SER A 425 -23.76 7.74 18.08
N THR A 426 -23.00 7.55 19.15
CA THR A 426 -23.52 7.59 20.51
C THR A 426 -23.08 8.89 21.17
N ILE A 427 -24.05 9.61 21.74
CA ILE A 427 -23.79 10.92 22.32
C ILE A 427 -23.95 10.95 23.84
N SER A 428 -24.53 9.92 24.44
CA SER A 428 -24.71 9.88 25.88
C SER A 428 -24.71 8.42 26.32
N GLY A 429 -24.98 8.19 27.60
CA GLY A 429 -25.00 6.85 28.11
C GLY A 429 -23.62 6.24 28.22
N TYR A 430 -23.60 4.95 28.50
CA TYR A 430 -22.35 4.22 28.65
C TYR A 430 -21.57 4.19 27.33
N GLU A 431 -20.25 4.29 27.43
CA GLU A 431 -19.35 4.24 26.28
C GLU A 431 -19.65 5.34 25.26
N GLY A 432 -20.12 6.49 25.74
CA GLY A 432 -20.42 7.60 24.86
C GLY A 432 -19.17 8.37 24.47
N THR A 433 -19.38 9.35 23.59
CA THR A 433 -18.30 10.18 23.06
C THR A 433 -18.45 11.60 23.58
N GLY A 434 -17.32 12.25 23.84
CA GLY A 434 -17.35 13.62 24.33
C GLY A 434 -17.94 14.57 23.32
N ARG A 435 -18.55 15.65 23.83
CA ARG A 435 -19.29 16.57 22.98
C ARG A 435 -18.38 17.32 22.01
N SER A 436 -17.12 17.57 22.39
CA SER A 436 -16.21 18.27 21.50
C SER A 436 -15.92 17.47 20.23
N LEU A 437 -15.68 16.17 20.38
CA LEU A 437 -15.43 15.32 19.22
C LEU A 437 -16.64 15.27 18.29
N SER A 438 -17.83 15.11 18.86
CA SER A 438 -19.05 15.08 18.05
C SER A 438 -19.25 16.41 17.33
N LEU A 439 -19.02 17.52 18.03
CA LEU A 439 -19.17 18.82 17.40
C LEU A 439 -18.21 18.99 16.24
N LYS A 440 -16.96 18.55 16.41
CA LYS A 440 -16.01 18.59 15.31
C LYS A 440 -16.48 17.74 14.13
N LEU A 441 -17.00 16.55 14.40
CA LEU A 441 -17.44 15.66 13.33
C LEU A 441 -18.58 16.27 12.54
N ILE A 442 -19.64 16.72 13.22
CA ILE A 442 -20.76 17.32 12.50
C ILE A 442 -20.36 18.62 11.82
N LYS A 443 -19.46 19.42 12.42
CA LYS A 443 -19.00 20.62 11.75
C LYS A 443 -18.26 20.30 10.45
N GLN A 444 -17.42 19.25 10.46
CA GLN A 444 -16.75 18.86 9.23
C GLN A 444 -17.75 18.36 8.19
N LEU A 445 -18.74 17.57 8.60
CA LEU A 445 -19.73 17.09 7.64
C LEU A 445 -20.52 18.25 7.03
N ARG A 446 -20.90 19.23 7.85
CA ARG A 446 -21.60 20.39 7.33
C ARG A 446 -20.72 21.23 6.42
N GLU A 447 -19.41 21.28 6.72
CA GLU A 447 -18.48 21.98 5.85
C GLU A 447 -18.37 21.30 4.49
N GLN A 448 -18.37 19.97 4.46
CA GLN A 448 -18.24 19.25 3.20
C GLN A 448 -19.41 19.54 2.27
N SER A 449 -20.63 19.54 2.80
CA SER A 449 -21.83 19.79 2.00
C SER A 449 -22.04 21.28 1.78
N ARG A 480 -24.52 17.22 -2.96
CA ARG A 480 -24.60 16.35 -1.80
C ARG A 480 -25.67 16.83 -0.82
N SER A 481 -26.41 15.88 -0.25
CA SER A 481 -27.47 16.18 0.70
C SER A 481 -27.14 15.54 2.04
N LEU A 482 -27.27 16.32 3.11
CA LEU A 482 -27.03 15.84 4.46
C LEU A 482 -28.32 15.95 5.27
N LYS A 483 -28.71 14.85 5.91
CA LYS A 483 -29.92 14.80 6.71
C LYS A 483 -29.60 14.17 8.06
N GLU A 484 -30.03 14.83 9.14
CA GLU A 484 -29.73 14.41 10.49
C GLU A 484 -31.02 14.03 11.21
N ILE A 485 -30.98 12.91 11.93
CA ILE A 485 -32.14 12.39 12.65
C ILE A 485 -31.70 12.00 14.06
N THR A 486 -32.68 11.84 14.94
CA THR A 486 -32.42 11.56 16.35
C THR A 486 -33.47 10.59 16.87
N LEU A 487 -33.08 9.79 17.86
CA LEU A 487 -33.98 8.89 18.56
C LEU A 487 -33.96 9.20 20.05
N SER A 488 -35.12 9.11 20.69
CA SER A 488 -35.23 9.43 22.11
C SER A 488 -35.72 8.27 22.95
N GLU A 489 -36.80 7.61 22.54
CA GLU A 489 -37.44 6.62 23.40
C GLU A 489 -36.68 5.29 23.35
N PRO A 490 -36.36 4.69 24.50
CA PRO A 490 -35.64 3.41 24.48
C PRO A 490 -36.51 2.26 23.97
N ILE A 491 -35.97 1.05 23.97
CA ILE A 491 -36.66 -0.12 23.42
C ILE A 491 -36.92 -1.16 24.50
N ARG A 492 -35.92 -1.48 25.31
CA ARG A 492 -36.07 -2.57 26.27
C ARG A 492 -37.01 -2.19 27.42
N TYR A 493 -37.07 -0.92 27.79
CA TYR A 493 -37.88 -0.48 28.92
C TYR A 493 -38.61 0.80 28.54
N ALA A 494 -39.59 1.17 29.36
CA ALA A 494 -40.36 2.38 29.11
C ALA A 494 -39.53 3.62 29.38
N GLN A 495 -39.85 4.70 28.68
CA GLN A 495 -39.16 5.96 28.89
C GLN A 495 -39.45 6.51 30.28
N GLY A 496 -38.47 7.19 30.85
CA GLY A 496 -38.58 7.66 32.22
C GLY A 496 -38.33 6.61 33.27
N ASP A 497 -37.51 5.61 32.95
CA ASP A 497 -37.22 4.55 33.90
C ASP A 497 -36.40 5.09 35.07
N ASN A 498 -36.72 4.62 36.29
CA ASN A 498 -36.04 5.11 37.48
C ASN A 498 -34.65 4.52 37.62
N VAL A 499 -34.48 3.23 37.34
CA VAL A 499 -33.17 2.59 37.52
C VAL A 499 -32.16 3.18 36.54
N GLU A 500 -32.57 3.46 35.30
CA GLU A 500 -31.68 4.10 34.35
C GLU A 500 -31.26 5.49 34.83
N LYS A 501 -32.20 6.24 35.38
CA LYS A 501 -31.88 7.57 35.91
C LYS A 501 -30.88 7.49 37.05
N TRP A 502 -31.10 6.54 37.97
CA TRP A 502 -30.18 6.37 39.09
C TRP A 502 -28.79 5.97 38.61
N LEU A 503 -28.72 5.07 37.62
CA LEU A 503 -27.43 4.66 37.09
C LEU A 503 -26.71 5.81 36.39
N ASN A 504 -27.46 6.62 35.62
CA ASN A 504 -26.84 7.77 34.97
C ASN A 504 -26.34 8.79 35.98
N THR A 505 -27.08 8.98 37.08
CA THR A 505 -26.63 9.92 38.10
C THR A 505 -25.39 9.40 38.84
N LEU A 506 -25.41 8.11 39.22
CA LEU A 506 -24.32 7.58 40.03
C LEU A 506 -22.99 7.59 39.30
N LEU A 507 -22.98 7.20 38.02
CA LEU A 507 -21.75 7.10 37.24
C LEU A 507 -21.46 8.35 36.43
N CYS A 508 -22.29 9.38 36.53
CA CYS A 508 -22.11 10.64 35.78
C CYS A 508 -22.02 10.37 34.28
N LEU A 509 -22.86 9.45 33.79
CA LEU A 509 -22.86 9.11 32.37
C LEU A 509 -23.52 10.18 31.52
N ASP A 510 -24.52 10.87 32.05
CA ASP A 510 -25.18 11.94 31.33
C ASP A 510 -24.56 13.28 31.67
N PRO A 524 -13.92 36.20 32.05
CA PRO A 524 -13.02 37.08 32.83
C PRO A 524 -11.59 37.06 32.33
N ASP A 525 -10.81 38.05 32.73
CA ASP A 525 -9.40 38.08 32.36
C ASP A 525 -8.67 36.94 33.06
N PRO A 526 -7.74 36.26 32.36
CA PRO A 526 -7.01 35.15 33.01
C PRO A 526 -6.23 35.57 34.24
N SER A 527 -5.72 36.80 34.29
CA SER A 527 -4.93 37.24 35.42
C SER A 527 -5.75 37.36 36.70
N GLN A 528 -7.08 37.44 36.60
CA GLN A 528 -7.94 37.58 37.76
C GLN A 528 -8.41 36.26 38.32
N CYS A 529 -8.03 35.14 37.70
CA CYS A 529 -8.45 33.83 38.17
C CYS A 529 -7.59 33.37 39.34
N GLU A 530 -8.10 32.40 40.08
CA GLU A 530 -7.43 31.88 41.26
C GLU A 530 -7.55 30.37 41.28
N LEU A 531 -6.48 29.69 41.69
CA LEU A 531 -6.45 28.24 41.78
C LEU A 531 -6.90 27.81 43.17
N LEU A 532 -7.64 26.70 43.24
CA LEU A 532 -8.16 26.18 44.48
C LEU A 532 -7.91 24.68 44.57
N HIS A 533 -7.93 24.17 45.80
CA HIS A 533 -7.78 22.75 46.06
C HIS A 533 -9.12 22.18 46.49
N VAL A 534 -9.53 21.08 45.85
CA VAL A 534 -10.84 20.48 46.08
C VAL A 534 -10.67 19.31 47.04
N ASN A 535 -11.34 19.37 48.18
CA ASN A 535 -11.30 18.28 49.15
C ASN A 535 -12.11 17.10 48.63
N ARG A 536 -11.51 15.90 48.70
CA ARG A 536 -12.16 14.70 48.21
C ARG A 536 -12.96 13.97 49.28
N ASP A 537 -12.87 14.38 50.54
CA ASP A 537 -13.68 13.75 51.58
C ASP A 537 -15.12 14.23 51.56
N THR A 538 -15.37 15.45 51.10
CA THR A 538 -16.71 15.99 50.96
C THR A 538 -17.22 16.03 49.53
N LEU A 539 -16.31 15.97 48.55
CA LEU A 539 -16.74 15.92 47.16
C LEU A 539 -17.52 14.64 46.86
N PHE A 540 -17.28 13.57 47.60
CA PHE A 540 -17.96 12.30 47.42
C PHE A 540 -18.79 11.94 48.64
N SER A 541 -19.49 12.94 49.20
CA SER A 541 -20.35 12.75 50.35
C SER A 541 -21.83 12.81 50.02
N PHE A 542 -22.18 12.96 48.75
CA PHE A 542 -23.57 12.99 48.28
C PHE A 542 -24.35 14.17 48.86
N HIS A 543 -23.66 15.26 49.19
CA HIS A 543 -24.38 16.48 49.49
C HIS A 543 -24.83 17.14 48.17
N PRO A 544 -26.00 17.79 48.18
CA PRO A 544 -26.51 18.37 46.92
C PRO A 544 -25.54 19.33 46.25
N VAL A 545 -24.88 20.19 47.03
CA VAL A 545 -23.92 21.13 46.44
C VAL A 545 -22.69 20.39 45.94
N SER A 546 -22.17 19.46 46.75
CA SER A 546 -21.02 18.67 46.34
C SER A 546 -21.33 17.85 45.09
N GLU A 547 -22.52 17.25 45.04
CA GLU A 547 -22.91 16.49 43.86
C GLU A 547 -23.03 17.38 42.63
N LYS A 548 -23.62 18.56 42.80
CA LYS A 548 -23.76 19.48 41.68
C LYS A 548 -22.41 19.91 41.14
N PHE A 549 -21.42 20.07 42.03
CA PHE A 549 -20.07 20.42 41.56
C PHE A 549 -19.36 19.22 40.93
N LEU A 550 -19.56 18.04 41.50
CA LEU A 550 -18.92 16.84 40.96
C LEU A 550 -19.38 16.55 39.55
N GLN A 551 -20.68 16.70 39.28
CA GLN A 551 -21.17 16.49 37.92
C GLN A 551 -20.54 17.49 36.95
N GLN A 552 -20.40 18.75 37.36
CA GLN A 552 -19.77 19.75 36.50
C GLN A 552 -18.32 19.44 36.21
N MET A 553 -17.58 18.93 37.20
CA MET A 553 -16.18 18.59 36.97
C MET A 553 -16.04 17.37 36.06
N VAL A 554 -16.84 16.32 36.32
CA VAL A 554 -16.74 15.12 35.49
C VAL A 554 -17.18 15.40 34.07
N ALA A 555 -18.20 16.25 33.89
CA ALA A 555 -18.58 16.68 32.56
C ALA A 555 -17.49 17.49 31.87
N LEU A 556 -16.57 18.07 32.63
CA LEU A 556 -15.43 18.78 32.08
C LEU A 556 -14.33 17.84 31.63
N TYR A 557 -13.99 16.85 32.46
CA TYR A 557 -12.81 16.04 32.16
C TYR A 557 -13.06 14.92 31.16
N VAL A 558 -14.31 14.62 30.81
CA VAL A 558 -14.61 13.56 29.85
C VAL A 558 -15.07 14.12 28.50
N ALA A 559 -14.92 15.42 28.27
CA ALA A 559 -15.42 16.03 27.05
C ALA A 559 -14.60 15.69 25.82
N SER A 560 -13.43 15.05 25.99
CA SER A 560 -12.58 14.70 24.85
C SER A 560 -12.29 13.22 24.74
N HIS A 561 -12.90 12.38 25.57
CA HIS A 561 -12.71 10.94 25.45
C HIS A 561 -13.39 10.41 24.19
N TYR A 562 -12.76 9.40 23.59
CA TYR A 562 -13.41 8.69 22.48
C TYR A 562 -14.51 7.78 22.97
N LYS A 563 -14.37 7.21 24.16
CA LYS A 563 -15.38 6.35 24.77
C LYS A 563 -15.39 6.65 26.26
N ASN A 564 -16.52 7.14 26.76
CA ASN A 564 -16.66 7.40 28.19
C ASN A 564 -16.50 6.11 28.97
N SER A 565 -15.70 6.15 30.03
CA SER A 565 -15.43 4.99 30.86
C SER A 565 -15.67 5.36 32.33
N PRO A 566 -16.54 4.65 33.04
CA PRO A 566 -16.83 5.01 34.43
C PRO A 566 -15.87 4.41 35.44
N ASN A 567 -14.82 3.72 35.02
CA ASN A 567 -13.81 3.23 35.96
C ASN A 567 -12.89 4.34 36.46
N ASP A 568 -12.64 5.36 35.63
CA ASP A 568 -11.86 6.50 36.06
C ASP A 568 -12.48 7.22 37.24
N LEU A 569 -13.81 7.15 37.40
CA LEU A 569 -14.44 7.72 38.58
C LEU A 569 -13.98 7.01 39.85
N GLN A 570 -13.96 5.68 39.83
CA GLN A 570 -13.47 4.92 40.97
C GLN A 570 -11.99 5.19 41.21
N LEU A 571 -11.20 5.29 40.12
CA LEU A 571 -9.79 5.60 40.28
C LEU A 571 -9.59 6.97 40.94
N MET A 572 -10.35 7.97 40.51
CA MET A 572 -10.25 9.31 41.09
C MET A 572 -10.70 9.30 42.55
N SER A 573 -11.73 8.52 42.86
CA SER A 573 -12.28 8.53 44.21
C SER A 573 -11.39 7.81 45.21
N ASP A 574 -10.83 6.66 44.85
CA ASP A 574 -10.15 5.79 45.80
C ASP A 574 -8.63 5.79 45.68
N ALA A 575 -8.05 6.63 44.83
CA ALA A 575 -6.60 6.71 44.74
C ALA A 575 -6.03 7.28 46.04
N PRO A 576 -4.92 6.74 46.55
CA PRO A 576 -4.39 7.18 47.85
C PRO A 576 -3.61 8.49 47.79
N ALA A 577 -3.09 8.86 46.63
CA ALA A 577 -2.20 10.01 46.53
C ALA A 577 -2.64 11.04 45.48
N HIS A 578 -3.86 10.93 44.98
CA HIS A 578 -4.32 11.84 43.93
C HIS A 578 -4.93 13.10 44.53
N GLU A 579 -4.69 14.23 43.85
CA GLU A 579 -5.18 15.53 44.29
C GLU A 579 -5.86 16.23 43.12
N LEU A 580 -6.84 17.07 43.44
CA LEU A 580 -7.64 17.77 42.46
C LEU A 580 -7.55 19.27 42.66
N PHE A 581 -7.28 20.01 41.59
CA PHE A 581 -7.19 21.45 41.63
C PHE A 581 -8.09 22.04 40.55
N VAL A 582 -8.78 23.13 40.90
CA VAL A 582 -9.74 23.77 40.00
C VAL A 582 -9.40 25.25 39.88
N LEU A 583 -9.59 25.80 38.68
CA LEU A 583 -9.29 27.20 38.41
C LEU A 583 -10.62 27.95 38.28
N THR A 584 -10.86 28.88 39.20
CA THR A 584 -12.08 29.67 39.22
C THR A 584 -11.73 31.15 39.14
N GLY A 585 -12.67 31.94 38.61
CA GLY A 585 -12.50 33.37 38.54
C GLY A 585 -12.95 34.05 39.82
N PRO A 586 -13.02 35.37 39.81
CA PRO A 586 -13.50 36.11 40.98
C PRO A 586 -14.97 35.82 41.23
N ILE A 587 -15.29 35.33 42.43
CA ILE A 587 -16.64 34.92 42.78
C ILE A 587 -17.01 35.53 44.13
N GLN A 588 -18.30 35.52 44.43
CA GLN A 588 -18.85 36.08 45.65
C GLN A 588 -19.33 34.97 46.57
N GLU A 589 -19.60 35.34 47.82
CA GLU A 589 -20.06 34.39 48.83
C GLU A 589 -21.46 33.89 48.50
N GLY A 590 -21.70 32.61 48.80
CA GLY A 590 -22.98 32.00 48.56
C GLY A 590 -23.25 31.56 47.14
N ARG A 591 -22.24 31.64 46.26
CA ARG A 591 -22.40 31.26 44.86
C ARG A 591 -21.25 30.32 44.50
N LEU A 592 -21.57 29.10 44.10
CA LEU A 592 -20.55 28.14 43.72
C LEU A 592 -19.85 28.60 42.45
N PRO A 593 -18.53 28.66 42.42
CA PRO A 593 -17.82 29.07 41.21
C PRO A 593 -17.97 28.06 40.10
N GLU A 594 -17.98 28.56 38.86
CA GLU A 594 -18.06 27.70 37.70
C GLU A 594 -16.66 27.24 37.31
N PRO A 595 -16.38 25.93 37.29
CA PRO A 595 -15.01 25.46 37.01
C PRO A 595 -14.57 25.75 35.60
N LEU A 596 -13.60 26.64 35.44
CA LEU A 596 -13.05 26.93 34.12
C LEU A 596 -12.06 25.85 33.68
N CYS A 597 -11.27 25.33 34.61
CA CYS A 597 -10.27 24.31 34.30
C CYS A 597 -10.11 23.40 35.51
N VAL A 598 -9.68 22.17 35.25
CA VAL A 598 -9.49 21.17 36.30
C VAL A 598 -8.18 20.44 36.04
N ILE A 599 -7.43 20.21 37.11
CA ILE A 599 -6.13 19.53 37.04
C ILE A 599 -6.14 18.39 38.06
N GLN A 600 -5.73 17.20 37.63
CA GLN A 600 -5.55 16.06 38.51
C GLN A 600 -4.08 15.70 38.54
N VAL A 601 -3.51 15.62 39.74
CA VAL A 601 -2.08 15.40 39.93
C VAL A 601 -1.89 14.16 40.79
N SER A 602 -0.79 13.45 40.55
CA SER A 602 -0.40 12.29 41.34
C SER A 602 1.05 12.42 41.74
N LEU A 603 1.35 12.05 42.98
CA LEU A 603 2.70 12.15 43.51
C LEU A 603 3.46 10.85 43.27
N GLU A 604 4.64 10.95 42.66
CA GLU A 604 5.43 9.80 42.28
C GLU A 604 6.87 10.00 42.71
N GLY A 605 7.56 8.88 42.95
CA GLY A 605 8.96 8.92 43.31
C GLY A 605 9.27 8.24 44.63
N LYS A 606 10.45 8.53 45.18
CA LYS A 606 10.88 8.00 46.48
C LYS A 606 10.81 6.46 46.51
N ILE A 607 11.59 5.86 45.61
CA ILE A 607 11.71 4.41 45.54
C ILE A 607 13.08 4.00 46.09
N SER A 608 13.08 3.02 46.98
CA SER A 608 14.33 2.56 47.56
C SER A 608 15.24 1.95 46.49
N LYS A 609 16.53 2.21 46.62
CA LYS A 609 17.49 1.75 45.61
C LYS A 609 17.58 0.23 45.56
N GLN A 610 17.24 -0.47 46.64
CA GLN A 610 17.25 -1.92 46.60
C GLN A 610 16.25 -2.46 45.59
N SER A 611 15.03 -1.91 45.60
CA SER A 611 14.01 -2.35 44.65
C SER A 611 14.35 -1.95 43.23
N ILE A 612 14.96 -0.77 43.04
CA ILE A 612 15.38 -0.35 41.70
C ILE A 612 16.45 -1.30 41.17
N LEU A 613 17.41 -1.68 42.02
CA LEU A 613 18.44 -2.62 41.60
C LEU A 613 17.84 -3.99 41.31
N LYS A 614 16.86 -4.42 42.11
CA LYS A 614 16.20 -5.70 41.86
C LYS A 614 15.47 -5.70 40.51
N SER A 615 14.78 -4.59 40.21
CA SER A 615 14.02 -4.52 38.96
C SER A 615 14.94 -4.39 37.75
N LEU A 616 15.98 -3.55 37.84
CA LEU A 616 16.89 -3.37 36.72
C LEU A 616 17.74 -4.61 36.44
N SER A 617 17.75 -5.58 37.34
CA SER A 617 18.46 -6.84 37.14
C SER A 617 17.50 -7.99 36.86
N ARG A 618 16.27 -7.70 36.48
CA ARG A 618 15.28 -8.72 36.17
C ARG A 618 14.23 -8.10 35.26
N GLY A 619 13.11 -8.80 35.07
CA GLY A 619 12.06 -8.31 34.21
C GLY A 619 10.80 -7.89 34.94
N GLN A 620 10.67 -8.32 36.20
CA GLN A 620 9.50 -7.99 36.99
C GLN A 620 9.47 -6.51 37.34
N GLN A 621 8.26 -5.94 37.38
CA GLN A 621 8.08 -4.53 37.67
C GLN A 621 6.72 -4.33 38.33
N PRO A 622 6.68 -3.64 39.48
CA PRO A 622 5.37 -3.41 40.13
C PRO A 622 4.40 -2.61 39.27
N ALA A 623 4.92 -1.72 38.42
CA ALA A 623 4.11 -0.89 37.52
C ALA A 623 3.14 0.03 38.27
N GLY A 624 3.39 0.27 39.55
CA GLY A 624 2.56 1.22 40.28
C GLY A 624 2.74 2.64 39.78
N ASP A 625 3.98 3.03 39.51
CA ASP A 625 4.30 4.35 38.98
C ASP A 625 4.51 4.25 37.47
N LEU A 626 4.56 5.42 36.82
CA LEU A 626 4.76 5.48 35.38
C LEU A 626 6.07 6.15 35.00
N ILE A 627 6.34 7.35 35.53
CA ILE A 627 7.55 8.06 35.14
C ILE A 627 8.78 7.51 35.84
N PRO A 628 8.80 7.29 37.15
CA PRO A 628 9.99 6.64 37.75
C PRO A 628 10.31 5.29 37.15
N TRP A 629 9.31 4.47 36.84
CA TRP A 629 9.54 3.09 36.44
C TRP A 629 9.85 2.95 34.96
N LEU A 630 9.76 4.03 34.19
CA LEU A 630 10.05 4.00 32.77
C LEU A 630 11.42 4.57 32.45
N VAL A 631 11.77 5.71 33.05
CA VAL A 631 13.08 6.31 32.80
C VAL A 631 14.19 5.39 33.31
N SER A 632 13.95 4.73 34.45
CA SER A 632 14.94 3.82 35.01
C SER A 632 15.22 2.67 34.06
N GLN A 633 14.18 2.11 33.44
CA GLN A 633 14.39 0.99 32.53
C GLN A 633 14.98 1.46 31.20
N GLN A 634 14.50 2.57 30.67
CA GLN A 634 14.97 3.04 29.37
C GLN A 634 16.43 3.47 29.43
N PHE A 635 16.81 4.18 30.49
CA PHE A 635 18.16 4.73 30.59
C PHE A 635 19.09 3.88 31.44
N GLN A 636 18.59 2.81 32.05
CA GLN A 636 19.38 1.95 32.93
C GLN A 636 20.05 2.78 34.02
N ASP A 637 19.26 3.65 34.65
CA ASP A 637 19.73 4.53 35.71
C ASP A 637 19.06 4.15 37.03
N ASP A 638 19.81 4.32 38.12
CA ASP A 638 19.32 3.96 39.44
C ASP A 638 19.17 5.16 40.37
N GLU A 639 19.43 6.38 39.89
CA GLU A 639 19.37 7.57 40.73
C GLU A 639 18.14 8.42 40.49
N PHE A 640 17.45 8.25 39.36
CA PHE A 640 16.27 9.07 39.07
C PHE A 640 15.07 8.61 39.90
N ALA A 641 14.91 7.30 40.07
CA ALA A 641 13.72 6.78 40.74
C ALA A 641 13.71 7.05 42.24
N SER A 642 14.81 7.55 42.81
CA SER A 642 14.86 7.86 44.22
C SER A 642 14.47 9.30 44.53
N LEU A 643 14.15 10.09 43.52
CA LEU A 643 13.76 11.49 43.72
C LEU A 643 12.27 11.55 44.07
N SER A 644 11.71 12.77 44.03
CA SER A 644 10.30 13.00 44.26
C SER A 644 9.75 13.90 43.16
N GLY A 645 8.58 13.54 42.64
CA GLY A 645 7.99 14.32 41.56
C GLY A 645 6.50 14.13 41.49
N ALA A 646 5.88 14.88 40.58
CA ALA A 646 4.45 14.86 40.38
C ALA A 646 4.12 14.57 38.93
N ARG A 647 3.10 13.76 38.70
CA ARG A 647 2.64 13.43 37.35
C ARG A 647 1.26 14.02 37.14
N ILE A 648 1.11 14.83 36.09
CA ILE A 648 -0.18 15.44 35.75
C ILE A 648 -0.99 14.39 35.00
N VAL A 649 -1.92 13.74 35.70
CA VAL A 649 -2.70 12.68 35.09
C VAL A 649 -3.69 13.25 34.08
N ARG A 650 -4.38 14.34 34.43
CA ARG A 650 -5.36 14.92 33.53
C ARG A 650 -5.41 16.43 33.75
N ILE A 651 -5.62 17.16 32.65
CA ILE A 651 -5.87 18.59 32.69
C ILE A 651 -6.76 18.97 31.51
N ALA A 652 -7.91 19.58 31.79
CA ALA A 652 -8.86 19.89 30.74
C ALA A 652 -9.61 21.17 31.09
N THR A 653 -9.82 22.02 30.10
CA THR A 653 -10.53 23.28 30.26
C THR A 653 -11.92 23.17 29.67
N ASN A 654 -12.70 24.23 29.84
CA ASN A 654 -14.06 24.27 29.31
C ASN A 654 -14.02 24.37 27.79
N PRO A 655 -14.72 23.48 27.07
CA PRO A 655 -14.64 23.51 25.60
C PRO A 655 -15.07 24.83 24.99
N ASP A 656 -15.97 25.56 25.64
CA ASP A 656 -16.35 26.88 25.14
C ASP A 656 -15.30 27.95 25.43
N TYR A 657 -14.41 27.71 26.40
CA TYR A 657 -13.42 28.69 26.80
C TYR A 657 -12.01 28.34 26.33
N MET A 658 -11.87 27.42 25.39
CA MET A 658 -10.55 26.97 24.98
C MET A 658 -9.82 28.07 24.20
N SER A 659 -8.48 27.97 24.21
CA SER A 659 -7.61 28.88 23.46
C SER A 659 -7.81 30.33 23.88
N MET A 660 -7.88 30.57 25.19
CA MET A 660 -7.96 31.93 25.71
C MET A 660 -7.07 32.17 26.93
N GLY A 661 -6.28 31.17 27.34
CA GLY A 661 -5.25 31.37 28.33
C GLY A 661 -5.50 30.85 29.72
N TYR A 662 -6.48 29.98 29.91
CA TYR A 662 -6.77 29.50 31.27
C TYR A 662 -5.94 28.29 31.65
N GLY A 663 -5.70 27.36 30.72
CA GLY A 663 -4.88 26.21 31.03
C GLY A 663 -3.45 26.59 31.38
N SER A 664 -2.88 27.54 30.63
CA SER A 664 -1.54 28.01 30.93
C SER A 664 -1.48 28.69 32.30
N LYS A 665 -2.49 29.51 32.62
CA LYS A 665 -2.52 30.16 33.92
C LYS A 665 -2.62 29.15 35.06
N ALA A 666 -3.47 28.13 34.89
CA ALA A 666 -3.58 27.10 35.92
C ALA A 666 -2.28 26.33 36.08
N LEU A 667 -1.61 26.01 34.97
CA LEU A 667 -0.34 25.29 35.03
C LEU A 667 0.72 26.12 35.75
N GLN A 668 0.81 27.40 35.40
CA GLN A 668 1.78 28.28 36.06
C GLN A 668 1.49 28.41 37.55
N LEU A 669 0.22 28.55 37.91
CA LEU A 669 -0.13 28.65 39.33
C LEU A 669 0.20 27.38 40.08
N LEU A 670 -0.05 26.21 39.49
CA LEU A 670 0.33 24.96 40.14
C LEU A 670 1.85 24.85 40.30
N VAL A 671 2.59 25.26 39.28
CA VAL A 671 4.05 25.20 39.35
C VAL A 671 4.55 26.10 40.47
N ASP A 672 4.03 27.34 40.54
CA ASP A 672 4.43 28.25 41.61
C ASP A 672 4.04 27.71 42.97
N TYR A 673 2.89 27.04 43.07
CA TYR A 673 2.50 26.43 44.34
C TYR A 673 3.50 25.38 44.77
N TYR A 674 3.96 24.55 43.84
CA TYR A 674 4.91 23.51 44.19
C TYR A 674 6.33 24.03 44.34
N GLU A 675 6.59 25.28 43.96
CA GLU A 675 7.89 25.91 44.15
C GLU A 675 7.96 26.70 45.45
N GLY A 676 6.94 26.62 46.30
CA GLY A 676 6.91 27.38 47.54
C GLY A 676 6.80 28.87 47.37
N LYS A 677 5.97 29.32 46.42
CA LYS A 677 5.77 30.74 46.15
C LYS A 677 4.58 31.32 46.90
N PHE A 678 3.83 30.51 47.64
CA PHE A 678 2.66 30.96 48.37
C PHE A 678 2.91 30.75 49.86
N ALA A 679 2.80 31.83 50.63
CA ALA A 679 3.05 31.78 52.06
C ALA A 679 1.75 31.83 52.85
N LEU A 718 -17.06 17.57 58.32
CA LEU A 718 -17.17 17.99 56.93
C LEU A 718 -16.35 19.26 56.67
N PRO A 719 -15.09 19.07 56.24
CA PRO A 719 -14.23 20.21 55.95
C PRO A 719 -14.75 20.99 54.75
N PRO A 720 -14.37 22.26 54.61
CA PRO A 720 -14.85 23.05 53.47
C PRO A 720 -14.41 22.44 52.14
N LEU A 721 -15.29 22.53 51.15
CA LEU A 721 -15.01 21.95 49.85
C LEU A 721 -13.81 22.63 49.19
N PHE A 722 -13.72 23.95 49.29
CA PHE A 722 -12.68 24.72 48.64
C PHE A 722 -11.69 25.26 49.67
N SER A 723 -10.41 25.03 49.43
CA SER A 723 -9.33 25.51 50.29
C SER A 723 -8.37 26.34 49.46
N LYS A 724 -8.03 27.53 49.95
CA LYS A 724 -7.08 28.38 49.25
C LYS A 724 -5.68 27.79 49.31
N LEU A 725 -4.87 28.10 48.31
CA LEU A 725 -3.52 27.56 48.25
C LEU A 725 -2.65 28.12 49.38
N SER A 726 -2.91 29.36 49.80
CA SER A 726 -2.11 29.96 50.86
C SER A 726 -2.33 29.30 52.21
N GLU A 727 -3.39 28.52 52.37
CA GLU A 727 -3.71 27.88 53.64
C GLU A 727 -3.09 26.50 53.80
N ARG A 728 -2.45 25.96 52.76
CA ARG A 728 -1.85 24.64 52.82
C ARG A 728 -0.40 24.70 52.39
N ARG A 729 0.45 23.94 53.06
CA ARG A 729 1.87 23.90 52.76
C ARG A 729 2.15 22.86 51.67
N PRO A 730 2.78 23.25 50.56
CA PRO A 730 3.01 22.31 49.46
C PRO A 730 4.05 21.25 49.80
N GLU A 731 4.34 20.39 48.83
CA GLU A 731 5.36 19.36 48.97
C GLU A 731 6.67 19.82 48.34
N LYS A 732 7.75 19.17 48.75
CA LYS A 732 9.07 19.45 48.19
C LYS A 732 9.33 18.46 47.06
N LEU A 733 9.31 18.96 45.83
CA LEU A 733 9.38 18.13 44.64
C LEU A 733 10.54 18.58 43.76
N ASP A 734 11.13 17.62 43.04
CA ASP A 734 12.26 17.90 42.17
C ASP A 734 11.83 18.14 40.72
N TYR A 735 10.81 17.42 40.26
CA TYR A 735 10.41 17.49 38.87
C TYR A 735 8.90 17.34 38.76
N VAL A 736 8.36 17.71 37.60
CA VAL A 736 6.97 17.44 37.24
C VAL A 736 6.96 16.88 35.82
N GLY A 737 6.14 15.86 35.61
CA GLY A 737 6.16 15.15 34.35
C GLY A 737 4.75 14.85 33.85
N VAL A 738 4.65 14.63 32.54
CA VAL A 738 3.38 14.35 31.88
C VAL A 738 3.60 13.32 30.78
N SER A 739 2.58 12.49 30.56
CA SER A 739 2.59 11.50 29.49
C SER A 739 1.33 11.68 28.65
N TYR A 740 1.50 11.72 27.33
CA TYR A 740 0.38 12.01 26.45
C TYR A 740 0.69 11.47 25.06
N GLY A 741 -0.35 11.39 24.23
CA GLY A 741 -0.17 10.99 22.85
C GLY A 741 0.27 12.17 22.00
N LEU A 742 1.32 11.98 21.21
CA LEU A 742 1.99 13.09 20.57
C LEU A 742 1.12 13.74 19.51
N THR A 743 1.04 15.06 19.55
CA THR A 743 0.40 15.88 18.52
C THR A 743 1.08 17.24 18.53
N GLN A 744 1.12 17.89 17.38
CA GLN A 744 1.82 19.16 17.28
C GLN A 744 1.19 20.23 18.17
N GLN A 745 -0.14 20.31 18.20
CA GLN A 745 -0.82 21.31 19.02
C GLN A 745 -0.58 21.08 20.51
N LEU A 746 -0.59 19.82 20.95
CA LEU A 746 -0.34 19.53 22.36
C LEU A 746 1.14 19.68 22.70
N HIS A 747 2.02 19.28 21.78
CA HIS A 747 3.45 19.44 22.02
C HIS A 747 3.84 20.91 22.16
N LYS A 748 3.25 21.78 21.35
CA LYS A 748 3.55 23.20 21.48
C LYS A 748 3.12 23.75 22.84
N PHE A 749 1.93 23.36 23.29
CA PHE A 749 1.45 23.80 24.60
C PHE A 749 2.38 23.33 25.71
N TRP A 750 2.81 22.06 25.63
CA TRP A 750 3.68 21.54 26.69
C TRP A 750 5.08 22.14 26.64
N LYS A 751 5.59 22.42 25.44
CA LYS A 751 6.92 23.00 25.30
C LYS A 751 6.94 24.44 25.79
N ARG A 752 5.85 25.19 25.57
CA ARG A 752 5.80 26.56 26.06
C ARG A 752 5.92 26.63 27.58
N ALA A 753 5.54 25.56 28.29
CA ALA A 753 5.60 25.52 29.74
C ALA A 753 6.92 24.98 30.27
N GLN A 754 7.97 24.96 29.43
CA GLN A 754 9.31 24.53 29.82
C GLN A 754 9.33 23.06 30.25
N PHE A 755 8.85 22.20 29.35
CA PHE A 755 8.95 20.75 29.51
C PHE A 755 9.88 20.21 28.42
N VAL A 756 10.67 19.20 28.76
CA VAL A 756 11.63 18.65 27.82
C VAL A 756 11.34 17.16 27.60
N PRO A 757 11.43 16.67 26.37
CA PRO A 757 11.07 15.27 26.09
C PRO A 757 12.14 14.30 26.55
N VAL A 758 11.68 13.12 26.97
CA VAL A 758 12.57 12.07 27.46
C VAL A 758 12.33 10.73 26.76
N TYR A 759 11.14 10.48 26.23
CA TYR A 759 10.81 9.17 25.67
C TYR A 759 9.76 9.34 24.58
N LEU A 760 9.75 8.41 23.64
CA LEU A 760 8.77 8.44 22.55
C LEU A 760 8.62 7.02 22.03
N ARG A 761 7.45 6.41 22.28
CA ARG A 761 7.23 5.01 21.95
C ARG A 761 7.22 4.82 20.43
N GLN A 762 7.62 3.62 20.01
CA GLN A 762 7.76 3.29 18.59
C GLN A 762 6.49 2.70 17.99
N THR A 763 5.76 1.90 18.76
CA THR A 763 4.52 1.28 18.28
C THR A 763 3.35 2.24 18.54
N ALA A 764 2.61 2.56 17.49
CA ALA A 764 1.49 3.47 17.63
C ALA A 764 0.33 2.80 18.37
N ASN A 765 -0.48 3.61 19.03
CA ASN A 765 -1.65 3.11 19.73
C ASN A 765 -2.74 2.71 18.73
N ASP A 766 -3.34 1.54 18.97
CA ASP A 766 -4.37 1.04 18.07
C ASP A 766 -5.64 1.88 18.14
N LEU A 767 -5.98 2.38 19.34
CA LEU A 767 -7.24 3.08 19.52
C LEU A 767 -7.22 4.47 18.89
N THR A 768 -6.05 5.10 18.78
CA THR A 768 -5.96 6.46 18.29
C THR A 768 -4.99 6.62 17.12
N GLY A 769 -3.86 5.93 17.14
CA GLY A 769 -2.87 6.09 16.10
C GLY A 769 -1.77 7.08 16.42
N GLU A 770 -1.38 7.20 17.68
CA GLU A 770 -0.40 8.18 18.12
C GLU A 770 0.62 7.51 19.04
N HIS A 771 1.80 8.13 19.12
CA HIS A 771 2.90 7.62 19.93
C HIS A 771 2.95 8.36 21.26
N THR A 772 3.17 7.60 22.33
CA THR A 772 3.25 8.19 23.67
C THR A 772 4.54 8.98 23.83
N CYS A 773 4.43 10.20 24.37
CA CYS A 773 5.57 11.06 24.61
C CYS A 773 5.59 11.47 26.08
N VAL A 774 6.80 11.53 26.65
CA VAL A 774 6.99 11.85 28.06
C VAL A 774 7.84 13.11 28.15
N MET A 775 7.37 14.07 28.95
CA MET A 775 8.09 15.33 29.16
C MET A 775 8.22 15.59 30.64
N ILE A 776 9.35 16.18 31.04
CA ILE A 776 9.68 16.42 32.44
C ILE A 776 10.21 17.84 32.58
N ARG A 777 9.82 18.51 33.66
CA ARG A 777 10.30 19.84 33.97
C ARG A 777 11.00 19.86 35.33
N PRO A 778 12.21 20.42 35.42
CA PRO A 778 12.93 20.50 36.71
C PRO A 778 12.50 21.73 37.51
N LEU A 779 11.38 21.62 38.20
CA LEU A 779 10.78 22.75 38.88
C LEU A 779 11.43 23.06 40.22
N GLN A 780 12.34 22.23 40.71
CA GLN A 780 12.89 22.41 42.04
C GLN A 780 13.59 23.76 42.15
N ASP A 781 13.35 24.43 43.28
CA ASP A 781 13.86 25.79 43.47
C ASP A 781 15.30 25.75 43.98
N GLY A 782 16.19 26.42 43.26
CA GLY A 782 17.57 26.55 43.69
C GLY A 782 18.34 25.24 43.76
N ASN A 783 18.20 24.40 42.74
CA ASN A 783 18.93 23.15 42.65
C ASN A 783 19.56 23.05 41.26
N ASP A 784 20.51 22.13 41.13
CA ASP A 784 21.23 21.98 39.87
C ASP A 784 20.38 21.23 38.87
N PRO A 785 20.07 21.80 37.70
CA PRO A 785 19.39 21.05 36.64
C PRO A 785 20.39 20.35 35.72
N SER A 786 21.09 19.36 36.27
CA SER A 786 22.10 18.62 35.52
C SER A 786 21.78 17.15 35.34
N TRP A 787 20.98 16.55 36.22
CA TRP A 787 20.56 15.17 36.03
C TRP A 787 19.61 15.01 34.86
N LEU A 788 19.00 16.10 34.40
CA LEU A 788 18.06 16.07 33.29
C LEU A 788 18.73 16.35 31.95
N GLY A 789 19.83 17.09 31.95
CA GLY A 789 20.56 17.32 30.72
C GLY A 789 21.10 16.05 30.11
N ALA A 790 21.57 15.12 30.94
CA ALA A 790 22.04 13.84 30.43
C ALA A 790 20.93 13.06 29.75
N PHE A 791 19.75 13.01 30.36
CA PHE A 791 18.61 12.32 29.75
C PHE A 791 18.22 12.98 28.44
N ALA A 792 18.17 14.32 28.41
CA ALA A 792 17.79 15.02 27.20
C ALA A 792 18.79 14.78 26.07
N ALA A 793 20.09 14.81 26.39
CA ALA A 793 21.10 14.56 25.37
C ALA A 793 21.06 13.12 24.86
N ASP A 794 20.86 12.15 25.75
CA ASP A 794 20.73 10.77 25.31
C ASP A 794 19.53 10.58 24.40
N PHE A 795 18.39 11.19 24.76
CA PHE A 795 17.22 11.11 23.89
C PHE A 795 17.48 11.78 22.55
N HIS A 796 18.18 12.91 22.56
CA HIS A 796 18.48 13.59 21.30
C HIS A 796 19.37 12.73 20.41
N LYS A 797 20.32 12.00 21.01
CA LYS A 797 21.17 11.13 20.20
C LYS A 797 20.42 9.89 19.71
N ARG A 798 19.43 9.42 20.47
CA ARG A 798 18.66 8.26 20.03
C ARG A 798 17.64 8.62 18.95
N PHE A 799 17.05 9.81 19.03
CA PHE A 799 16.00 10.19 18.09
C PHE A 799 16.54 10.32 16.67
N LEU A 800 17.77 10.82 16.52
CA LEU A 800 18.34 10.97 15.19
C LEU A 800 18.51 9.63 14.50
N SER A 801 18.92 8.60 15.24
CA SER A 801 19.10 7.28 14.66
C SER A 801 17.77 6.57 14.48
N LEU A 802 16.81 6.82 15.37
CA LEU A 802 15.55 6.10 15.36
C LEU A 802 14.54 6.69 14.37
N LEU A 803 14.89 7.77 13.67
CA LEU A 803 13.97 8.36 12.71
C LEU A 803 13.70 7.42 11.53
N SER A 804 14.59 6.45 11.33
CA SER A 804 14.40 5.51 10.21
C SER A 804 13.55 4.31 10.63
N TYR A 805 13.51 4.01 11.92
CA TYR A 805 12.74 2.88 12.44
C TYR A 805 11.43 3.38 13.02
N LYS A 806 10.37 3.31 12.21
CA LYS A 806 8.97 3.58 12.55
C LYS A 806 8.67 5.07 12.71
N PHE A 807 9.67 5.93 12.71
CA PHE A 807 9.44 7.38 12.69
C PHE A 807 9.61 7.96 11.30
N ARG A 808 9.70 7.08 10.29
CA ARG A 808 9.73 7.52 8.90
C ARG A 808 8.39 8.14 8.49
N GLU A 809 7.31 7.77 9.19
CA GLU A 809 5.99 8.24 8.81
C GLU A 809 5.74 9.68 9.25
N PHE A 810 6.44 10.13 10.30
CA PHE A 810 6.24 11.45 10.89
C PHE A 810 6.38 12.56 9.86
N PRO A 811 5.51 13.57 9.89
CA PRO A 811 5.76 14.77 9.09
C PRO A 811 7.05 15.45 9.51
N SER A 812 7.71 16.10 8.55
CA SER A 812 9.04 16.65 8.81
C SER A 812 9.00 17.69 9.91
N ILE A 813 7.98 18.56 9.91
CA ILE A 813 7.91 19.64 10.89
C ILE A 813 7.72 19.07 12.29
N LEU A 814 6.91 18.02 12.42
CA LEU A 814 6.64 17.45 13.73
C LEU A 814 7.89 16.84 14.35
N ALA A 815 8.70 16.16 13.54
CA ALA A 815 9.97 15.62 14.04
C ALA A 815 10.97 16.73 14.30
N LEU A 816 10.96 17.78 13.48
CA LEU A 816 11.89 18.89 13.66
C LEU A 816 11.64 19.61 14.97
N THR A 817 10.38 19.82 15.33
CA THR A 817 10.08 20.47 16.61
C THR A 817 10.54 19.64 17.79
N ILE A 818 10.34 18.31 17.74
CA ILE A 818 10.80 17.44 18.82
C ILE A 818 12.32 17.48 18.93
N GLU A 819 13.01 17.45 17.79
CA GLU A 819 14.47 17.52 17.82
C GLU A 819 14.94 18.84 18.41
N GLU A 820 14.32 19.96 18.00
CA GLU A 820 14.71 21.25 18.53
C GLU A 820 14.47 21.33 20.04
N SER A 821 13.33 20.84 20.50
CA SER A 821 13.03 20.87 21.92
C SER A 821 13.98 19.99 22.73
N ALA A 822 14.31 18.80 22.22
CA ALA A 822 15.27 17.95 22.93
C ALA A 822 16.66 18.57 22.97
N ASN A 823 17.10 19.18 21.87
CA ASN A 823 18.40 19.84 21.87
C ASN A 823 18.42 21.02 22.83
N ALA A 824 17.34 21.81 22.87
CA ALA A 824 17.28 22.92 23.80
C ALA A 824 17.23 22.46 25.25
N GLY A 825 16.56 21.34 25.53
CA GLY A 825 16.55 20.80 26.88
C GLY A 825 17.83 20.13 27.31
N ALA A 826 18.64 19.70 26.34
CA ALA A 826 19.94 19.11 26.66
C ALA A 826 20.97 20.13 27.10
N MET A 827 20.70 21.43 26.97
CA MET A 827 21.64 22.46 27.36
C MET A 827 21.65 22.73 28.85
N LEU A 828 20.81 22.06 29.63
CA LEU A 828 20.82 22.26 31.07
C LEU A 828 22.13 21.80 31.70
N ASP A 829 22.90 20.97 31.00
CA ASP A 829 24.24 20.56 31.45
C ASP A 829 25.28 21.32 30.64
N PRO A 830 26.06 22.21 31.26
CA PRO A 830 27.03 22.99 30.48
C PRO A 830 28.10 22.17 29.78
N SER A 831 28.34 20.94 30.24
CA SER A 831 29.32 20.07 29.58
C SER A 831 28.81 19.51 28.26
N ASN A 832 27.53 19.68 27.95
CA ASN A 832 26.94 19.15 26.72
C ASN A 832 27.04 20.12 25.55
N ALA A 833 27.74 21.24 25.72
CA ALA A 833 27.89 22.19 24.62
C ALA A 833 28.66 21.54 23.49
N PRO A 834 28.32 21.86 22.24
CA PRO A 834 28.98 21.22 21.10
C PRO A 834 30.35 21.83 20.82
N THR A 835 31.14 21.07 20.07
CA THR A 835 32.47 21.50 19.65
C THR A 835 32.52 21.63 18.14
N GLU A 836 33.47 22.43 17.67
CA GLU A 836 33.61 22.68 16.24
C GLU A 836 34.20 21.45 15.54
N LEU A 837 34.15 21.50 14.20
CA LEU A 837 34.70 20.44 13.37
C LEU A 837 36.05 20.88 12.82
N THR A 838 37.07 20.05 13.02
CA THR A 838 38.42 20.33 12.56
C THR A 838 38.72 19.57 11.28
N LYS A 839 39.79 20.01 10.60
CA LYS A 839 40.20 19.35 9.36
C LYS A 839 40.60 17.90 9.60
N ALA A 840 41.24 17.62 10.74
CA ALA A 840 41.65 16.25 11.05
C ALA A 840 40.45 15.33 11.14
N GLU A 841 39.38 15.77 11.79
CA GLU A 841 38.18 14.94 11.90
C GLU A 841 37.44 14.85 10.57
N LEU A 842 37.45 15.92 9.78
CA LEU A 842 36.81 15.88 8.47
C LEU A 842 37.50 14.90 7.55
N ASP A 843 38.83 14.84 7.59
CA ASP A 843 39.56 13.93 6.71
C ASP A 843 39.30 12.47 7.06
N GLN A 844 38.82 12.19 8.27
CA GLN A 844 38.45 10.84 8.66
C GLN A 844 37.04 10.46 8.24
N LEU A 845 36.31 11.37 7.61
CA LEU A 845 34.93 11.12 7.18
C LEU A 845 34.76 11.12 5.67
N PHE A 846 35.36 12.08 4.97
CA PHE A 846 35.19 12.21 3.53
C PHE A 846 36.54 12.11 2.83
N THR A 847 36.63 11.22 1.85
CA THR A 847 37.81 11.10 1.00
C THR A 847 37.83 12.23 -0.02
N PRO A 848 39.00 12.51 -0.62
CA PRO A 848 39.05 13.57 -1.62
C PRO A 848 38.12 13.36 -2.81
N PHE A 849 37.87 12.11 -3.18
CA PHE A 849 36.92 11.85 -4.26
C PHE A 849 35.49 12.15 -3.85
N ASP A 850 35.15 11.94 -2.57
CA ASP A 850 33.86 12.38 -2.07
C ASP A 850 33.73 13.89 -2.13
N HIS A 851 34.81 14.61 -1.79
CA HIS A 851 34.81 16.07 -1.93
C HIS A 851 34.61 16.48 -3.37
N LYS A 852 35.26 15.77 -4.31
CA LYS A 852 35.09 16.09 -5.72
C LYS A 852 33.66 15.84 -6.18
N ARG A 853 33.05 14.74 -5.73
CA ARG A 853 31.66 14.47 -6.08
C ARG A 853 30.73 15.54 -5.53
N LEU A 854 30.94 15.95 -4.27
CA LEU A 854 30.11 17.00 -3.69
C LEU A 854 30.26 18.31 -4.44
N GLU A 855 31.51 18.67 -4.79
CA GLU A 855 31.73 19.91 -5.54
C GLU A 855 31.09 19.86 -6.91
N SER A 856 31.16 18.70 -7.58
CA SER A 856 30.53 18.57 -8.89
C SER A 856 29.01 18.70 -8.79
N TYR A 857 28.42 18.10 -7.76
CA TYR A 857 26.98 18.23 -7.58
C TYR A 857 26.58 19.67 -7.30
N ALA A 858 27.36 20.36 -6.46
CA ALA A 858 27.02 21.74 -6.11
C ALA A 858 27.04 22.66 -7.33
N ASN A 859 27.84 22.34 -8.33
CA ASN A 859 27.93 23.13 -9.55
C ASN A 859 26.88 22.74 -10.59
N GLY A 860 26.04 21.76 -10.30
CA GLY A 860 25.02 21.35 -11.25
C GLY A 860 25.50 20.42 -12.34
N LEU A 861 26.59 19.67 -12.10
CA LEU A 861 27.13 18.75 -13.09
C LEU A 861 26.88 17.30 -12.74
N LEU A 862 25.94 17.02 -11.84
CA LEU A 862 25.65 15.65 -11.44
C LEU A 862 24.18 15.53 -11.05
N ASP A 863 23.69 14.30 -11.09
CA ASP A 863 22.35 13.99 -10.61
C ASP A 863 22.36 13.82 -9.09
N TYR A 864 21.24 14.18 -8.47
CA TYR A 864 21.15 14.07 -7.01
C TYR A 864 21.13 12.62 -6.53
N HIS A 865 20.95 11.65 -7.43
CA HIS A 865 21.01 10.26 -7.01
C HIS A 865 22.43 9.82 -6.72
N VAL A 866 23.42 10.50 -7.31
CA VAL A 866 24.82 10.10 -7.12
C VAL A 866 25.27 10.42 -5.70
N VAL A 867 25.13 11.67 -5.28
CA VAL A 867 25.49 12.07 -3.91
C VAL A 867 24.24 11.90 -3.05
N LEU A 868 24.00 10.65 -2.66
CA LEU A 868 22.90 10.32 -1.78
C LEU A 868 23.29 9.44 -0.61
N ASP A 869 24.39 8.70 -0.70
CA ASP A 869 24.95 7.99 0.43
C ASP A 869 25.64 8.92 1.42
N LEU A 870 25.96 10.14 1.00
CA LEU A 870 26.59 11.13 1.87
C LEU A 870 25.59 11.93 2.69
N MET A 871 24.29 11.81 2.39
CA MET A 871 23.29 12.58 3.12
C MET A 871 23.23 12.25 4.61
N PRO A 872 23.23 10.98 5.03
CA PRO A 872 23.18 10.71 6.48
C PRO A 872 24.32 11.34 7.26
N THR A 873 25.54 11.34 6.71
CA THR A 873 26.67 11.92 7.42
C THR A 873 26.54 13.43 7.56
N ILE A 874 26.13 14.12 6.50
CA ILE A 874 25.95 15.57 6.57
C ILE A 874 24.82 15.91 7.53
N ALA A 875 23.72 15.16 7.49
CA ALA A 875 22.62 15.42 8.41
C ALA A 875 23.04 15.21 9.85
N GLN A 876 23.79 14.14 10.13
CA GLN A 876 24.25 13.90 11.50
C GLN A 876 25.26 14.95 11.94
N LEU A 877 26.08 15.46 11.02
CA LEU A 877 27.00 16.54 11.35
C LEU A 877 26.24 17.81 11.71
N TYR A 878 25.20 18.15 10.96
CA TYR A 878 24.50 19.40 11.20
C TYR A 878 23.62 19.32 12.44
N PHE A 879 22.91 18.22 12.63
CA PHE A 879 21.90 18.13 13.68
C PHE A 879 22.47 17.68 15.02
N THR A 880 23.79 17.46 15.11
CA THR A 880 24.43 17.17 16.39
C THR A 880 25.21 18.35 16.94
N GLY A 881 25.30 19.45 16.21
CA GLY A 881 25.92 20.67 16.68
C GLY A 881 27.31 20.95 16.17
N ARG A 882 27.96 19.97 15.55
CA ARG A 882 29.33 20.17 15.07
C ARG A 882 29.38 21.24 13.97
N LEU A 883 28.42 21.22 13.05
CA LEU A 883 28.39 22.16 11.94
C LEU A 883 27.32 23.24 12.09
N ARG A 884 26.61 23.26 13.22
CA ARG A 884 25.45 24.14 13.35
C ARG A 884 25.84 25.61 13.30
N GLU A 885 26.91 25.99 14.00
CA GLU A 885 27.28 27.39 14.07
C GLU A 885 28.02 27.86 12.82
N ALA A 886 28.60 26.93 12.04
CA ALA A 886 29.34 27.33 10.85
C ALA A 886 28.42 27.72 9.71
N VAL A 887 27.33 26.98 9.52
CA VAL A 887 26.38 27.21 8.42
C VAL A 887 24.99 27.37 9.02
N LYS A 888 24.25 28.37 8.55
CA LYS A 888 22.92 28.67 9.05
C LYS A 888 21.87 28.23 8.04
N LEU A 889 20.78 27.64 8.56
CA LEU A 889 19.70 27.13 7.74
C LEU A 889 18.37 27.64 8.27
N SER A 890 17.43 27.87 7.37
CA SER A 890 16.09 28.31 7.74
C SER A 890 15.25 27.11 8.16
N GLY A 891 13.98 27.37 8.47
CA GLY A 891 13.09 26.29 8.88
C GLY A 891 12.81 25.30 7.77
N LEU A 892 12.51 25.80 6.57
CA LEU A 892 12.21 24.92 5.45
C LEU A 892 13.43 24.08 5.06
N GLN A 893 14.60 24.72 4.99
CA GLN A 893 15.83 23.98 4.69
C GLN A 893 16.13 22.95 5.76
N GLN A 894 15.94 23.29 7.04
CA GLN A 894 16.12 22.31 8.10
C GLN A 894 15.17 21.13 7.95
N ALA A 895 13.90 21.39 7.63
CA ALA A 895 12.94 20.30 7.47
C ALA A 895 13.33 19.40 6.30
N ILE A 896 13.72 19.99 5.17
CA ILE A 896 14.08 19.19 4.00
C ILE A 896 15.33 18.36 4.29
N LEU A 897 16.34 18.97 4.92
CA LEU A 897 17.56 18.23 5.25
C LEU A 897 17.26 17.11 6.22
N LEU A 898 16.47 17.37 7.25
CA LEU A 898 16.12 16.32 8.20
C LEU A 898 15.42 15.17 7.49
N ALA A 899 14.41 15.47 6.67
CA ALA A 899 13.68 14.41 5.99
C ALA A 899 14.61 13.58 5.12
N LEU A 900 15.33 14.23 4.20
CA LEU A 900 16.15 13.50 3.24
C LEU A 900 17.26 12.71 3.91
N GLY A 901 17.90 13.28 4.94
CA GLY A 901 19.02 12.62 5.56
C GLY A 901 18.69 11.58 6.60
N LEU A 902 17.72 11.85 7.47
CA LEU A 902 17.44 10.97 8.59
C LEU A 902 16.21 10.09 8.39
N GLN A 903 15.25 10.51 7.55
CA GLN A 903 14.06 9.71 7.31
C GLN A 903 14.09 8.99 5.97
N ARG A 904 15.06 9.28 5.11
CA ARG A 904 15.26 8.55 3.86
C ARG A 904 14.03 8.62 2.96
N LYS A 905 13.41 9.80 2.91
CA LYS A 905 12.20 9.98 2.12
C LYS A 905 12.55 10.29 0.66
N ASP A 906 11.57 10.11 -0.21
CA ASP A 906 11.71 10.39 -1.63
C ASP A 906 11.33 11.83 -1.93
N ILE A 907 11.73 12.29 -3.12
CA ILE A 907 11.44 13.67 -3.51
C ILE A 907 9.95 13.86 -3.77
N ASP A 908 9.30 12.89 -4.42
CA ASP A 908 7.87 12.97 -4.67
C ASP A 908 7.03 12.89 -3.40
N THR A 909 7.43 12.06 -2.42
CA THR A 909 6.73 12.06 -1.15
C THR A 909 6.91 13.40 -0.43
N LEU A 910 8.08 13.99 -0.54
CA LEU A 910 8.32 15.30 0.06
C LEU A 910 7.47 16.37 -0.60
N ALA A 911 7.29 16.29 -1.91
CA ALA A 911 6.50 17.30 -2.63
C ALA A 911 5.06 17.31 -2.15
N THR A 912 4.48 16.12 -1.92
CA THR A 912 3.11 16.04 -1.43
C THR A 912 2.97 16.63 -0.03
N GLU A 913 3.89 16.27 0.87
CA GLU A 913 3.79 16.71 2.26
C GLU A 913 3.91 18.22 2.39
N LEU A 914 4.84 18.82 1.65
CA LEU A 914 5.10 20.24 1.76
C LEU A 914 4.20 21.07 0.85
N ASN A 915 3.35 20.44 0.04
CA ASN A 915 2.46 21.13 -0.90
C ASN A 915 3.25 22.05 -1.83
N LEU A 916 4.32 21.51 -2.40
CA LEU A 916 5.20 22.20 -3.33
C LEU A 916 5.49 21.27 -4.49
N PRO A 917 5.77 21.82 -5.68
CA PRO A 917 6.12 20.97 -6.81
C PRO A 917 7.45 20.25 -6.58
N GLY A 918 7.57 19.06 -7.15
CA GLY A 918 8.78 18.27 -6.96
C GLY A 918 10.01 18.92 -7.53
N SER A 919 9.88 19.65 -8.64
CA SER A 919 11.00 20.31 -9.28
C SER A 919 11.46 21.57 -8.56
N GLN A 920 10.71 21.99 -7.54
CA GLN A 920 11.09 23.13 -6.71
C GLN A 920 11.73 22.71 -5.39
N VAL A 921 11.37 21.53 -4.86
CA VAL A 921 12.01 21.03 -3.66
C VAL A 921 13.50 20.79 -3.90
N LEU A 922 13.85 20.29 -5.09
CA LEU A 922 15.26 20.11 -5.43
C LEU A 922 15.98 21.44 -5.55
N ALA A 923 15.29 22.47 -6.05
CA ALA A 923 15.93 23.77 -6.26
C ALA A 923 16.42 24.38 -4.96
N ILE A 924 15.72 24.13 -3.84
CA ILE A 924 16.16 24.64 -2.55
C ILE A 924 17.09 23.66 -1.83
N PHE A 925 17.11 22.40 -2.23
CA PHE A 925 18.04 21.41 -1.68
C PHE A 925 19.45 21.58 -2.21
N MET A 926 19.60 22.13 -3.42
CA MET A 926 20.91 22.41 -3.98
C MET A 926 21.56 23.63 -3.34
N LYS A 927 20.80 24.39 -2.56
CA LYS A 927 21.32 25.51 -1.79
C LYS A 927 21.81 25.09 -0.41
N ILE A 928 21.29 23.99 0.13
CA ILE A 928 21.86 23.43 1.36
C ILE A 928 23.26 22.89 1.11
N MET A 929 23.45 22.23 -0.03
CA MET A 929 24.69 21.52 -0.33
C MET A 929 25.79 22.41 -0.88
N ARG A 930 25.46 23.63 -1.32
CA ARG A 930 26.47 24.57 -1.77
C ARG A 930 26.87 25.57 -0.69
N LYS A 931 26.30 25.42 0.51
CA LYS A 931 26.76 26.11 1.71
C LYS A 931 27.66 25.23 2.56
N VAL A 932 27.37 23.93 2.62
CA VAL A 932 28.21 22.99 3.35
C VAL A 932 29.53 22.78 2.61
N THR A 933 29.48 22.71 1.28
CA THR A 933 30.67 22.44 0.50
C THR A 933 31.71 23.54 0.67
N GLN A 934 31.28 24.79 0.72
CA GLN A 934 32.22 25.90 0.92
C GLN A 934 32.91 25.80 2.26
N HIS A 935 32.17 25.46 3.32
CA HIS A 935 32.78 25.30 4.62
C HIS A 935 33.77 24.15 4.64
N PHE A 936 33.42 23.02 4.00
CA PHE A 936 34.34 21.90 3.95
C PHE A 936 35.61 22.27 3.19
N GLY A 937 35.47 23.01 2.09
CA GLY A 937 36.64 23.41 1.33
C GLY A 937 37.54 24.36 2.11
N ALA A 938 36.93 25.32 2.81
CA ALA A 938 37.71 26.23 3.63
C ALA A 938 38.41 25.49 4.77
N LEU A 939 37.74 24.51 5.37
CA LEU A 939 38.35 23.73 6.44
C LEU A 939 39.53 22.90 5.93
N VAL A 940 39.37 22.28 4.76
CA VAL A 940 40.43 21.44 4.22
C VAL A 940 41.62 22.28 3.79
N SER A 941 41.36 23.37 3.06
CA SER A 941 42.45 24.22 2.57
C SER A 941 43.17 24.92 3.73
N GLY A 942 42.41 25.39 4.72
CA GLY A 942 42.98 26.07 5.86
C GLY A 942 43.55 25.12 6.89
N LYS B 18 3.24 4.78 -74.57
CA LYS B 18 2.06 5.01 -73.75
C LYS B 18 1.44 3.69 -73.31
N THR B 19 1.75 2.62 -74.04
CA THR B 19 1.20 1.31 -73.72
C THR B 19 1.87 0.74 -72.48
N VAL B 20 1.08 0.53 -71.43
CA VAL B 20 1.60 0.00 -70.18
C VAL B 20 1.89 -1.48 -70.32
N ASP B 21 2.95 -1.95 -69.66
CA ASP B 21 3.27 -3.37 -69.67
C ASP B 21 2.11 -4.18 -69.11
N SER B 22 1.83 -5.32 -69.74
CA SER B 22 0.67 -6.12 -69.38
C SER B 22 0.82 -6.83 -68.04
N ARG B 23 2.02 -6.91 -67.49
CA ARG B 23 2.21 -7.63 -66.23
C ARG B 23 1.67 -6.86 -65.03
N ILE B 24 1.70 -5.53 -65.07
CA ILE B 24 1.20 -4.70 -63.97
C ILE B 24 -0.29 -4.92 -63.77
N PRO B 25 -1.16 -4.69 -64.76
CA PRO B 25 -2.59 -4.94 -64.53
C PRO B 25 -2.89 -6.40 -64.26
N THR B 26 -2.11 -7.33 -64.83
CA THR B 26 -2.33 -8.74 -64.56
C THR B 26 -2.10 -9.05 -63.08
N LEU B 27 -1.00 -8.56 -62.52
CA LEU B 27 -0.72 -8.79 -61.11
C LEU B 27 -1.76 -8.11 -60.23
N ILE B 28 -2.16 -6.88 -60.59
CA ILE B 28 -3.17 -6.18 -59.80
C ILE B 28 -4.49 -6.95 -59.80
N ARG B 29 -4.89 -7.46 -60.97
CA ARG B 29 -6.14 -8.21 -61.07
C ARG B 29 -6.07 -9.52 -60.30
N ASN B 30 -4.93 -10.21 -60.36
CA ASN B 30 -4.79 -11.46 -59.60
C ASN B 30 -4.87 -11.18 -58.10
N GLY B 31 -4.22 -10.11 -57.65
CA GLY B 31 -4.31 -9.76 -56.24
C GLY B 31 -5.73 -9.40 -55.82
N LEU B 32 -6.44 -8.66 -56.66
CA LEU B 32 -7.83 -8.32 -56.36
C LEU B 32 -8.71 -9.56 -56.31
N GLN B 33 -8.51 -10.49 -57.25
CA GLN B 33 -9.32 -11.71 -57.29
C GLN B 33 -9.07 -12.59 -56.07
N THR B 34 -7.80 -12.77 -55.71
CA THR B 34 -7.44 -13.66 -54.61
C THR B 34 -7.44 -12.93 -53.26
N LYS B 35 -7.62 -11.61 -53.27
CA LYS B 35 -7.61 -10.77 -52.08
C LYS B 35 -6.24 -10.83 -51.39
N LYS B 36 -5.21 -10.49 -52.17
CA LYS B 36 -3.84 -10.46 -51.70
C LYS B 36 -3.18 -9.17 -52.16
N ARG B 37 -2.18 -8.72 -51.41
CA ARG B 37 -1.55 -7.44 -51.65
C ARG B 37 -0.56 -7.53 -52.81
N SER B 38 -0.11 -6.37 -53.26
CA SER B 38 0.90 -6.27 -54.31
C SER B 38 1.99 -5.30 -53.87
N PHE B 39 3.22 -5.60 -54.28
CA PHE B 39 4.38 -4.81 -53.92
C PHE B 39 4.96 -4.18 -55.18
N PHE B 40 5.15 -2.86 -55.14
CA PHE B 40 5.76 -2.13 -56.25
C PHE B 40 6.86 -1.24 -55.71
N VAL B 41 7.99 -1.23 -56.40
CA VAL B 41 9.12 -0.37 -56.08
C VAL B 41 9.37 0.54 -57.27
N VAL B 42 9.42 1.85 -57.01
CA VAL B 42 9.55 2.86 -58.05
C VAL B 42 10.92 3.50 -57.94
N VAL B 43 11.62 3.63 -59.06
CA VAL B 43 12.92 4.26 -59.13
C VAL B 43 12.84 5.39 -60.16
N GLY B 44 13.19 6.59 -59.75
CA GLY B 44 13.15 7.73 -60.64
C GLY B 44 12.82 9.00 -59.88
N ASP B 45 12.71 10.09 -60.64
CA ASP B 45 12.40 11.40 -60.08
C ASP B 45 10.96 11.83 -60.32
N HIS B 46 10.15 11.00 -60.98
CA HIS B 46 8.75 11.35 -61.22
C HIS B 46 7.82 10.23 -60.75
N ALA B 47 8.03 9.76 -59.52
CA ALA B 47 7.22 8.69 -58.98
C ALA B 47 5.76 9.08 -58.81
N LYS B 48 5.44 10.38 -58.86
CA LYS B 48 4.05 10.81 -58.72
C LYS B 48 3.17 10.23 -59.82
N GLU B 49 3.65 10.29 -61.07
CA GLU B 49 2.88 9.75 -62.18
C GLU B 49 2.70 8.23 -62.05
N ALA B 50 3.75 7.53 -61.63
CA ALA B 50 3.65 6.09 -61.45
C ALA B 50 2.63 5.74 -60.38
N ILE B 51 2.63 6.46 -59.25
CA ILE B 51 1.67 6.20 -58.20
C ILE B 51 0.25 6.51 -58.68
N VAL B 52 0.08 7.61 -59.42
CA VAL B 52 -1.24 7.95 -59.93
C VAL B 52 -1.75 6.87 -60.86
N HIS B 53 -0.90 6.40 -61.78
CA HIS B 53 -1.30 5.35 -62.71
C HIS B 53 -1.65 4.06 -61.98
N LEU B 54 -0.84 3.68 -60.99
CA LEU B 54 -1.10 2.46 -60.23
C LEU B 54 -2.43 2.56 -59.48
N TYR B 55 -2.69 3.71 -58.85
CA TYR B 55 -3.95 3.87 -58.13
C TYR B 55 -5.14 3.84 -59.07
N TYR B 56 -5.02 4.47 -60.24
CA TYR B 56 -6.11 4.44 -61.21
C TYR B 56 -6.39 3.01 -61.66
N ILE B 57 -5.32 2.26 -61.99
CA ILE B 57 -5.50 0.89 -62.45
C ILE B 57 -6.14 0.03 -61.36
N MET B 58 -5.69 0.19 -60.12
CA MET B 58 -6.27 -0.59 -59.03
C MET B 58 -7.72 -0.24 -58.79
N SER B 59 -8.08 1.05 -58.87
CA SER B 59 -9.44 1.46 -58.53
C SER B 59 -10.42 1.16 -59.65
N SER B 60 -9.95 1.13 -60.91
CA SER B 60 -10.89 0.94 -62.02
C SER B 60 -11.48 -0.47 -62.07
N MET B 61 -10.92 -1.42 -61.31
CA MET B 61 -11.40 -2.79 -61.37
C MET B 61 -12.41 -3.13 -60.29
N ASP B 62 -12.28 -2.54 -59.10
CA ASP B 62 -13.12 -2.90 -57.97
C ASP B 62 -13.72 -1.67 -57.32
N VAL B 63 -14.84 -1.87 -56.63
CA VAL B 63 -15.51 -0.80 -55.91
C VAL B 63 -15.61 -1.06 -54.42
N ARG B 64 -15.59 -2.33 -53.98
CA ARG B 64 -15.68 -2.65 -52.56
C ARG B 64 -14.38 -2.40 -51.81
N GLN B 65 -13.27 -2.16 -52.53
CA GLN B 65 -11.97 -1.91 -51.90
C GLN B 65 -11.40 -0.63 -52.51
N ASN B 66 -11.77 0.51 -51.93
CA ASN B 66 -11.23 1.81 -52.33
C ASN B 66 -11.03 2.69 -51.11
N LYS B 67 -10.44 2.11 -50.06
CA LYS B 67 -10.34 2.80 -48.77
C LYS B 67 -9.30 3.91 -48.84
N SER B 68 -9.02 4.50 -47.69
CA SER B 68 -8.13 5.65 -47.61
C SER B 68 -6.69 5.25 -47.96
N VAL B 69 -5.91 6.25 -48.35
CA VAL B 69 -4.52 6.08 -48.74
C VAL B 69 -3.63 6.63 -47.64
N LEU B 70 -2.68 5.83 -47.18
CA LEU B 70 -1.76 6.23 -46.12
C LEU B 70 -0.45 6.70 -46.74
N TRP B 71 0.11 7.79 -46.19
CA TRP B 71 1.37 8.33 -46.65
C TRP B 71 2.27 8.55 -45.44
N ALA B 72 3.47 7.99 -45.48
CA ALA B 72 4.44 8.10 -44.40
C ALA B 72 5.74 8.68 -44.94
N TYR B 73 6.31 9.64 -44.21
CA TYR B 73 7.53 10.31 -44.65
C TYR B 73 8.22 10.91 -43.43
N LYS B 74 9.49 11.28 -43.63
CA LYS B 74 10.31 11.76 -42.52
C LYS B 74 10.05 13.22 -42.21
N LYS B 75 10.39 14.12 -43.13
CA LYS B 75 10.20 15.55 -42.90
C LYS B 75 9.49 16.26 -44.03
N GLU B 76 9.74 15.87 -45.28
CA GLU B 76 9.17 16.57 -46.42
C GLU B 76 8.42 15.64 -47.36
N PRO B 107 -1.82 15.84 -62.68
CA PRO B 107 -2.69 14.76 -62.20
C PRO B 107 -2.52 14.50 -60.71
N PHE B 108 -1.29 14.61 -60.20
CA PHE B 108 -1.07 14.42 -58.78
C PHE B 108 -1.79 15.48 -57.96
N GLU B 109 -1.81 16.73 -58.46
CA GLU B 109 -2.52 17.80 -57.77
C GLU B 109 -4.01 17.50 -57.68
N LEU B 110 -4.59 16.95 -58.74
CA LEU B 110 -5.99 16.52 -58.70
C LEU B 110 -6.14 15.23 -57.91
N PHE B 111 -5.13 14.35 -57.92
CA PHE B 111 -5.22 13.09 -57.20
C PHE B 111 -5.29 13.31 -55.70
N ILE B 112 -4.51 14.25 -55.16
CA ILE B 112 -4.51 14.47 -53.73
C ILE B 112 -5.76 15.20 -53.26
N SER B 113 -6.55 15.75 -54.18
CA SER B 113 -7.74 16.52 -53.82
C SER B 113 -9.03 15.72 -54.00
N LEU B 114 -8.94 14.41 -54.22
CA LEU B 114 -10.12 13.60 -54.45
C LEU B 114 -10.24 12.39 -53.53
N ASN B 115 -9.19 12.03 -52.79
CA ASN B 115 -9.22 10.84 -51.95
C ASN B 115 -8.73 11.19 -50.55
N ASP B 116 -9.20 10.41 -49.58
CA ASP B 116 -8.86 10.62 -48.18
C ASP B 116 -7.44 10.12 -47.93
N ILE B 117 -6.52 11.06 -47.72
CA ILE B 117 -5.11 10.74 -47.48
C ILE B 117 -4.76 11.14 -46.05
N ARG B 118 -4.24 10.19 -45.29
CA ARG B 118 -3.77 10.43 -43.92
C ARG B 118 -2.25 10.55 -43.96
N TYR B 119 -1.73 11.72 -43.59
CA TYR B 119 -0.30 11.95 -43.56
C TYR B 119 0.25 11.67 -42.18
N CYS B 120 1.28 10.84 -42.10
CA CYS B 120 1.88 10.42 -40.84
C CYS B 120 3.38 10.55 -40.92
N TYR B 121 4.00 10.90 -39.79
CA TYR B 121 5.44 10.97 -39.69
C TYR B 121 6.00 9.61 -39.30
N TYR B 122 7.30 9.43 -39.54
CA TYR B 122 7.94 8.17 -39.16
C TYR B 122 7.97 8.00 -37.65
N LYS B 123 8.03 9.09 -36.90
CA LYS B 123 7.99 9.03 -35.45
C LYS B 123 6.57 8.93 -34.90
N GLU B 124 5.56 9.19 -35.72
CA GLU B 124 4.16 9.18 -35.29
C GLU B 124 3.41 7.93 -35.78
N THR B 125 4.14 6.88 -36.18
CA THR B 125 3.49 5.69 -36.70
C THR B 125 2.72 4.92 -35.63
N ASP B 126 2.89 5.27 -34.35
CA ASP B 126 2.10 4.64 -33.30
C ASP B 126 0.64 5.09 -33.31
N LYS B 127 0.34 6.20 -34.00
CA LYS B 127 -1.02 6.72 -34.04
C LYS B 127 -1.90 6.02 -35.05
N ILE B 128 -1.32 5.30 -36.02
CA ILE B 128 -2.11 4.66 -37.06
C ILE B 128 -2.31 3.19 -36.71
N LEU B 129 -2.12 2.85 -35.44
CA LEU B 129 -2.30 1.47 -35.01
C LEU B 129 -3.77 1.10 -35.02
N GLY B 130 -4.11 -0.04 -35.62
CA GLY B 130 -5.45 -0.54 -35.64
C GLY B 130 -6.29 -0.11 -36.83
N ASN B 131 -5.77 0.75 -37.70
CA ASN B 131 -6.53 1.20 -38.86
C ASN B 131 -6.39 0.20 -40.01
N THR B 132 -7.06 0.51 -41.12
CA THR B 132 -7.00 -0.28 -42.33
C THR B 132 -7.03 0.66 -43.52
N TYR B 133 -6.07 0.50 -44.43
CA TYR B 133 -5.94 1.37 -45.59
C TYR B 133 -5.87 0.54 -46.86
N GLY B 134 -6.21 1.17 -47.98
CA GLY B 134 -6.20 0.51 -49.26
C GLY B 134 -4.93 0.73 -50.04
N MET B 135 -4.06 1.60 -49.55
CA MET B 135 -2.78 1.86 -50.20
C MET B 135 -1.85 2.55 -49.21
N CYS B 136 -0.59 2.11 -49.21
CA CYS B 136 0.43 2.67 -48.34
C CYS B 136 1.62 3.12 -49.18
N ILE B 137 2.18 4.28 -48.83
CA ILE B 137 3.29 4.87 -49.57
C ILE B 137 4.39 5.22 -48.58
N LEU B 138 5.62 4.85 -48.91
CA LEU B 138 6.80 5.23 -48.14
C LEU B 138 7.70 6.07 -49.03
N GLN B 139 8.05 7.27 -48.57
CA GLN B 139 8.73 8.25 -49.40
C GLN B 139 10.24 8.27 -49.19
N ASP B 140 10.68 8.50 -47.96
CA ASP B 140 12.11 8.66 -47.66
C ASP B 140 12.71 7.30 -47.34
N PHE B 141 13.49 6.75 -48.27
CA PHE B 141 14.18 5.49 -48.07
C PHE B 141 15.33 5.61 -47.07
N GLU B 142 15.77 6.83 -46.76
CA GLU B 142 17.00 7.02 -46.00
C GLU B 142 16.84 6.65 -44.53
N ALA B 143 15.61 6.69 -44.00
CA ALA B 143 15.40 6.54 -42.57
C ALA B 143 14.36 5.49 -42.20
N ILE B 144 13.99 4.60 -43.13
CA ILE B 144 12.97 3.60 -42.84
C ILE B 144 13.63 2.47 -42.06
N THR B 145 13.57 2.53 -40.74
CA THR B 145 14.05 1.45 -39.92
C THR B 145 13.09 0.27 -40.00
N PRO B 146 13.57 -0.94 -39.68
CA PRO B 146 12.67 -2.11 -39.72
C PRO B 146 11.43 -1.97 -38.86
N ASN B 147 11.52 -1.29 -37.72
CA ASN B 147 10.34 -1.09 -36.88
C ASN B 147 9.27 -0.29 -37.62
N ILE B 148 9.69 0.75 -38.35
CA ILE B 148 8.74 1.51 -39.16
C ILE B 148 8.16 0.63 -40.27
N LEU B 149 9.01 -0.16 -40.93
CA LEU B 149 8.59 -0.96 -42.07
C LEU B 149 7.57 -2.01 -41.67
N ALA B 150 7.76 -2.64 -40.50
CA ALA B 150 6.80 -3.64 -40.06
C ALA B 150 5.43 -3.02 -39.79
N ARG B 151 5.40 -1.81 -39.22
CA ARG B 151 4.14 -1.19 -38.84
C ARG B 151 3.40 -0.60 -40.04
N THR B 152 4.11 -0.03 -41.01
CA THR B 152 3.41 0.68 -42.08
C THR B 152 2.74 -0.26 -43.07
N ILE B 153 3.15 -1.52 -43.13
CA ILE B 153 2.66 -2.43 -44.16
C ILE B 153 1.51 -3.29 -43.67
N GLU B 154 1.49 -3.63 -42.38
CA GLU B 154 0.45 -4.52 -41.85
C GLU B 154 -0.94 -3.90 -41.86
N THR B 155 -1.05 -2.60 -42.12
CA THR B 155 -2.35 -1.92 -42.12
C THR B 155 -2.97 -1.82 -43.50
N VAL B 156 -2.54 -2.64 -44.45
CA VAL B 156 -3.12 -2.66 -45.79
C VAL B 156 -3.96 -3.92 -45.94
N GLU B 157 -5.20 -3.76 -46.37
CA GLU B 157 -6.09 -4.90 -46.56
C GLU B 157 -5.78 -5.62 -47.87
N GLY B 158 -6.33 -6.82 -48.01
CA GLY B 158 -6.08 -7.60 -49.21
C GLY B 158 -6.56 -6.89 -50.46
N GLY B 159 -5.78 -7.03 -51.53
CA GLY B 159 -6.08 -6.38 -52.79
C GLY B 159 -5.45 -5.02 -52.96
N GLY B 160 -4.81 -4.48 -51.93
CA GLY B 160 -4.22 -3.16 -52.00
C GLY B 160 -2.84 -3.18 -52.64
N LEU B 161 -2.20 -2.02 -52.60
CA LEU B 161 -0.87 -1.82 -53.15
C LEU B 161 0.07 -1.31 -52.08
N VAL B 162 1.32 -1.79 -52.11
CA VAL B 162 2.39 -1.29 -51.26
C VAL B 162 3.44 -0.70 -52.19
N VAL B 163 3.63 0.61 -52.12
CA VAL B 163 4.52 1.34 -53.02
C VAL B 163 5.68 1.89 -52.20
N LEU B 164 6.90 1.65 -52.67
CA LEU B 164 8.11 2.17 -52.04
C LEU B 164 8.85 3.04 -53.04
N LEU B 165 9.20 4.25 -52.63
CA LEU B 165 9.80 5.24 -53.50
C LEU B 165 11.31 5.26 -53.29
N LEU B 166 12.06 5.26 -54.40
CA LEU B 166 13.50 5.33 -54.38
C LEU B 166 13.98 6.60 -55.07
N LYS B 167 15.05 7.18 -54.56
CA LYS B 167 15.59 8.41 -55.10
C LYS B 167 16.15 8.17 -56.50
N GLY B 168 16.29 9.26 -57.25
CA GLY B 168 16.80 9.20 -58.61
C GLY B 168 18.19 8.60 -58.70
N MET B 169 18.35 7.59 -59.54
CA MET B 169 19.62 6.87 -59.64
C MET B 169 19.90 6.54 -61.10
N THR B 170 21.18 6.29 -61.39
CA THR B 170 21.60 5.77 -62.68
C THR B 170 21.86 4.27 -62.64
N SER B 171 22.38 3.76 -61.53
CA SER B 171 22.56 2.33 -61.32
C SER B 171 22.03 1.97 -59.93
N LEU B 172 21.52 0.74 -59.81
CA LEU B 172 20.93 0.29 -58.57
C LEU B 172 21.96 -0.19 -57.55
N LYS B 173 23.25 -0.02 -57.83
CA LYS B 173 24.28 -0.50 -56.93
C LYS B 173 24.70 0.54 -55.89
N GLN B 174 24.23 1.79 -56.01
CA GLN B 174 24.67 2.82 -55.06
C GLN B 174 24.05 2.65 -53.68
N LEU B 175 23.00 1.85 -53.54
CA LEU B 175 22.41 1.59 -52.24
C LEU B 175 23.27 0.67 -51.39
N TYR B 176 24.23 -0.04 -51.99
CA TYR B 176 25.02 -1.01 -51.24
C TYR B 176 25.83 -0.36 -50.12
N THR B 177 26.16 0.93 -50.24
CA THR B 177 26.93 1.60 -49.20
C THR B 177 26.41 3.02 -48.94
N MET B 178 25.18 3.32 -49.33
CA MET B 178 24.64 4.67 -49.14
C MET B 178 24.46 4.97 -47.66
N THR B 179 24.81 6.19 -47.26
CA THR B 179 24.69 6.58 -45.87
C THR B 179 23.23 6.69 -45.45
N MET B 180 22.96 6.34 -44.20
CA MET B 180 21.62 6.35 -43.64
C MET B 180 21.51 7.42 -42.55
N ASP B 181 20.27 7.71 -42.16
CA ASP B 181 20.02 8.67 -41.09
C ASP B 181 20.23 8.07 -39.70
N VAL B 182 20.47 6.76 -39.61
CA VAL B 182 20.73 6.11 -38.33
C VAL B 182 22.22 5.90 -38.09
N HIS B 183 23.04 5.90 -39.15
CA HIS B 183 24.47 5.66 -39.00
C HIS B 183 25.16 6.70 -38.14
N ALA B 184 24.54 7.86 -37.93
CA ALA B 184 25.15 8.90 -37.10
C ALA B 184 25.37 8.41 -35.68
N ARG B 185 24.37 7.72 -35.11
CA ARG B 185 24.52 7.18 -33.76
C ARG B 185 25.51 6.03 -33.68
N TYR B 186 25.82 5.39 -34.82
CA TYR B 186 26.75 4.26 -34.80
C TYR B 186 28.19 4.74 -34.63
N ARG B 187 28.55 5.86 -35.25
CA ARG B 187 29.93 6.31 -35.27
C ARG B 187 30.39 6.72 -33.88
N THR B 188 31.67 6.46 -33.60
CA THR B 188 32.29 6.75 -32.32
C THR B 188 33.61 7.47 -32.59
N GLU B 189 34.29 7.89 -31.52
CA GLU B 189 35.59 8.53 -31.66
C GLU B 189 36.63 7.55 -32.20
N ALA B 190 36.65 6.34 -31.65
CA ALA B 190 37.65 5.37 -32.07
C ALA B 190 37.35 4.81 -33.46
N HIS B 191 36.07 4.50 -33.73
CA HIS B 191 35.65 3.91 -35.01
C HIS B 191 34.72 4.89 -35.70
N ASP B 192 35.07 5.26 -36.94
CA ASP B 192 34.30 6.24 -37.70
C ASP B 192 33.85 5.76 -39.07
N ASP B 193 34.36 4.62 -39.55
CA ASP B 193 34.01 4.11 -40.87
C ASP B 193 32.95 3.02 -40.72
N VAL B 194 31.80 3.21 -41.35
CA VAL B 194 30.67 2.29 -41.25
C VAL B 194 30.33 1.79 -42.65
N ILE B 195 30.20 0.47 -42.78
CA ILE B 195 29.89 -0.18 -44.05
C ILE B 195 28.45 -0.65 -44.01
N ALA B 196 27.67 -0.29 -45.03
CA ALA B 196 26.26 -0.62 -45.08
C ALA B 196 26.05 -2.03 -45.63
N ARG B 197 25.25 -2.83 -44.93
CA ARG B 197 24.92 -4.18 -45.34
C ARG B 197 23.43 -4.48 -45.40
N PHE B 198 22.59 -3.74 -44.66
CA PHE B 198 21.16 -3.99 -44.69
C PHE B 198 20.57 -3.69 -46.05
N ASN B 199 21.01 -2.61 -46.70
CA ASN B 199 20.48 -2.25 -48.00
C ASN B 199 20.89 -3.22 -49.10
N GLU B 200 22.00 -3.95 -48.91
CA GLU B 200 22.34 -5.01 -49.85
C GLU B 200 21.32 -6.14 -49.80
N ARG B 201 21.03 -6.63 -48.58
CA ARG B 201 20.03 -7.67 -48.38
C ARG B 201 18.64 -7.22 -48.79
N PHE B 202 18.30 -5.95 -48.59
CA PHE B 202 16.99 -5.45 -48.98
C PHE B 202 16.76 -5.58 -50.48
N LEU B 203 17.75 -5.21 -51.30
CA LEU B 203 17.60 -5.37 -52.74
C LEU B 203 17.78 -6.80 -53.19
N LEU B 204 18.57 -7.60 -52.47
CA LEU B 204 18.75 -8.99 -52.86
C LEU B 204 17.51 -9.82 -52.59
N SER B 205 16.72 -9.45 -51.58
CA SER B 205 15.52 -10.19 -51.24
C SER B 205 14.31 -9.80 -52.08
N LEU B 206 14.40 -8.74 -52.89
CA LEU B 206 13.29 -8.34 -53.73
C LEU B 206 12.99 -9.38 -54.80
N GLY B 207 14.01 -10.10 -55.26
CA GLY B 207 13.83 -11.11 -56.27
C GLY B 207 13.26 -12.42 -55.80
N SER B 208 13.06 -12.58 -54.49
CA SER B 208 12.50 -13.79 -53.92
C SER B 208 11.00 -13.68 -53.67
N CYS B 209 10.39 -12.55 -54.02
CA CYS B 209 8.96 -12.32 -53.82
C CYS B 209 8.24 -12.44 -55.16
N GLU B 210 7.16 -13.21 -55.19
CA GLU B 210 6.43 -13.46 -56.42
C GLU B 210 5.40 -12.38 -56.73
N SER B 211 5.15 -11.46 -55.81
CA SER B 211 4.19 -10.38 -56.01
C SER B 211 4.84 -9.01 -56.08
N CYS B 212 6.15 -8.96 -56.30
CA CYS B 212 6.90 -7.71 -56.29
C CYS B 212 7.35 -7.36 -57.69
N LEU B 213 7.04 -6.13 -58.11
CA LEU B 213 7.48 -5.61 -59.40
C LEU B 213 8.30 -4.35 -59.17
N VAL B 214 9.43 -4.23 -59.86
CA VAL B 214 10.27 -3.05 -59.81
C VAL B 214 10.17 -2.35 -61.15
N ILE B 215 9.73 -1.09 -61.13
CA ILE B 215 9.49 -0.33 -62.35
C ILE B 215 10.24 0.99 -62.28
N ASP B 216 10.52 1.55 -63.44
CA ASP B 216 11.23 2.80 -63.58
C ASP B 216 10.25 3.96 -63.78
N ASP B 217 10.78 5.13 -64.13
CA ASP B 217 9.95 6.29 -64.41
C ASP B 217 9.08 6.06 -65.64
N GLU B 218 9.64 5.43 -66.67
CA GLU B 218 8.90 5.15 -67.90
C GLU B 218 8.10 3.85 -67.83
N LEU B 219 7.90 3.31 -66.62
CA LEU B 219 7.12 2.09 -66.40
C LEU B 219 7.73 0.90 -67.15
N ASN B 220 8.97 0.57 -66.80
CA ASN B 220 9.69 -0.54 -67.40
C ASN B 220 10.10 -1.53 -66.32
N VAL B 221 9.84 -2.82 -66.57
CA VAL B 221 10.17 -3.85 -65.60
C VAL B 221 11.67 -4.11 -65.61
N LEU B 222 12.23 -4.38 -64.42
CA LEU B 222 13.66 -4.63 -64.27
C LEU B 222 13.94 -6.10 -63.99
N PRO B 223 15.09 -6.60 -64.43
CA PRO B 223 15.47 -7.99 -64.13
C PRO B 223 15.44 -8.35 -62.65
N ILE B 224 15.76 -7.40 -61.78
CA ILE B 224 15.81 -7.70 -60.34
C ILE B 224 14.44 -8.11 -59.82
N SER B 225 13.36 -7.63 -60.44
CA SER B 225 12.02 -7.93 -59.98
C SER B 225 11.77 -9.43 -59.99
N GLY B 226 11.24 -9.94 -58.88
CA GLY B 226 10.97 -11.35 -58.70
C GLY B 226 9.59 -11.81 -59.11
N GLY B 227 8.81 -10.95 -59.76
CA GLY B 227 7.48 -11.33 -60.19
C GLY B 227 7.22 -11.04 -61.66
N LYS B 228 8.25 -11.17 -62.49
CA LYS B 228 8.09 -10.95 -63.92
C LYS B 228 7.57 -12.17 -64.65
N GLY B 229 7.43 -13.31 -63.97
CA GLY B 229 6.90 -14.53 -64.54
C GLY B 229 5.46 -14.82 -64.19
N VAL B 230 4.71 -13.86 -63.67
CA VAL B 230 3.33 -14.10 -63.25
C VAL B 230 2.44 -14.17 -64.48
N LYS B 231 1.62 -15.23 -64.54
CA LYS B 231 0.66 -15.44 -65.61
C LYS B 231 -0.76 -15.18 -65.11
N PRO B 232 -1.65 -14.69 -65.98
CA PRO B 232 -3.00 -14.34 -65.54
C PRO B 232 -3.76 -15.56 -65.00
N LEU B 233 -4.54 -15.31 -63.96
CA LEU B 233 -5.37 -16.35 -63.35
C LEU B 233 -6.67 -16.51 -64.12
N PRO B 234 -7.26 -17.71 -64.12
CA PRO B 234 -8.55 -17.89 -64.77
C PRO B 234 -9.64 -17.07 -64.10
N PRO B 235 -10.57 -16.52 -64.87
CA PRO B 235 -11.65 -15.72 -64.27
C PRO B 235 -12.61 -16.59 -63.51
N PRO B 236 -12.84 -16.31 -62.23
CA PRO B 236 -13.73 -17.13 -61.42
C PRO B 236 -15.20 -16.79 -61.65
N ASP B 237 -16.06 -17.69 -61.18
CA ASP B 237 -17.51 -17.50 -61.24
C ASP B 237 -18.06 -17.78 -59.84
N GLU B 238 -18.40 -16.71 -59.11
CA GLU B 238 -18.95 -16.81 -57.77
C GLU B 238 -20.46 -16.65 -57.74
N ASP B 239 -21.12 -16.73 -58.90
CA ASP B 239 -22.58 -16.64 -58.93
C ASP B 239 -23.21 -17.76 -58.13
N GLU B 240 -22.72 -18.99 -58.30
CA GLU B 240 -23.14 -20.13 -57.51
C GLU B 240 -22.03 -20.70 -56.64
N GLU B 241 -20.79 -20.69 -57.11
CA GLU B 241 -19.67 -21.20 -56.33
C GLU B 241 -19.41 -20.30 -55.13
N LEU B 242 -19.22 -20.91 -53.97
CA LEU B 242 -18.86 -20.20 -52.75
C LEU B 242 -17.75 -20.96 -52.05
N SER B 243 -16.87 -20.22 -51.38
CA SER B 243 -15.76 -20.84 -50.69
C SER B 243 -16.27 -21.71 -49.55
N PRO B 244 -15.64 -22.86 -49.28
CA PRO B 244 -16.08 -23.69 -48.15
C PRO B 244 -16.02 -22.96 -46.82
N ALA B 245 -15.02 -22.10 -46.61
CA ALA B 245 -14.93 -21.34 -45.38
C ALA B 245 -16.11 -20.39 -45.24
N ALA B 246 -16.52 -19.74 -46.34
CA ALA B 246 -17.68 -18.86 -46.30
C ALA B 246 -18.94 -19.62 -45.95
N LYS B 247 -19.12 -20.81 -46.53
CA LYS B 247 -20.28 -21.63 -46.21
C LYS B 247 -20.28 -22.04 -44.74
N GLU B 248 -19.11 -22.43 -44.22
CA GLU B 248 -19.02 -22.81 -42.80
C GLU B 248 -19.34 -21.62 -41.91
N LEU B 249 -18.82 -20.44 -42.24
CA LEU B 249 -19.11 -19.25 -41.45
C LEU B 249 -20.59 -18.91 -41.47
N LYS B 250 -21.22 -18.96 -42.64
CA LYS B 250 -22.65 -18.68 -42.73
C LYS B 250 -23.47 -19.69 -41.93
N LYS B 251 -23.10 -20.97 -42.01
CA LYS B 251 -23.82 -21.98 -41.23
C LYS B 251 -23.67 -21.73 -39.73
N ILE B 252 -22.46 -21.41 -39.28
CA ILE B 252 -22.25 -21.15 -37.86
C ILE B 252 -23.07 -19.96 -37.40
N LYS B 253 -23.11 -18.90 -38.22
CA LYS B 253 -23.92 -17.74 -37.87
C LYS B 253 -25.40 -18.09 -37.82
N ASP B 254 -25.88 -18.91 -38.77
CA ASP B 254 -27.31 -19.17 -38.87
C ASP B 254 -27.84 -20.13 -37.82
N GLU B 255 -27.06 -21.14 -37.42
CA GLU B 255 -27.59 -22.11 -36.47
C GLU B 255 -27.84 -21.53 -35.08
N LEU B 256 -27.37 -20.31 -34.79
CA LEU B 256 -27.60 -19.70 -33.50
C LEU B 256 -28.31 -18.36 -33.60
N GLU B 257 -29.05 -18.13 -34.69
CA GLU B 257 -29.73 -16.85 -34.88
C GLU B 257 -30.84 -16.66 -33.86
N ASP B 258 -31.55 -17.73 -33.51
CA ASP B 258 -32.73 -17.63 -32.66
C ASP B 258 -32.39 -17.45 -31.17
N THR B 259 -31.12 -17.54 -30.80
CA THR B 259 -30.70 -17.37 -29.41
C THR B 259 -30.14 -15.97 -29.21
N GLN B 260 -30.35 -15.42 -28.01
CA GLN B 260 -29.86 -14.10 -27.68
C GLN B 260 -29.06 -14.14 -26.37
N PRO B 261 -28.05 -13.27 -26.23
CA PRO B 261 -27.58 -12.24 -27.17
C PRO B 261 -26.54 -12.78 -28.15
N ILE B 262 -26.20 -14.07 -28.06
CA ILE B 262 -25.15 -14.63 -28.89
C ILE B 262 -25.51 -14.57 -30.36
N GLY B 263 -26.80 -14.64 -30.69
CA GLY B 263 -27.21 -14.57 -32.08
C GLY B 263 -26.89 -13.24 -32.71
N SER B 264 -27.09 -12.14 -31.97
CA SER B 264 -26.76 -10.82 -32.50
C SER B 264 -25.27 -10.55 -32.48
N LEU B 265 -24.54 -11.10 -31.49
CA LEU B 265 -23.12 -10.85 -31.37
C LEU B 265 -22.29 -11.64 -32.38
N ILE B 266 -22.73 -12.85 -32.73
CA ILE B 266 -21.95 -13.70 -33.64
C ILE B 266 -21.89 -13.11 -35.03
N LYS B 267 -22.75 -12.14 -35.35
CA LYS B 267 -22.72 -11.48 -36.65
C LYS B 267 -21.55 -10.52 -36.80
N LEU B 268 -20.61 -10.51 -35.86
CA LEU B 268 -19.45 -9.64 -35.91
C LEU B 268 -18.19 -10.35 -36.39
N ALA B 269 -18.11 -11.67 -36.21
CA ALA B 269 -16.92 -12.42 -36.57
C ALA B 269 -16.71 -12.43 -38.08
N ARG B 270 -15.46 -12.57 -38.50
CA ARG B 270 -15.10 -12.63 -39.91
C ARG B 270 -14.41 -13.93 -40.31
N THR B 271 -13.82 -14.66 -39.38
CA THR B 271 -13.19 -15.94 -39.67
C THR B 271 -13.83 -17.03 -38.82
N VAL B 272 -13.64 -18.28 -39.23
CA VAL B 272 -14.20 -19.40 -38.49
C VAL B 272 -13.54 -19.52 -37.12
N ASP B 273 -12.23 -19.29 -37.05
CA ASP B 273 -11.51 -19.36 -35.78
C ASP B 273 -11.99 -18.29 -34.82
N GLN B 274 -12.26 -17.08 -35.33
CA GLN B 274 -12.83 -16.03 -34.48
C GLN B 274 -14.18 -16.44 -33.92
N ALA B 275 -15.02 -17.05 -34.76
CA ALA B 275 -16.32 -17.51 -34.31
C ALA B 275 -16.19 -18.57 -33.23
N LYS B 276 -15.26 -19.52 -33.40
CA LYS B 276 -15.06 -20.54 -32.38
C LYS B 276 -14.53 -19.96 -31.09
N ALA B 277 -13.62 -18.98 -31.16
CA ALA B 277 -13.12 -18.33 -29.96
C ALA B 277 -14.24 -17.60 -29.23
N LEU B 278 -15.09 -16.88 -29.97
CA LEU B 278 -16.23 -16.22 -29.36
C LEU B 278 -17.19 -17.22 -28.73
N LEU B 279 -17.41 -18.37 -29.39
CA LEU B 279 -18.27 -19.39 -28.82
C LEU B 279 -17.69 -19.90 -27.51
N THR B 280 -16.39 -20.15 -27.45
CA THR B 280 -15.78 -20.61 -26.21
C THR B 280 -15.89 -19.56 -25.11
N PHE B 281 -15.63 -18.30 -25.44
CA PHE B 281 -15.74 -17.22 -24.44
C PHE B 281 -17.15 -17.12 -23.90
N VAL B 282 -18.15 -17.11 -24.79
CA VAL B 282 -19.53 -16.96 -24.35
C VAL B 282 -20.00 -18.19 -23.58
N ASP B 283 -19.55 -19.38 -23.97
CA ASP B 283 -19.88 -20.58 -23.22
C ASP B 283 -19.31 -20.52 -21.81
N ALA B 284 -18.09 -20.01 -21.67
CA ALA B 284 -17.52 -19.83 -20.34
C ALA B 284 -18.31 -18.81 -19.53
N ILE B 285 -18.72 -17.71 -20.16
CA ILE B 285 -19.41 -16.63 -19.45
C ILE B 285 -20.79 -17.09 -18.99
N ALA B 286 -21.57 -17.69 -19.90
CA ALA B 286 -22.95 -18.04 -19.61
C ALA B 286 -23.07 -19.18 -18.62
N GLU B 287 -22.00 -19.94 -18.40
CA GLU B 287 -22.03 -21.01 -17.40
C GLU B 287 -22.24 -20.45 -16.00
N LYS B 288 -21.91 -19.18 -15.77
CA LYS B 288 -22.08 -18.52 -14.48
C LYS B 288 -21.34 -19.24 -13.37
N THR B 289 -20.25 -19.92 -13.72
CA THR B 289 -19.32 -20.50 -12.76
C THR B 289 -17.97 -19.83 -12.97
N LEU B 290 -17.39 -19.33 -11.88
CA LEU B 290 -16.17 -18.52 -11.94
C LEU B 290 -14.91 -19.37 -11.82
N ARG B 291 -14.95 -20.63 -12.23
CA ARG B 291 -13.82 -21.53 -12.16
C ARG B 291 -13.27 -21.87 -13.55
N ASN B 292 -13.21 -20.87 -14.43
CA ASN B 292 -12.80 -21.08 -15.81
C ASN B 292 -11.64 -20.16 -16.17
N THR B 293 -10.86 -20.60 -17.16
CA THR B 293 -9.74 -19.81 -17.69
C THR B 293 -9.56 -20.20 -19.14
N VAL B 294 -9.46 -19.19 -20.02
CA VAL B 294 -9.27 -19.41 -21.44
C VAL B 294 -8.03 -18.62 -21.89
N THR B 295 -7.08 -19.32 -22.51
CA THR B 295 -5.86 -18.71 -23.02
C THR B 295 -5.86 -18.80 -24.53
N LEU B 296 -5.72 -17.66 -25.20
CA LEU B 296 -5.75 -17.58 -26.65
C LEU B 296 -4.40 -17.08 -27.15
N THR B 297 -3.78 -17.86 -28.05
CA THR B 297 -2.49 -17.51 -28.62
C THR B 297 -2.55 -17.58 -30.13
N ALA B 298 -1.92 -16.63 -30.79
CA ALA B 298 -1.92 -16.55 -32.25
C ALA B 298 -0.83 -15.57 -32.68
N ALA B 299 -0.71 -15.38 -33.98
CA ALA B 299 0.24 -14.42 -34.53
C ALA B 299 -0.33 -13.01 -34.41
N ARG B 300 0.31 -12.05 -35.06
CA ARG B 300 -0.16 -10.67 -35.04
C ARG B 300 -1.12 -10.43 -36.19
N GLY B 301 -2.35 -10.03 -35.87
CA GLY B 301 -3.36 -9.77 -36.85
C GLY B 301 -4.41 -10.86 -37.03
N ARG B 302 -4.57 -11.74 -36.05
CA ARG B 302 -5.50 -12.85 -36.17
C ARG B 302 -6.87 -12.59 -35.54
N GLY B 303 -7.00 -11.59 -34.69
CA GLY B 303 -8.30 -11.25 -34.15
C GLY B 303 -8.54 -11.64 -32.71
N LYS B 304 -7.54 -11.46 -31.84
CA LYS B 304 -7.72 -11.80 -30.43
C LYS B 304 -8.32 -10.64 -29.65
N SER B 305 -7.84 -9.42 -29.91
CA SER B 305 -8.35 -8.25 -29.18
C SER B 305 -9.82 -8.01 -29.49
N ALA B 306 -10.22 -8.10 -30.76
CA ALA B 306 -11.62 -7.89 -31.11
C ALA B 306 -12.50 -8.98 -30.51
N ALA B 307 -12.03 -10.23 -30.53
CA ALA B 307 -12.81 -11.32 -29.94
C ALA B 307 -13.01 -11.11 -28.45
N MET B 308 -11.95 -10.72 -27.73
CA MET B 308 -12.10 -10.45 -26.30
C MET B 308 -12.97 -9.23 -26.04
N GLY B 309 -12.90 -8.21 -26.90
CA GLY B 309 -13.78 -7.07 -26.75
C GLY B 309 -15.24 -7.43 -26.88
N VAL B 310 -15.57 -8.27 -27.86
CA VAL B 310 -16.96 -8.71 -28.03
C VAL B 310 -17.38 -9.60 -26.86
N ALA B 311 -16.46 -10.45 -26.37
CA ALA B 311 -16.77 -11.25 -25.19
C ALA B 311 -17.04 -10.38 -23.97
N ILE B 312 -16.38 -9.23 -23.86
CA ILE B 312 -16.67 -8.32 -22.75
C ILE B 312 -18.09 -7.80 -22.84
N ALA B 313 -18.55 -7.43 -24.03
CA ALA B 313 -19.93 -7.00 -24.20
C ALA B 313 -20.91 -8.12 -23.88
N ALA B 314 -20.59 -9.35 -24.28
CA ALA B 314 -21.44 -10.48 -23.91
C ALA B 314 -21.52 -10.63 -22.39
N ALA B 315 -20.38 -10.51 -21.71
CA ALA B 315 -20.37 -10.60 -20.25
C ALA B 315 -21.20 -9.49 -19.61
N VAL B 316 -21.11 -8.28 -20.15
CA VAL B 316 -21.92 -7.17 -19.63
C VAL B 316 -23.39 -7.46 -19.81
N ALA B 317 -23.78 -7.93 -21.00
CA ALA B 317 -25.17 -8.26 -21.27
C ALA B 317 -25.66 -9.45 -20.47
N TYR B 318 -24.77 -10.28 -19.94
CA TYR B 318 -25.16 -11.43 -19.15
C TYR B 318 -25.28 -11.12 -17.66
N GLY B 319 -25.10 -9.87 -17.26
CA GLY B 319 -25.29 -9.46 -15.88
C GLY B 319 -24.05 -9.41 -15.02
N TYR B 320 -22.89 -9.07 -15.59
CA TYR B 320 -21.67 -8.97 -14.82
C TYR B 320 -21.46 -7.54 -14.33
N SER B 321 -21.00 -7.40 -13.10
CA SER B 321 -20.87 -6.10 -12.46
C SER B 321 -19.43 -5.60 -12.41
N ASN B 322 -18.50 -6.42 -11.91
CA ASN B 322 -17.11 -6.02 -11.72
C ASN B 322 -16.26 -6.65 -12.83
N ILE B 323 -15.72 -5.81 -13.71
CA ILE B 323 -14.90 -6.27 -14.84
C ILE B 323 -13.63 -5.43 -14.85
N PHE B 324 -12.47 -6.10 -14.84
CA PHE B 324 -11.18 -5.45 -14.77
C PHE B 324 -10.33 -5.85 -15.97
N ILE B 325 -9.61 -4.89 -16.53
CA ILE B 325 -8.77 -5.11 -17.70
C ILE B 325 -7.36 -4.61 -17.40
N THR B 326 -6.36 -5.47 -17.65
CA THR B 326 -4.96 -5.13 -17.43
C THR B 326 -4.17 -5.40 -18.70
N SER B 327 -3.10 -4.64 -18.89
CA SER B 327 -2.21 -4.81 -20.03
C SER B 327 -0.88 -4.16 -19.71
N PRO B 328 0.21 -4.56 -20.38
CA PRO B 328 1.49 -3.88 -20.15
C PRO B 328 1.45 -2.39 -20.42
N SER B 329 0.73 -1.96 -21.45
CA SER B 329 0.60 -0.56 -21.80
C SER B 329 -0.85 -0.25 -22.13
N PRO B 330 -1.32 0.97 -21.82
CA PRO B 330 -2.69 1.34 -22.18
C PRO B 330 -2.90 1.56 -23.67
N GLU B 331 -1.86 1.41 -24.49
CA GLU B 331 -2.04 1.48 -25.95
C GLU B 331 -2.43 0.13 -26.54
N ASN B 332 -2.49 -0.92 -25.73
CA ASN B 332 -2.84 -2.25 -26.23
C ASN B 332 -4.35 -2.48 -26.26
N LEU B 333 -5.14 -1.56 -25.72
CA LEU B 333 -6.58 -1.74 -25.58
C LEU B 333 -7.38 -0.92 -26.59
N LYS B 334 -6.70 -0.34 -27.59
CA LYS B 334 -7.37 0.56 -28.52
C LYS B 334 -8.48 -0.13 -29.31
N THR B 335 -8.23 -1.35 -29.77
CA THR B 335 -9.25 -2.10 -30.50
C THR B 335 -10.18 -2.89 -29.59
N LEU B 336 -9.68 -3.32 -28.43
CA LEU B 336 -10.56 -3.98 -27.46
C LEU B 336 -11.70 -3.07 -27.04
N PHE B 337 -11.38 -1.81 -26.71
CA PHE B 337 -12.42 -0.88 -26.29
C PHE B 337 -13.26 -0.40 -27.46
N GLU B 338 -12.78 -0.51 -28.70
CA GLU B 338 -13.63 -0.21 -29.84
C GLU B 338 -14.65 -1.31 -30.07
N PHE B 339 -14.24 -2.57 -29.97
CA PHE B 339 -15.18 -3.66 -30.16
C PHE B 339 -16.12 -3.86 -28.99
N VAL B 340 -15.75 -3.41 -27.78
CA VAL B 340 -16.72 -3.38 -26.70
C VAL B 340 -17.90 -2.48 -27.07
N PHE B 341 -17.61 -1.28 -27.59
CA PHE B 341 -18.67 -0.38 -28.02
C PHE B 341 -19.41 -0.92 -29.24
N LYS B 342 -18.72 -1.63 -30.13
CA LYS B 342 -19.41 -2.25 -31.25
C LYS B 342 -20.42 -3.29 -30.78
N GLY B 343 -20.04 -4.12 -29.80
CA GLY B 343 -21.00 -5.04 -29.21
C GLY B 343 -22.15 -4.35 -28.52
N PHE B 344 -21.87 -3.24 -27.81
CA PHE B 344 -22.95 -2.48 -27.20
C PHE B 344 -23.92 -1.95 -28.26
N ASP B 345 -23.39 -1.44 -29.37
CA ASP B 345 -24.25 -0.98 -30.46
C ASP B 345 -25.08 -2.12 -31.05
N ALA B 346 -24.47 -3.29 -31.22
CA ALA B 346 -25.21 -4.45 -31.69
C ALA B 346 -26.23 -4.95 -30.68
N LEU B 347 -26.13 -4.53 -29.41
CA LEU B 347 -27.10 -4.90 -28.39
C LEU B 347 -28.16 -3.83 -28.17
N ASP B 348 -28.25 -2.85 -29.06
CA ASP B 348 -29.25 -1.78 -29.04
C ASP B 348 -29.10 -0.84 -27.86
N TYR B 349 -27.93 -0.80 -27.22
CA TYR B 349 -27.70 0.19 -26.17
C TYR B 349 -27.53 1.57 -26.78
N LYS B 350 -27.93 2.59 -26.02
CA LYS B 350 -27.88 3.97 -26.47
C LYS B 350 -26.85 4.76 -25.67
N ASP B 351 -26.12 5.63 -26.37
CA ASP B 351 -25.10 6.44 -25.72
C ASP B 351 -25.72 7.53 -24.87
N HIS B 352 -25.06 7.85 -23.76
CA HIS B 352 -25.43 8.94 -22.86
C HIS B 352 -26.79 8.71 -22.21
N ALA B 353 -27.36 7.53 -22.41
CA ALA B 353 -28.63 7.17 -21.77
C ALA B 353 -28.50 5.85 -21.04
N ASP B 354 -27.71 4.94 -21.59
CA ASP B 354 -27.49 3.63 -21.00
C ASP B 354 -26.07 3.41 -20.49
N TYR B 355 -25.09 4.14 -21.01
CA TYR B 355 -23.72 4.01 -20.54
C TYR B 355 -22.99 5.34 -20.76
N THR B 356 -21.92 5.53 -20.00
CA THR B 356 -21.07 6.70 -20.13
C THR B 356 -19.61 6.28 -20.11
N ILE B 357 -18.77 7.02 -20.83
CA ILE B 357 -17.36 6.71 -21.00
C ILE B 357 -16.52 7.73 -20.24
N ILE B 358 -15.64 7.24 -19.38
CA ILE B 358 -14.73 8.08 -18.60
C ILE B 358 -13.33 7.92 -19.16
N GLN B 359 -12.74 9.04 -19.59
CA GLN B 359 -11.45 9.03 -20.27
C GLN B 359 -10.44 9.84 -19.48
N SER B 360 -9.22 9.32 -19.37
CA SER B 360 -8.17 9.94 -18.58
C SER B 360 -7.46 10.98 -19.44
N THR B 361 -7.92 12.23 -19.34
CA THR B 361 -7.34 13.31 -20.14
C THR B 361 -6.02 13.81 -19.56
N ASN B 362 -5.87 13.77 -18.23
CA ASN B 362 -4.75 14.45 -17.59
C ASN B 362 -3.39 13.90 -18.01
N PRO B 363 -3.13 12.58 -18.02
CA PRO B 363 -1.80 12.11 -18.45
C PRO B 363 -1.59 12.25 -19.95
N GLU B 364 -0.42 11.82 -20.43
CA GLU B 364 -0.11 11.94 -21.84
C GLU B 364 -1.04 11.09 -22.71
N PHE B 365 -1.35 9.87 -22.28
CA PHE B 365 -2.26 9.02 -23.03
C PHE B 365 -3.69 9.49 -22.87
N ASN B 366 -4.05 10.58 -23.56
CA ASN B 366 -5.39 11.14 -23.42
C ASN B 366 -6.45 10.17 -23.91
N LYS B 367 -6.20 9.50 -25.04
CA LYS B 367 -7.21 8.61 -25.63
C LYS B 367 -7.42 7.33 -24.83
N ALA B 368 -6.58 7.07 -23.83
CA ALA B 368 -6.70 5.82 -23.07
C ALA B 368 -7.95 5.85 -22.19
N ILE B 369 -8.92 5.00 -22.52
CA ILE B 369 -10.11 4.84 -21.70
C ILE B 369 -9.71 4.17 -20.39
N VAL B 370 -10.31 4.61 -19.29
CA VAL B 370 -9.94 4.09 -17.98
C VAL B 370 -11.15 3.46 -17.28
N ARG B 371 -12.35 3.92 -17.63
CA ARG B 371 -13.54 3.44 -16.93
C ARG B 371 -14.76 3.64 -17.82
N VAL B 372 -15.67 2.66 -17.78
CA VAL B 372 -16.95 2.72 -18.47
C VAL B 372 -18.04 2.31 -17.49
N ASN B 373 -19.09 3.13 -17.38
CA ASN B 373 -20.18 2.89 -16.45
C ASN B 373 -21.45 2.55 -17.21
N ILE B 374 -22.18 1.55 -16.71
CA ILE B 374 -23.41 1.07 -17.34
C ILE B 374 -24.51 1.07 -16.29
N HIS B 375 -25.64 1.69 -16.62
CA HIS B 375 -26.78 1.84 -15.70
C HIS B 375 -28.08 1.50 -16.39
N ARG B 376 -28.13 0.34 -17.07
CA ARG B 376 -29.35 -0.08 -17.73
C ARG B 376 -30.37 -0.60 -16.71
N ASN B 377 -30.03 -1.69 -16.02
CA ASN B 377 -30.88 -2.23 -14.96
C ASN B 377 -30.29 -1.95 -13.57
N HIS B 378 -29.07 -2.40 -13.33
CA HIS B 378 -28.32 -2.04 -12.14
C HIS B 378 -26.93 -1.58 -12.56
N ARG B 379 -26.23 -0.91 -11.66
CA ARG B 379 -24.97 -0.28 -12.01
C ARG B 379 -23.90 -1.33 -12.28
N GLN B 380 -23.25 -1.20 -13.44
CA GLN B 380 -22.14 -2.06 -13.85
C GLN B 380 -21.00 -1.18 -14.36
N THR B 381 -19.77 -1.67 -14.21
CA THR B 381 -18.61 -0.88 -14.57
C THR B 381 -17.54 -1.77 -15.21
N ILE B 382 -16.68 -1.13 -15.99
CA ILE B 382 -15.52 -1.75 -16.62
C ILE B 382 -14.32 -0.87 -16.33
N GLN B 383 -13.32 -1.42 -15.64
CA GLN B 383 -12.20 -0.64 -15.14
C GLN B 383 -10.87 -1.14 -15.69
N TYR B 384 -9.99 -0.21 -16.06
CA TYR B 384 -8.65 -0.51 -16.49
C TYR B 384 -7.67 -0.20 -15.37
N ILE B 385 -6.84 -1.18 -15.01
CA ILE B 385 -5.88 -1.05 -13.92
C ILE B 385 -4.50 -1.43 -14.43
N ARG B 386 -3.49 -1.10 -13.62
CA ARG B 386 -2.12 -1.49 -13.90
C ARG B 386 -1.85 -2.89 -13.33
N PRO B 387 -0.88 -3.61 -13.90
CA PRO B 387 -0.61 -4.97 -13.41
C PRO B 387 -0.16 -5.04 -11.96
N GLN B 388 0.30 -3.93 -11.39
CA GLN B 388 0.75 -3.90 -10.00
C GLN B 388 -0.37 -3.59 -9.03
N ASP B 389 -1.61 -3.45 -9.49
CA ASP B 389 -2.75 -3.08 -8.66
C ASP B 389 -3.64 -4.26 -8.33
N ALA B 390 -3.04 -5.42 -8.06
CA ALA B 390 -3.81 -6.63 -7.79
C ALA B 390 -4.59 -6.57 -6.49
N HIS B 391 -4.35 -5.57 -5.64
CA HIS B 391 -5.05 -5.48 -4.36
C HIS B 391 -6.48 -4.96 -4.49
N VAL B 392 -6.89 -4.49 -5.68
CA VAL B 392 -8.23 -3.97 -5.88
C VAL B 392 -9.19 -5.02 -6.44
N LEU B 393 -8.72 -6.25 -6.67
CA LEU B 393 -9.53 -7.29 -7.28
C LEU B 393 -10.25 -8.16 -6.26
N GLY B 394 -10.59 -7.62 -5.10
CA GLY B 394 -11.28 -8.41 -4.09
C GLY B 394 -12.68 -8.82 -4.51
N GLN B 395 -13.35 -7.95 -5.27
CA GLN B 395 -14.74 -8.17 -5.67
C GLN B 395 -14.90 -8.46 -7.15
N ALA B 396 -13.80 -8.82 -7.83
CA ALA B 396 -13.83 -8.99 -9.27
C ALA B 396 -14.64 -10.21 -9.68
N GLU B 397 -15.10 -10.20 -10.94
CA GLU B 397 -15.83 -11.33 -11.50
C GLU B 397 -15.22 -11.75 -12.83
N LEU B 398 -14.56 -10.82 -13.51
CA LEU B 398 -13.92 -11.13 -14.79
C LEU B 398 -12.71 -10.23 -14.95
N VAL B 399 -11.53 -10.82 -15.12
CA VAL B 399 -10.29 -10.11 -15.33
C VAL B 399 -9.74 -10.52 -16.70
N VAL B 400 -9.50 -9.53 -17.56
CA VAL B 400 -8.98 -9.77 -18.90
C VAL B 400 -7.55 -9.25 -18.94
N ILE B 401 -6.61 -10.14 -19.24
CA ILE B 401 -5.19 -9.80 -19.28
C ILE B 401 -4.76 -9.86 -20.74
N ASP B 402 -4.66 -8.70 -21.37
CA ASP B 402 -4.17 -8.62 -22.74
C ASP B 402 -2.65 -8.63 -22.76
N GLU B 403 -2.08 -9.38 -23.71
CA GLU B 403 -0.63 -9.52 -23.84
C GLU B 403 -0.03 -10.06 -22.54
N ALA B 404 -0.44 -11.27 -22.18
CA ALA B 404 -0.02 -11.86 -20.91
C ALA B 404 1.42 -12.33 -20.92
N ALA B 405 2.01 -12.54 -22.10
CA ALA B 405 3.40 -13.00 -22.18
C ALA B 405 4.40 -11.88 -21.91
N ALA B 406 4.04 -10.64 -22.21
CA ALA B 406 4.93 -9.51 -22.02
C ALA B 406 4.93 -8.98 -20.59
N ILE B 407 4.15 -9.58 -19.69
CA ILE B 407 4.11 -9.18 -18.29
C ILE B 407 5.07 -10.08 -17.51
N PRO B 408 5.83 -9.55 -16.57
CA PRO B 408 6.66 -10.41 -15.71
C PRO B 408 5.81 -11.44 -14.99
N LEU B 409 6.35 -12.65 -14.88
CA LEU B 409 5.57 -13.79 -14.40
C LEU B 409 4.99 -13.60 -13.00
N PRO B 410 5.72 -13.08 -12.01
CA PRO B 410 5.09 -12.90 -10.68
C PRO B 410 3.87 -12.01 -10.68
N LEU B 411 3.83 -10.98 -11.53
CA LEU B 411 2.64 -10.14 -11.61
C LEU B 411 1.43 -10.95 -12.09
N VAL B 412 1.61 -11.76 -13.12
CA VAL B 412 0.52 -12.63 -13.58
C VAL B 412 0.14 -13.62 -12.49
N LYS B 413 1.13 -14.17 -11.79
CA LYS B 413 0.86 -15.10 -10.70
C LYS B 413 0.03 -14.45 -9.59
N LYS B 414 0.22 -13.15 -9.35
CA LYS B 414 -0.56 -12.44 -8.36
C LYS B 414 -1.90 -11.93 -8.90
N LEU B 415 -2.08 -11.89 -10.21
CA LEU B 415 -3.38 -11.49 -10.76
C LEU B 415 -4.38 -12.63 -10.82
N MET B 416 -3.96 -13.86 -10.59
CA MET B 416 -4.88 -15.01 -10.59
C MET B 416 -5.68 -15.00 -9.30
N GLY B 417 -7.00 -15.15 -9.41
CA GLY B 417 -7.86 -15.20 -8.26
C GLY B 417 -8.93 -16.26 -8.41
N PRO B 418 -9.93 -16.23 -7.53
CA PRO B 418 -11.07 -17.15 -7.65
C PRO B 418 -12.19 -16.58 -8.51
N TYR B 419 -11.87 -16.28 -9.76
CA TYR B 419 -12.85 -15.72 -10.69
C TYR B 419 -12.48 -16.17 -12.10
N LEU B 420 -13.05 -15.50 -13.10
CA LEU B 420 -12.94 -15.90 -14.49
C LEU B 420 -11.90 -15.02 -15.19
N VAL B 421 -10.95 -15.66 -15.88
CA VAL B 421 -9.80 -14.98 -16.45
C VAL B 421 -9.74 -15.24 -17.95
N PHE B 422 -9.48 -14.19 -18.72
CA PHE B 422 -9.25 -14.27 -20.16
C PHE B 422 -7.84 -13.80 -20.47
N MET B 423 -7.09 -14.60 -21.23
CA MET B 423 -5.73 -14.25 -21.60
C MET B 423 -5.56 -14.32 -23.10
N ALA B 424 -4.80 -13.37 -23.64
CA ALA B 424 -4.38 -13.37 -25.03
C ALA B 424 -2.89 -13.07 -25.10
N SER B 425 -2.22 -13.69 -26.08
CA SER B 425 -0.79 -13.54 -26.20
C SER B 425 -0.38 -13.62 -27.67
N THR B 426 0.73 -12.98 -28.00
CA THR B 426 1.30 -13.01 -29.34
C THR B 426 2.53 -13.90 -29.33
N ILE B 427 2.57 -14.84 -30.27
CA ILE B 427 3.64 -15.83 -30.33
C ILE B 427 4.54 -15.68 -31.55
N SER B 428 4.15 -14.88 -32.53
CA SER B 428 4.96 -14.69 -33.73
C SER B 428 4.67 -13.30 -34.28
N GLY B 429 5.23 -13.00 -35.45
CA GLY B 429 5.01 -11.72 -36.05
C GLY B 429 5.74 -10.60 -35.32
N TYR B 430 5.40 -9.38 -35.72
CA TYR B 430 6.02 -8.19 -35.13
C TYR B 430 5.64 -8.07 -33.66
N GLU B 431 6.60 -7.62 -32.85
CA GLU B 431 6.40 -7.40 -31.42
C GLU B 431 5.99 -8.67 -30.69
N GLY B 432 6.46 -9.82 -31.16
CA GLY B 432 6.14 -11.08 -30.53
C GLY B 432 7.00 -11.35 -29.31
N THR B 433 6.68 -12.45 -28.63
CA THR B 433 7.36 -12.85 -27.41
C THR B 433 8.17 -14.10 -27.66
N GLY B 434 9.33 -14.20 -27.02
CA GLY B 434 10.17 -15.37 -27.18
C GLY B 434 9.52 -16.62 -26.66
N ARG B 435 9.89 -17.76 -27.27
CA ARG B 435 9.23 -19.02 -26.98
C ARG B 435 9.48 -19.49 -25.54
N SER B 436 10.64 -19.15 -24.97
CA SER B 436 10.92 -19.56 -23.60
C SER B 436 9.96 -18.93 -22.60
N LEU B 437 9.69 -17.63 -22.76
CA LEU B 437 8.75 -16.95 -21.87
C LEU B 437 7.35 -17.53 -21.98
N SER B 438 6.89 -17.78 -23.21
CA SER B 438 5.57 -18.37 -23.40
C SER B 438 5.50 -19.76 -22.80
N LEU B 439 6.55 -20.55 -22.98
CA LEU B 439 6.56 -21.90 -22.41
C LEU B 439 6.48 -21.84 -20.89
N LYS B 440 7.23 -20.92 -20.27
CA LYS B 440 7.13 -20.75 -18.82
C LYS B 440 5.73 -20.36 -18.40
N LEU B 441 5.09 -19.44 -19.13
CA LEU B 441 3.75 -18.98 -18.77
C LEU B 441 2.74 -20.13 -18.83
N ILE B 442 2.69 -20.85 -19.95
CA ILE B 442 1.75 -21.95 -20.06
C ILE B 442 2.08 -23.08 -19.09
N LYS B 443 3.37 -23.34 -18.81
CA LYS B 443 3.70 -24.36 -17.82
C LYS B 443 3.19 -23.97 -16.44
N GLN B 444 3.33 -22.69 -16.06
CA GLN B 444 2.80 -22.26 -14.77
C GLN B 444 1.28 -22.37 -14.73
N LEU B 445 0.60 -21.99 -15.81
CA LEU B 445 -0.87 -22.11 -15.83
C LEU B 445 -1.30 -23.56 -15.71
N ARG B 446 -0.62 -24.47 -16.40
CA ARG B 446 -0.96 -25.89 -16.29
C ARG B 446 -0.64 -26.42 -14.90
N GLU B 447 0.42 -25.90 -14.27
CA GLU B 447 0.73 -26.30 -12.90
C GLU B 447 -0.35 -25.87 -11.93
N GLN B 448 -0.91 -24.66 -12.12
CA GLN B 448 -1.94 -24.17 -11.21
C GLN B 448 -3.20 -25.04 -11.25
N SER B 449 -3.62 -25.45 -12.44
CA SER B 449 -4.82 -26.27 -12.59
C SER B 449 -4.50 -27.75 -12.34
N ARG B 480 -10.80 -25.83 -11.09
CA ARG B 480 -10.45 -24.89 -12.14
C ARG B 480 -10.31 -25.59 -13.48
N SER B 481 -10.79 -24.94 -14.54
CA SER B 481 -10.75 -25.48 -15.88
C SER B 481 -9.91 -24.57 -16.77
N LEU B 482 -8.98 -25.15 -17.52
CA LEU B 482 -8.13 -24.40 -18.43
C LEU B 482 -8.39 -24.89 -19.85
N LYS B 483 -8.68 -23.95 -20.75
CA LYS B 483 -8.95 -24.27 -22.15
C LYS B 483 -8.11 -23.36 -23.04
N GLU B 484 -7.43 -23.96 -24.01
CA GLU B 484 -6.50 -23.23 -24.89
C GLU B 484 -7.01 -23.30 -26.32
N ILE B 485 -6.97 -22.15 -27.00
CA ILE B 485 -7.45 -22.03 -28.37
C ILE B 485 -6.42 -21.28 -29.19
N THR B 486 -6.53 -21.39 -30.51
CA THR B 486 -5.56 -20.82 -31.44
C THR B 486 -6.28 -20.28 -32.66
N LEU B 487 -5.70 -19.24 -33.26
CA LEU B 487 -6.19 -18.67 -34.51
C LEU B 487 -5.07 -18.71 -35.54
N SER B 488 -5.43 -18.98 -36.80
CA SER B 488 -4.45 -19.09 -37.87
C SER B 488 -4.68 -18.11 -39.00
N GLU B 489 -5.90 -18.02 -39.51
CA GLU B 489 -6.15 -17.24 -40.72
C GLU B 489 -6.23 -15.75 -40.40
N PRO B 490 -5.51 -14.90 -41.13
CA PRO B 490 -5.58 -13.45 -40.86
C PRO B 490 -6.92 -12.85 -41.22
N ILE B 491 -7.06 -11.54 -41.07
CA ILE B 491 -8.32 -10.84 -41.30
C ILE B 491 -8.22 -9.83 -42.43
N ARG B 492 -7.17 -9.02 -42.43
CA ARG B 492 -7.07 -7.94 -43.41
C ARG B 492 -6.78 -8.48 -44.81
N TYR B 493 -6.07 -9.59 -44.93
CA TYR B 493 -5.68 -10.13 -46.22
C TYR B 493 -5.88 -11.64 -46.21
N ALA B 494 -5.83 -12.23 -47.40
CA ALA B 494 -6.00 -13.67 -47.53
C ALA B 494 -4.79 -14.41 -46.99
N GLN B 495 -5.03 -15.63 -46.51
CA GLN B 495 -3.95 -16.47 -46.02
C GLN B 495 -3.00 -16.85 -47.15
N GLY B 496 -1.72 -16.98 -46.81
CA GLY B 496 -0.71 -17.24 -47.83
C GLY B 496 -0.30 -16.01 -48.60
N ASP B 497 -0.37 -14.83 -48.00
CA ASP B 497 0.01 -13.61 -48.69
C ASP B 497 1.51 -13.58 -48.93
N ASN B 498 1.92 -13.10 -50.11
CA ASN B 498 3.33 -13.08 -50.48
C ASN B 498 4.09 -11.97 -49.77
N VAL B 499 3.49 -10.78 -49.65
CA VAL B 499 4.19 -9.66 -49.03
C VAL B 499 4.45 -9.93 -47.55
N GLU B 500 3.49 -10.55 -46.87
CA GLU B 500 3.69 -10.92 -45.47
C GLU B 500 4.83 -11.92 -45.32
N LYS B 501 4.89 -12.90 -46.24
CA LYS B 501 5.96 -13.88 -46.20
C LYS B 501 7.32 -13.23 -46.41
N TRP B 502 7.41 -12.31 -47.38
CA TRP B 502 8.66 -11.61 -47.64
C TRP B 502 9.08 -10.77 -46.45
N LEU B 503 8.12 -10.09 -45.81
CA LEU B 503 8.44 -9.28 -44.63
C LEU B 503 8.90 -10.15 -43.47
N ASN B 504 8.25 -11.30 -43.26
CA ASN B 504 8.67 -12.20 -42.19
C ASN B 504 10.07 -12.75 -42.45
N THR B 505 10.39 -13.05 -43.71
CA THR B 505 11.72 -13.55 -44.04
C THR B 505 12.77 -12.47 -43.85
N LEU B 506 12.51 -11.26 -44.34
CA LEU B 506 13.52 -10.21 -44.32
C LEU B 506 13.91 -9.80 -42.91
N LEU B 507 12.93 -9.65 -42.03
CA LEU B 507 13.16 -9.19 -40.66
C LEU B 507 13.32 -10.33 -39.66
N CYS B 508 13.27 -11.58 -40.11
CA CYS B 508 13.39 -12.76 -39.25
C CYS B 508 12.36 -12.72 -38.11
N LEU B 509 11.14 -12.31 -38.44
CA LEU B 509 10.08 -12.23 -37.45
C LEU B 509 9.53 -13.59 -37.08
N ASP B 510 9.50 -14.53 -38.02
CA ASP B 510 9.03 -15.88 -37.75
C ASP B 510 10.19 -16.78 -37.38
N PRO B 524 26.47 -33.15 -27.07
CA PRO B 524 27.89 -33.46 -26.92
C PRO B 524 28.49 -32.94 -25.62
N ASP B 525 29.65 -33.46 -25.24
CA ASP B 525 30.32 -32.98 -24.05
C ASP B 525 30.79 -31.55 -24.27
N PRO B 526 30.66 -30.68 -23.25
CA PRO B 526 31.10 -29.29 -23.43
C PRO B 526 32.57 -29.15 -23.78
N SER B 527 33.43 -30.05 -23.28
CA SER B 527 34.85 -29.96 -23.53
C SER B 527 35.21 -30.18 -24.99
N GLN B 528 34.33 -30.81 -25.77
CA GLN B 528 34.59 -31.09 -27.17
C GLN B 528 34.12 -29.99 -28.11
N CYS B 529 33.51 -28.93 -27.58
CA CYS B 529 33.02 -27.84 -28.41
C CYS B 529 34.15 -26.90 -28.78
N GLU B 530 33.92 -26.11 -29.83
CA GLU B 530 34.92 -25.19 -30.34
C GLU B 530 34.24 -23.86 -30.68
N LEU B 531 34.93 -22.77 -30.39
CA LEU B 531 34.44 -21.42 -30.67
C LEU B 531 34.88 -20.98 -32.06
N LEU B 532 34.00 -20.28 -32.76
CA LEU B 532 34.27 -19.83 -34.12
C LEU B 532 33.88 -18.36 -34.26
N HIS B 533 34.47 -17.71 -35.25
CA HIS B 533 34.18 -16.32 -35.58
C HIS B 533 33.36 -16.28 -36.86
N VAL B 534 32.25 -15.55 -36.83
CA VAL B 534 31.31 -15.49 -37.95
C VAL B 534 31.57 -14.21 -38.72
N ASN B 535 31.91 -14.36 -40.01
CA ASN B 535 32.14 -13.21 -40.87
C ASN B 535 30.80 -12.54 -41.20
N ARG B 536 30.75 -11.22 -41.05
CA ARG B 536 29.53 -10.46 -41.31
C ARG B 536 29.42 -9.96 -42.73
N ASP B 537 30.47 -10.09 -43.55
CA ASP B 537 30.38 -9.69 -44.95
C ASP B 537 29.62 -10.69 -45.78
N THR B 538 29.65 -11.97 -45.41
CA THR B 538 28.92 -13.02 -46.11
C THR B 538 27.68 -13.48 -45.37
N LEU B 539 27.58 -13.22 -44.07
CA LEU B 539 26.38 -13.57 -43.32
C LEU B 539 25.18 -12.78 -43.82
N PHE B 540 25.40 -11.60 -44.38
CA PHE B 540 24.33 -10.74 -44.88
C PHE B 540 24.45 -10.55 -46.39
N SER B 541 24.74 -11.65 -47.10
CA SER B 541 24.88 -11.63 -48.55
C SER B 541 23.74 -12.35 -49.26
N PHE B 542 22.74 -12.82 -48.53
CA PHE B 542 21.55 -13.49 -49.08
C PHE B 542 21.91 -14.77 -49.84
N HIS B 543 23.00 -15.42 -49.45
CA HIS B 543 23.23 -16.76 -49.94
C HIS B 543 22.34 -17.75 -49.17
N PRO B 544 21.85 -18.81 -49.83
CA PRO B 544 20.93 -19.73 -49.13
C PRO B 544 21.50 -20.32 -47.85
N VAL B 545 22.78 -20.70 -47.85
CA VAL B 545 23.38 -21.26 -46.64
C VAL B 545 23.56 -20.18 -45.58
N SER B 546 24.04 -19.00 -46.00
CA SER B 546 24.20 -17.90 -45.07
C SER B 546 22.86 -17.48 -44.48
N GLU B 547 21.82 -17.42 -45.31
CA GLU B 547 20.49 -17.07 -44.81
C GLU B 547 19.97 -18.12 -43.83
N LYS B 548 20.18 -19.40 -44.16
CA LYS B 548 19.72 -20.46 -43.27
C LYS B 548 20.41 -20.39 -41.92
N PHE B 549 21.69 -20.00 -41.91
CA PHE B 549 22.39 -19.85 -40.63
C PHE B 549 21.96 -18.59 -39.89
N LEU B 550 21.72 -17.50 -40.63
CA LEU B 550 21.32 -16.24 -40.00
C LEU B 550 19.98 -16.40 -39.30
N GLN B 551 19.04 -17.10 -39.93
CA GLN B 551 17.75 -17.32 -39.27
C GLN B 551 17.92 -18.13 -37.98
N GLN B 552 18.78 -19.14 -38.00
CA GLN B 552 19.02 -19.94 -36.79
C GLN B 552 19.64 -19.11 -35.68
N MET B 553 20.55 -18.21 -36.01
CA MET B 553 21.18 -17.38 -34.97
C MET B 553 20.18 -16.36 -34.40
N VAL B 554 19.42 -15.69 -35.27
CA VAL B 554 18.46 -14.70 -34.79
C VAL B 554 17.38 -15.38 -33.96
N ALA B 555 16.90 -16.56 -34.39
CA ALA B 555 15.96 -17.32 -33.59
C ALA B 555 16.54 -17.75 -32.26
N LEU B 556 17.86 -17.83 -32.15
CA LEU B 556 18.52 -18.13 -30.89
C LEU B 556 18.55 -16.92 -29.96
N TYR B 557 18.89 -15.75 -30.49
CA TYR B 557 19.14 -14.62 -29.61
C TYR B 557 17.90 -13.83 -29.23
N VAL B 558 16.73 -14.12 -29.81
CA VAL B 558 15.50 -13.41 -29.48
C VAL B 558 14.53 -14.29 -28.68
N ALA B 559 14.98 -15.44 -28.20
CA ALA B 559 14.08 -16.36 -27.51
C ALA B 559 13.70 -15.91 -26.11
N SER B 560 14.31 -14.84 -25.59
CA SER B 560 14.01 -14.35 -24.26
C SER B 560 13.53 -12.91 -24.23
N HIS B 561 13.35 -12.27 -25.38
CA HIS B 561 12.82 -10.91 -25.40
C HIS B 561 11.35 -10.91 -25.01
N TYR B 562 10.94 -9.83 -24.31
CA TYR B 562 9.53 -9.64 -24.02
C TYR B 562 8.77 -9.16 -25.24
N LYS B 563 9.42 -8.42 -26.13
CA LYS B 563 8.82 -7.95 -27.37
C LYS B 563 9.91 -7.98 -28.44
N ASN B 564 9.71 -8.80 -29.47
CA ASN B 564 10.65 -8.86 -30.58
C ASN B 564 10.74 -7.51 -31.26
N SER B 565 11.97 -7.06 -31.52
CA SER B 565 12.22 -5.76 -32.15
C SER B 565 13.17 -5.97 -33.32
N PRO B 566 12.78 -5.56 -34.54
CA PRO B 566 13.65 -5.77 -35.70
C PRO B 566 14.69 -4.70 -35.93
N ASN B 567 14.81 -3.71 -35.04
CA ASN B 567 15.87 -2.70 -35.16
C ASN B 567 17.23 -3.25 -34.77
N ASP B 568 17.26 -4.21 -33.83
CA ASP B 568 18.52 -4.84 -33.45
C ASP B 568 19.17 -5.57 -34.62
N LEU B 569 18.38 -6.01 -35.61
CA LEU B 569 18.98 -6.59 -36.81
C LEU B 569 19.81 -5.57 -37.56
N GLN B 570 19.29 -4.36 -37.74
CA GLN B 570 20.07 -3.30 -38.38
C GLN B 570 21.27 -2.91 -37.53
N LEU B 571 21.10 -2.86 -36.21
CA LEU B 571 22.24 -2.57 -35.34
C LEU B 571 23.34 -3.61 -35.48
N MET B 572 22.97 -4.90 -35.51
CA MET B 572 23.95 -5.96 -35.65
C MET B 572 24.61 -5.91 -37.04
N SER B 573 23.84 -5.57 -38.06
CA SER B 573 24.37 -5.58 -39.42
C SER B 573 25.33 -4.42 -39.67
N ASP B 574 24.97 -3.20 -39.23
CA ASP B 574 25.70 -2.01 -39.63
C ASP B 574 26.59 -1.42 -38.54
N ALA B 575 26.74 -2.08 -37.40
CA ALA B 575 27.65 -1.58 -36.39
C ALA B 575 29.09 -1.66 -36.88
N PRO B 576 29.92 -0.65 -36.61
CA PRO B 576 31.29 -0.64 -37.16
C PRO B 576 32.28 -1.51 -36.41
N ALA B 577 32.01 -1.82 -35.14
CA ALA B 577 32.97 -2.52 -34.30
C ALA B 577 32.41 -3.78 -33.66
N HIS B 578 31.26 -4.26 -34.10
CA HIS B 578 30.63 -5.43 -33.48
C HIS B 578 31.14 -6.71 -34.11
N GLU B 579 31.31 -7.74 -33.28
CA GLU B 579 31.80 -9.04 -33.72
C GLU B 579 30.88 -10.14 -33.18
N LEU B 580 30.79 -11.24 -33.93
CA LEU B 580 29.91 -12.34 -33.61
C LEU B 580 30.71 -13.64 -33.47
N PHE B 581 30.47 -14.36 -32.38
CA PHE B 581 31.14 -15.63 -32.11
C PHE B 581 30.09 -16.69 -31.82
N VAL B 582 30.31 -17.89 -32.35
CA VAL B 582 29.36 -18.99 -32.21
C VAL B 582 30.09 -20.21 -31.66
N LEU B 583 29.41 -20.97 -30.81
CA LEU B 583 29.98 -22.16 -30.19
C LEU B 583 29.35 -23.39 -30.84
N THR B 584 30.17 -24.17 -31.54
CA THR B 584 29.71 -25.37 -32.22
C THR B 584 30.48 -26.58 -31.69
N GLY B 585 29.84 -27.75 -31.79
CA GLY B 585 30.47 -28.99 -31.40
C GLY B 585 31.30 -29.58 -32.53
N PRO B 586 31.77 -30.80 -32.35
CA PRO B 586 32.52 -31.48 -33.43
C PRO B 586 31.61 -31.77 -34.62
N ILE B 587 32.00 -31.26 -35.79
CA ILE B 587 31.20 -31.37 -37.00
C ILE B 587 32.09 -31.85 -38.14
N GLN B 588 31.45 -32.32 -39.20
CA GLN B 588 32.11 -32.86 -40.38
C GLN B 588 31.97 -31.89 -41.55
N GLU B 589 32.75 -32.15 -42.59
CA GLU B 589 32.73 -31.31 -43.78
C GLU B 589 31.42 -31.47 -44.54
N GLY B 590 30.95 -30.37 -45.13
CA GLY B 590 29.71 -30.37 -45.89
C GLY B 590 28.46 -30.31 -45.07
N ARG B 591 28.56 -30.10 -43.76
CA ARG B 591 27.39 -30.03 -42.88
C ARG B 591 27.52 -28.79 -42.01
N LEU B 592 26.56 -27.88 -42.12
CA LEU B 592 26.59 -26.67 -41.32
C LEU B 592 26.38 -27.01 -39.85
N PRO B 593 27.25 -26.53 -38.96
CA PRO B 593 27.07 -26.82 -37.53
C PRO B 593 25.84 -26.14 -36.96
N GLU B 594 25.24 -26.79 -35.98
CA GLU B 594 24.07 -26.23 -35.30
C GLU B 594 24.54 -25.32 -34.18
N PRO B 595 24.19 -24.03 -34.19
CA PRO B 595 24.70 -23.10 -33.17
C PRO B 595 24.16 -23.41 -31.78
N LEU B 596 25.05 -23.86 -30.89
CA LEU B 596 24.66 -24.10 -29.51
C LEU B 596 24.58 -22.80 -28.71
N CYS B 597 25.50 -21.87 -28.96
CA CYS B 597 25.52 -20.60 -28.24
C CYS B 597 26.05 -19.52 -29.18
N VAL B 598 25.66 -18.28 -28.90
CA VAL B 598 26.07 -17.13 -29.72
C VAL B 598 26.44 -15.99 -28.79
N ILE B 599 27.54 -15.31 -29.12
CA ILE B 599 28.05 -14.18 -28.34
C ILE B 599 28.25 -13.00 -29.28
N GLN B 600 27.76 -11.84 -28.87
CA GLN B 600 28.00 -10.59 -29.59
C GLN B 600 28.83 -9.67 -28.71
N VAL B 601 29.94 -9.18 -29.24
CA VAL B 601 30.89 -8.38 -28.49
C VAL B 601 31.08 -7.04 -29.19
N SER B 602 31.34 -6.00 -28.41
CA SER B 602 31.64 -4.68 -28.92
C SER B 602 32.89 -4.15 -28.26
N LEU B 603 33.75 -3.50 -29.04
CA LEU B 603 35.01 -2.97 -28.53
C LEU B 603 34.81 -1.52 -28.07
N GLU B 604 35.21 -1.25 -26.82
CA GLU B 604 35.01 0.06 -26.21
C GLU B 604 36.30 0.53 -25.56
N GLY B 605 36.45 1.84 -25.46
CA GLY B 605 37.60 2.43 -24.81
C GLY B 605 38.38 3.37 -25.70
N LYS B 606 39.63 3.68 -25.29
CA LYS B 606 40.54 4.53 -26.05
C LYS B 606 39.90 5.89 -26.36
N ILE B 607 39.58 6.61 -25.30
CA ILE B 607 39.03 7.95 -25.38
C ILE B 607 40.10 8.95 -24.97
N SER B 608 40.29 9.99 -25.78
CA SER B 608 41.29 11.00 -25.47
C SER B 608 40.93 11.74 -24.18
N LYS B 609 41.95 12.03 -23.38
CA LYS B 609 41.72 12.67 -22.09
C LYS B 609 41.15 14.08 -22.22
N GLN B 610 41.35 14.74 -23.36
CA GLN B 610 40.75 16.05 -23.56
C GLN B 610 39.22 15.96 -23.55
N SER B 611 38.66 14.99 -24.27
CA SER B 611 37.22 14.81 -24.31
C SER B 611 36.67 14.36 -22.96
N ILE B 612 37.41 13.51 -22.24
CA ILE B 612 36.97 13.09 -20.91
C ILE B 612 36.94 14.29 -19.97
N LEU B 613 37.95 15.15 -20.02
CA LEU B 613 37.96 16.36 -19.20
C LEU B 613 36.83 17.30 -19.58
N LYS B 614 36.56 17.43 -20.88
CA LYS B 614 35.45 18.28 -21.31
C LYS B 614 34.11 17.74 -20.81
N SER B 615 33.93 16.42 -20.85
CA SER B 615 32.66 15.85 -20.42
C SER B 615 32.50 15.93 -18.90
N LEU B 616 33.56 15.60 -18.15
CA LEU B 616 33.50 15.64 -16.69
C LEU B 616 33.34 17.05 -16.14
N SER B 617 33.55 18.07 -16.97
CA SER B 617 33.38 19.47 -16.56
C SER B 617 32.12 20.08 -17.15
N ARG B 618 31.19 19.26 -17.63
CA ARG B 618 29.95 19.73 -18.21
C ARG B 618 28.92 18.60 -18.12
N GLY B 619 27.80 18.77 -18.82
CA GLY B 619 26.75 17.76 -18.80
C GLY B 619 26.60 17.00 -20.09
N GLN B 620 27.16 17.53 -21.17
CA GLN B 620 27.05 16.89 -22.48
C GLN B 620 27.86 15.60 -22.51
N GLN B 621 27.33 14.60 -23.24
CA GLN B 621 27.98 13.31 -23.35
C GLN B 621 27.62 12.69 -24.68
N PRO B 622 28.61 12.23 -25.46
CA PRO B 622 28.29 11.61 -26.76
C PRO B 622 27.43 10.36 -26.63
N ALA B 623 27.56 9.62 -25.53
CA ALA B 623 26.78 8.41 -25.25
C ALA B 623 27.01 7.32 -26.29
N GLY B 624 28.10 7.41 -27.04
CA GLY B 624 28.43 6.34 -27.97
C GLY B 624 28.79 5.04 -27.26
N ASP B 625 29.57 5.14 -26.20
CA ASP B 625 29.95 4.00 -25.37
C ASP B 625 29.07 3.93 -24.13
N LEU B 626 29.15 2.80 -23.45
CA LEU B 626 28.35 2.59 -22.23
C LEU B 626 29.20 2.45 -20.99
N ILE B 627 30.22 1.57 -21.01
CA ILE B 627 31.02 1.36 -19.81
C ILE B 627 32.05 2.48 -19.61
N PRO B 628 32.83 2.90 -20.62
CA PRO B 628 33.72 4.05 -20.39
C PRO B 628 32.99 5.31 -19.95
N TRP B 629 31.82 5.60 -20.50
CA TRP B 629 31.14 6.86 -20.26
C TRP B 629 30.33 6.86 -18.97
N LEU B 630 30.21 5.72 -18.30
CA LEU B 630 29.45 5.62 -17.07
C LEU B 630 30.35 5.59 -15.84
N VAL B 631 31.43 4.80 -15.88
CA VAL B 631 32.35 4.76 -14.75
C VAL B 631 33.03 6.11 -14.56
N SER B 632 33.35 6.79 -15.66
CA SER B 632 33.99 8.10 -15.57
C SER B 632 33.09 9.10 -14.87
N GLN B 633 31.80 9.09 -15.18
CA GLN B 633 30.88 10.03 -14.54
C GLN B 633 30.57 9.64 -13.10
N GLN B 634 30.37 8.36 -12.84
CA GLN B 634 30.01 7.92 -11.50
C GLN B 634 31.17 8.12 -10.52
N PHE B 635 32.39 7.80 -10.94
CA PHE B 635 33.55 7.87 -10.05
C PHE B 635 34.36 9.14 -10.21
N GLN B 636 33.99 10.00 -11.16
CA GLN B 636 34.74 11.23 -11.43
C GLN B 636 36.22 10.92 -11.67
N ASP B 637 36.47 9.92 -12.51
CA ASP B 637 37.81 9.48 -12.86
C ASP B 637 38.09 9.77 -14.32
N ASP B 638 39.34 10.08 -14.62
CA ASP B 638 39.76 10.43 -15.97
C ASP B 638 40.73 9.42 -16.58
N GLU B 639 41.10 8.36 -15.85
CA GLU B 639 42.08 7.41 -16.32
C GLU B 639 41.47 6.10 -16.81
N PHE B 640 40.22 5.79 -16.45
CA PHE B 640 39.60 4.55 -16.88
C PHE B 640 39.20 4.61 -18.34
N ALA B 641 38.67 5.76 -18.79
CA ALA B 641 38.13 5.86 -20.14
C ALA B 641 39.21 5.85 -21.21
N SER B 642 40.49 5.93 -20.84
CA SER B 642 41.57 5.89 -21.80
C SER B 642 42.10 4.48 -22.06
N LEU B 643 41.55 3.48 -21.39
CA LEU B 643 41.99 2.10 -21.57
C LEU B 643 41.28 1.49 -22.79
N SER B 644 41.39 0.17 -22.94
CA SER B 644 40.73 -0.57 -24.00
C SER B 644 40.02 -1.77 -23.39
N GLY B 645 38.79 -2.01 -23.83
CA GLY B 645 38.01 -3.11 -23.28
C GLY B 645 36.92 -3.55 -24.25
N ALA B 646 36.24 -4.62 -23.85
CA ALA B 646 35.17 -5.22 -24.65
C ALA B 646 33.91 -5.31 -23.82
N ARG B 647 32.77 -5.02 -24.44
CA ARG B 647 31.47 -5.11 -23.80
C ARG B 647 30.68 -6.24 -24.45
N ILE B 648 30.23 -7.19 -23.64
CA ILE B 648 29.43 -8.32 -24.13
C ILE B 648 28.00 -7.82 -24.27
N VAL B 649 27.60 -7.49 -25.49
CA VAL B 649 26.27 -6.94 -25.73
C VAL B 649 25.20 -8.00 -25.52
N ARG B 650 25.42 -9.21 -26.03
CA ARG B 650 24.43 -10.27 -25.92
C ARG B 650 25.12 -11.62 -25.90
N ILE B 651 24.57 -12.54 -25.10
CA ILE B 651 25.01 -13.93 -25.09
C ILE B 651 23.82 -14.81 -24.74
N ALA B 652 23.50 -15.77 -25.60
CA ALA B 652 22.33 -16.60 -25.39
C ALA B 652 22.59 -18.00 -25.94
N THR B 653 22.14 -19.01 -25.22
CA THR B 653 22.30 -20.40 -25.62
C THR B 653 20.96 -20.96 -26.11
N ASN B 654 21.00 -22.21 -26.55
CA ASN B 654 19.80 -22.88 -27.04
C ASN B 654 18.87 -23.19 -25.87
N PRO B 655 17.61 -22.78 -25.93
CA PRO B 655 16.71 -23.00 -24.79
C PRO B 655 16.57 -24.46 -24.39
N ASP B 656 16.71 -25.38 -25.35
CA ASP B 656 16.66 -26.80 -25.01
C ASP B 656 17.95 -27.30 -24.38
N TYR B 657 19.06 -26.58 -24.55
CA TYR B 657 20.35 -27.01 -24.05
C TYR B 657 20.81 -26.21 -22.83
N MET B 658 19.92 -25.46 -22.19
CA MET B 658 20.32 -24.60 -21.10
C MET B 658 20.72 -25.42 -19.87
N SER B 659 21.54 -24.79 -19.02
CA SER B 659 21.98 -25.37 -17.74
C SER B 659 22.71 -26.70 -17.95
N MET B 660 23.61 -26.74 -18.94
CA MET B 660 24.44 -27.92 -19.16
C MET B 660 25.90 -27.57 -19.45
N GLY B 661 26.27 -26.30 -19.40
CA GLY B 661 27.68 -25.91 -19.42
C GLY B 661 28.21 -25.32 -20.70
N TYR B 662 27.36 -24.89 -21.63
CA TYR B 662 27.86 -24.36 -22.89
C TYR B 662 28.16 -22.87 -22.83
N GLY B 663 27.34 -22.09 -22.13
CA GLY B 663 27.61 -20.67 -22.00
C GLY B 663 28.91 -20.39 -21.27
N SER B 664 29.17 -21.13 -20.19
CA SER B 664 30.42 -20.98 -19.46
C SER B 664 31.62 -21.35 -20.33
N LYS B 665 31.50 -22.44 -21.10
CA LYS B 665 32.60 -22.83 -21.97
C LYS B 665 32.87 -21.78 -23.04
N ALA B 666 31.81 -21.23 -23.64
CA ALA B 666 31.99 -20.18 -24.63
C ALA B 666 32.63 -18.93 -24.02
N LEU B 667 32.20 -18.56 -22.81
CA LEU B 667 32.77 -17.39 -22.15
C LEU B 667 34.25 -17.60 -21.85
N GLN B 668 34.61 -18.78 -21.33
CA GLN B 668 36.00 -19.08 -21.05
C GLN B 668 36.84 -19.08 -22.32
N LEU B 669 36.32 -19.65 -23.40
CA LEU B 669 37.06 -19.66 -24.66
C LEU B 669 37.25 -18.25 -25.20
N LEU B 670 36.24 -17.39 -25.12
CA LEU B 670 36.41 -16.01 -25.55
C LEU B 670 37.45 -15.28 -24.70
N VAL B 671 37.42 -15.51 -23.38
CA VAL B 671 38.38 -14.87 -22.50
C VAL B 671 39.80 -15.30 -22.85
N ASP B 672 39.99 -16.61 -23.05
CA ASP B 672 41.32 -17.11 -23.43
C ASP B 672 41.74 -16.56 -24.79
N TYR B 673 40.80 -16.40 -25.71
CA TYR B 673 41.13 -15.80 -27.00
C TYR B 673 41.64 -14.38 -26.84
N TYR B 674 40.99 -13.60 -25.98
CA TYR B 674 41.41 -12.22 -25.78
C TYR B 674 42.63 -12.10 -24.88
N GLU B 675 43.05 -13.19 -24.24
CA GLU B 675 44.27 -13.20 -23.43
C GLU B 675 45.48 -13.68 -24.22
N GLY B 676 45.35 -13.88 -25.53
CA GLY B 676 46.44 -14.37 -26.35
C GLY B 676 46.85 -15.80 -26.06
N LYS B 677 45.88 -16.69 -25.83
CA LYS B 677 46.15 -18.09 -25.53
C LYS B 677 46.09 -18.98 -26.76
N PHE B 678 45.77 -18.43 -27.93
CA PHE B 678 45.68 -19.18 -29.17
C PHE B 678 46.73 -18.66 -30.14
N ALA B 679 47.60 -19.56 -30.61
CA ALA B 679 48.67 -19.18 -31.51
C ALA B 679 48.36 -19.63 -32.94
N LEU B 718 34.14 -13.41 -51.53
CA LEU B 718 33.33 -14.06 -50.51
C LEU B 718 34.19 -14.91 -49.57
N PRO B 719 34.63 -14.31 -48.48
CA PRO B 719 35.45 -15.04 -47.51
C PRO B 719 34.65 -16.14 -46.84
N PRO B 720 35.32 -17.16 -46.29
CA PRO B 720 34.58 -18.24 -45.63
C PRO B 720 33.76 -17.73 -44.46
N LEU B 721 32.57 -18.32 -44.28
CA LEU B 721 31.67 -17.89 -43.23
C LEU B 721 32.29 -18.13 -41.85
N PHE B 722 32.94 -19.26 -41.65
CA PHE B 722 33.50 -19.65 -40.37
C PHE B 722 35.01 -19.58 -40.41
N SER B 723 35.59 -18.90 -39.42
CA SER B 723 37.04 -18.76 -39.29
C SER B 723 37.45 -19.26 -37.91
N LYS B 724 38.46 -20.12 -37.86
CA LYS B 724 38.96 -20.62 -36.59
C LYS B 724 39.66 -19.51 -35.81
N LEU B 725 39.65 -19.63 -34.49
CA LEU B 725 40.27 -18.61 -33.65
C LEU B 725 41.79 -18.59 -33.83
N SER B 726 42.39 -19.74 -34.12
CA SER B 726 43.84 -19.80 -34.28
C SER B 726 44.31 -19.06 -35.53
N GLU B 727 43.42 -18.77 -36.47
CA GLU B 727 43.79 -18.12 -37.72
C GLU B 727 43.74 -16.60 -37.65
N ARG B 728 43.25 -16.02 -36.55
CA ARG B 728 43.15 -14.57 -36.42
C ARG B 728 43.83 -14.12 -35.14
N ARG B 729 44.51 -12.97 -35.20
CA ARG B 729 45.21 -12.43 -34.04
C ARG B 729 44.26 -11.56 -33.23
N PRO B 730 44.10 -11.83 -31.93
CA PRO B 730 43.15 -11.05 -31.12
C PRO B 730 43.62 -9.64 -30.86
N GLU B 731 42.82 -8.90 -30.09
CA GLU B 731 43.16 -7.53 -29.70
C GLU B 731 43.77 -7.53 -28.30
N LYS B 732 44.48 -6.45 -27.99
CA LYS B 732 45.08 -6.26 -26.68
C LYS B 732 44.10 -5.44 -25.83
N LEU B 733 43.49 -6.10 -24.85
CA LEU B 733 42.43 -5.50 -24.05
C LEU B 733 42.78 -5.59 -22.57
N ASP B 734 42.31 -4.60 -21.81
CA ASP B 734 42.58 -4.54 -20.38
C ASP B 734 41.45 -5.16 -19.55
N TYR B 735 40.21 -4.99 -19.99
CA TYR B 735 39.07 -5.44 -19.21
C TYR B 735 37.97 -5.93 -20.14
N VAL B 736 37.02 -6.66 -19.57
CA VAL B 736 35.78 -7.03 -20.26
C VAL B 736 34.62 -6.76 -19.31
N GLY B 737 33.53 -6.19 -19.84
CA GLY B 737 32.44 -5.75 -19.02
C GLY B 737 31.09 -6.12 -19.61
N VAL B 738 30.09 -6.17 -18.73
CA VAL B 738 28.73 -6.52 -19.12
C VAL B 738 27.74 -5.68 -18.33
N SER B 739 26.61 -5.38 -18.96
CA SER B 739 25.52 -4.65 -18.33
C SER B 739 24.24 -5.45 -18.50
N TYR B 740 23.49 -5.63 -17.40
CA TYR B 740 22.31 -6.48 -17.44
C TYR B 740 21.39 -6.09 -16.29
N GLY B 741 20.15 -6.57 -16.36
CA GLY B 741 19.21 -6.35 -15.28
C GLY B 741 19.41 -7.37 -14.18
N LEU B 742 19.49 -6.90 -12.95
CA LEU B 742 19.95 -7.75 -11.85
C LEU B 742 18.95 -8.85 -11.53
N THR B 743 19.46 -10.07 -11.41
CA THR B 743 18.71 -11.22 -10.93
C THR B 743 19.70 -12.18 -10.28
N GLN B 744 19.23 -12.93 -9.30
CA GLN B 744 20.12 -13.82 -8.57
C GLN B 744 20.73 -14.89 -9.46
N GLN B 745 19.92 -15.49 -10.34
CA GLN B 745 20.42 -16.54 -11.23
C GLN B 745 21.45 -15.99 -12.22
N LEU B 746 21.23 -14.79 -12.75
CA LEU B 746 22.19 -14.19 -13.67
C LEU B 746 23.43 -13.69 -12.94
N HIS B 747 23.24 -13.13 -11.75
CA HIS B 747 24.38 -12.66 -10.96
C HIS B 747 25.30 -13.81 -10.59
N LYS B 748 24.74 -14.97 -10.22
CA LYS B 748 25.59 -16.10 -9.90
C LYS B 748 26.42 -16.55 -11.10
N PHE B 749 25.80 -16.61 -12.28
CA PHE B 749 26.51 -16.99 -13.49
C PHE B 749 27.65 -16.01 -13.78
N TRP B 750 27.37 -14.71 -13.64
CA TRP B 750 28.41 -13.73 -13.94
C TRP B 750 29.52 -13.71 -12.90
N LYS B 751 29.17 -13.95 -11.62
CA LYS B 751 30.18 -13.97 -10.57
C LYS B 751 31.08 -15.18 -10.68
N ARG B 752 30.54 -16.32 -11.11
CA ARG B 752 31.37 -17.50 -11.30
C ARG B 752 32.47 -17.28 -12.33
N ALA B 753 32.26 -16.35 -13.27
CA ALA B 753 33.23 -16.06 -14.31
C ALA B 753 34.21 -14.96 -13.93
N GLN B 754 34.33 -14.66 -12.63
CA GLN B 754 35.27 -13.67 -12.11
C GLN B 754 34.98 -12.27 -12.64
N PHE B 755 33.74 -11.83 -12.43
CA PHE B 755 33.33 -10.46 -12.71
C PHE B 755 33.00 -9.77 -11.39
N VAL B 756 33.33 -8.48 -11.28
CA VAL B 756 33.10 -7.75 -10.05
C VAL B 756 32.18 -6.56 -10.31
N PRO B 757 31.23 -6.27 -9.42
CA PRO B 757 30.27 -5.20 -9.67
C PRO B 757 30.86 -3.82 -9.46
N VAL B 758 30.37 -2.88 -10.27
CA VAL B 758 30.84 -1.50 -10.21
C VAL B 758 29.70 -0.50 -10.07
N TYR B 759 28.47 -0.82 -10.48
CA TYR B 759 27.39 0.14 -10.50
C TYR B 759 26.07 -0.62 -10.34
N LEU B 760 25.07 0.07 -9.81
CA LEU B 760 23.74 -0.52 -9.63
C LEU B 760 22.73 0.62 -9.57
N ARG B 761 21.90 0.74 -10.62
CA ARG B 761 20.98 1.86 -10.73
C ARG B 761 19.91 1.79 -9.66
N GLN B 762 19.41 2.97 -9.27
CA GLN B 762 18.44 3.09 -8.19
C GLN B 762 17.00 3.02 -8.66
N THR B 763 16.71 3.57 -9.84
CA THR B 763 15.36 3.56 -10.39
C THR B 763 15.16 2.27 -11.19
N ALA B 764 14.13 1.52 -10.85
CA ALA B 764 13.86 0.27 -11.54
C ALA B 764 13.32 0.53 -12.94
N ASN B 765 13.56 -0.43 -13.84
CA ASN B 765 13.06 -0.33 -15.20
C ASN B 765 11.55 -0.56 -15.23
N ASP B 766 10.85 0.29 -15.98
CA ASP B 766 9.40 0.18 -16.07
C ASP B 766 8.96 -1.06 -16.82
N LEU B 767 9.72 -1.47 -17.84
CA LEU B 767 9.30 -2.58 -18.69
C LEU B 767 9.48 -3.92 -18.00
N THR B 768 10.41 -4.03 -17.06
CA THR B 768 10.68 -5.31 -16.41
C THR B 768 10.61 -5.25 -14.89
N GLY B 769 11.08 -4.17 -14.27
CA GLY B 769 11.10 -4.09 -12.83
C GLY B 769 12.41 -4.50 -12.19
N GLU B 770 13.54 -4.23 -12.84
CA GLU B 770 14.85 -4.66 -12.37
C GLU B 770 15.83 -3.50 -12.51
N HIS B 771 16.89 -3.57 -11.70
CA HIS B 771 17.92 -2.55 -11.67
C HIS B 771 19.12 -2.98 -12.50
N THR B 772 19.66 -2.04 -13.27
CA THR B 772 20.82 -2.33 -14.11
C THR B 772 22.08 -2.50 -13.26
N CYS B 773 22.84 -3.56 -13.53
CA CYS B 773 24.08 -3.84 -12.84
C CYS B 773 25.21 -3.97 -13.84
N VAL B 774 26.38 -3.45 -13.47
CA VAL B 774 27.55 -3.44 -14.34
C VAL B 774 28.66 -4.22 -13.65
N MET B 775 29.27 -5.14 -14.39
CA MET B 775 30.37 -5.96 -13.88
C MET B 775 31.53 -5.90 -14.85
N ILE B 776 32.75 -5.92 -14.31
CA ILE B 776 33.97 -5.78 -15.09
C ILE B 776 34.97 -6.83 -14.63
N ARG B 777 35.70 -7.42 -15.58
CA ARG B 777 36.75 -8.38 -15.28
C ARG B 777 38.08 -7.91 -15.83
N PRO B 778 39.15 -7.90 -15.02
CA PRO B 778 40.48 -7.49 -15.49
C PRO B 778 41.22 -8.65 -16.17
N LEU B 779 40.91 -8.88 -17.42
CA LEU B 779 41.42 -10.04 -18.15
C LEU B 779 42.84 -9.85 -18.67
N GLN B 780 43.40 -8.65 -18.55
CA GLN B 780 44.71 -8.38 -19.16
C GLN B 780 45.77 -9.30 -18.58
N ASP B 781 46.62 -9.82 -19.45
CA ASP B 781 47.62 -10.81 -19.05
C ASP B 781 48.86 -10.12 -18.49
N GLY B 782 49.23 -10.49 -17.27
CA GLY B 782 50.45 -9.98 -16.67
C GLY B 782 50.46 -8.48 -16.42
N ASN B 783 49.37 -7.94 -15.90
CA ASN B 783 49.29 -6.53 -15.55
C ASN B 783 48.74 -6.41 -14.13
N ASP B 784 48.90 -5.22 -13.55
CA ASP B 784 48.48 -5.00 -12.18
C ASP B 784 46.98 -4.82 -12.11
N PRO B 785 46.25 -5.64 -11.36
CA PRO B 785 44.81 -5.41 -11.14
C PRO B 785 44.57 -4.52 -9.91
N SER B 786 44.99 -3.26 -10.02
CA SER B 786 44.85 -2.31 -8.92
C SER B 786 43.94 -1.14 -9.23
N TRP B 787 43.76 -0.78 -10.50
CA TRP B 787 42.82 0.27 -10.85
C TRP B 787 41.38 -0.16 -10.63
N LEU B 788 41.12 -1.46 -10.52
CA LEU B 788 39.78 -1.98 -10.31
C LEU B 788 39.45 -2.17 -8.83
N GLY B 789 40.45 -2.40 -8.00
CA GLY B 789 40.21 -2.52 -6.58
C GLY B 789 39.65 -1.25 -5.97
N ALA B 790 40.12 -0.09 -6.43
CA ALA B 790 39.58 1.17 -5.95
C ALA B 790 38.10 1.32 -6.29
N PHE B 791 37.72 1.00 -7.53
CA PHE B 791 36.32 1.06 -7.92
C PHE B 791 35.48 0.10 -7.11
N ALA B 792 35.96 -1.13 -6.90
CA ALA B 792 35.21 -2.11 -6.14
C ALA B 792 35.02 -1.68 -4.69
N ALA B 793 36.08 -1.13 -4.07
CA ALA B 793 35.96 -0.66 -2.70
C ALA B 793 35.03 0.54 -2.57
N ASP B 794 35.10 1.47 -3.54
CA ASP B 794 34.17 2.60 -3.50
C ASP B 794 32.72 2.14 -3.64
N PHE B 795 32.47 1.20 -4.56
CA PHE B 795 31.11 0.66 -4.69
C PHE B 795 30.68 -0.05 -3.42
N HIS B 796 31.59 -0.79 -2.79
CA HIS B 796 31.23 -1.48 -1.55
C HIS B 796 30.88 -0.49 -0.44
N LYS B 797 31.59 0.64 -0.39
CA LYS B 797 31.26 1.65 0.63
C LYS B 797 29.96 2.38 0.30
N ARG B 798 29.63 2.53 -0.98
CA ARG B 798 28.38 3.19 -1.34
C ARG B 798 27.16 2.30 -1.15
N PHE B 799 27.32 0.99 -1.41
CA PHE B 799 26.18 0.09 -1.34
C PHE B 799 25.65 -0.04 0.09
N LEU B 800 26.54 -0.03 1.08
CA LEU B 800 26.10 -0.15 2.47
C LEU B 800 25.22 1.02 2.87
N SER B 801 25.57 2.23 2.43
CA SER B 801 24.77 3.40 2.77
C SER B 801 23.51 3.48 1.93
N LEU B 802 23.58 3.03 0.67
CA LEU B 802 22.47 3.16 -0.25
C LEU B 802 21.41 2.07 -0.09
N LEU B 803 21.61 1.12 0.83
CA LEU B 803 20.63 0.07 1.03
C LEU B 803 19.32 0.62 1.57
N SER B 804 19.35 1.82 2.17
CA SER B 804 18.13 2.41 2.71
C SER B 804 17.38 3.22 1.66
N TYR B 805 18.07 3.69 0.63
CA TYR B 805 17.47 4.48 -0.44
C TYR B 805 17.20 3.59 -1.64
N LYS B 806 15.96 3.10 -1.75
CA LYS B 806 15.40 2.36 -2.87
C LYS B 806 15.90 0.92 -2.95
N PHE B 807 16.89 0.53 -2.16
CA PHE B 807 17.31 -0.86 -2.07
C PHE B 807 16.74 -1.54 -0.83
N ARG B 808 15.79 -0.88 -0.16
CA ARG B 808 15.08 -1.48 0.95
C ARG B 808 14.20 -2.64 0.48
N GLU B 809 13.81 -2.63 -0.79
CA GLU B 809 12.90 -3.64 -1.30
C GLU B 809 13.60 -4.97 -1.56
N PHE B 810 14.92 -4.92 -1.80
CA PHE B 810 15.70 -6.10 -2.17
C PHE B 810 15.56 -7.22 -1.14
N PRO B 811 15.43 -8.47 -1.57
CA PRO B 811 15.55 -9.58 -0.62
C PRO B 811 16.92 -9.60 0.01
N SER B 812 16.98 -10.08 1.26
CA SER B 812 18.23 -10.01 2.02
C SER B 812 19.34 -10.79 1.35
N ILE B 813 19.03 -11.98 0.83
CA ILE B 813 20.05 -12.83 0.22
C ILE B 813 20.62 -12.17 -1.03
N LEU B 814 19.76 -11.53 -1.83
CA LEU B 814 20.22 -10.90 -3.07
C LEU B 814 21.19 -9.76 -2.80
N ALA B 815 20.91 -8.95 -1.78
CA ALA B 815 21.84 -7.88 -1.42
C ALA B 815 23.09 -8.43 -0.77
N LEU B 816 22.96 -9.52 0.00
CA LEU B 816 24.11 -10.12 0.65
C LEU B 816 25.11 -10.65 -0.38
N THR B 817 24.62 -11.30 -1.43
CA THR B 817 25.53 -11.80 -2.47
C THR B 817 26.25 -10.67 -3.18
N ILE B 818 25.56 -9.57 -3.48
CA ILE B 818 26.21 -8.43 -4.12
C ILE B 818 27.27 -7.84 -3.20
N GLU B 819 26.97 -7.71 -1.91
CA GLU B 819 27.96 -7.18 -0.98
C GLU B 819 29.17 -8.10 -0.89
N GLU B 820 28.95 -9.41 -0.81
CA GLU B 820 30.07 -10.35 -0.74
C GLU B 820 30.93 -10.27 -2.00
N SER B 821 30.29 -10.22 -3.17
CA SER B 821 31.04 -10.13 -4.41
C SER B 821 31.83 -8.83 -4.53
N ALA B 822 31.23 -7.70 -4.13
CA ALA B 822 31.98 -6.44 -4.16
C ALA B 822 33.15 -6.44 -3.19
N ASN B 823 32.95 -6.99 -1.98
CA ASN B 823 34.05 -7.07 -1.03
C ASN B 823 35.16 -7.96 -1.53
N ALA B 824 34.81 -9.10 -2.14
CA ALA B 824 35.82 -9.99 -2.71
C ALA B 824 36.56 -9.36 -3.88
N GLY B 825 35.86 -8.57 -4.71
CA GLY B 825 36.52 -7.88 -5.80
C GLY B 825 37.35 -6.69 -5.38
N ALA B 826 37.07 -6.13 -4.21
CA ALA B 826 37.87 -5.02 -3.68
C ALA B 826 39.24 -5.46 -3.18
N MET B 827 39.49 -6.77 -3.06
CA MET B 827 40.76 -7.26 -2.56
C MET B 827 41.86 -7.27 -3.62
N LEU B 828 41.56 -6.87 -4.85
CA LEU B 828 42.58 -6.82 -5.89
C LEU B 828 43.65 -5.78 -5.57
N ASP B 829 43.36 -4.82 -4.68
CA ASP B 829 44.35 -3.86 -4.20
C ASP B 829 44.79 -4.25 -2.80
N PRO B 830 46.06 -4.63 -2.61
CA PRO B 830 46.48 -5.08 -1.27
C PRO B 830 46.38 -4.01 -0.19
N SER B 831 46.35 -2.74 -0.56
CA SER B 831 46.20 -1.67 0.42
C SER B 831 44.78 -1.57 0.97
N ASN B 832 43.83 -2.29 0.40
CA ASN B 832 42.44 -2.25 0.84
C ASN B 832 42.12 -3.27 1.93
N ALA B 833 43.13 -3.97 2.43
CA ALA B 833 42.89 -4.94 3.49
C ALA B 833 42.39 -4.23 4.74
N PRO B 834 41.48 -4.85 5.49
CA PRO B 834 40.91 -4.19 6.66
C PRO B 834 41.84 -4.24 7.86
N THR B 835 41.56 -3.37 8.82
CA THR B 835 42.32 -3.28 10.06
C THR B 835 41.41 -3.63 11.23
N GLU B 836 42.04 -4.03 12.33
CA GLU B 836 41.30 -4.42 13.51
C GLU B 836 40.72 -3.20 14.23
N LEU B 837 39.84 -3.47 15.19
CA LEU B 837 39.23 -2.42 16.00
C LEU B 837 39.91 -2.37 17.36
N THR B 838 40.36 -1.19 17.74
CA THR B 838 41.04 -0.97 19.00
C THR B 838 40.10 -0.36 20.03
N LYS B 839 40.52 -0.44 21.30
CA LYS B 839 39.71 0.12 22.39
C LYS B 839 39.54 1.63 22.24
N ALA B 840 40.58 2.32 21.76
CA ALA B 840 40.50 3.76 21.58
C ALA B 840 39.42 4.14 20.59
N GLU B 841 39.33 3.41 19.48
CA GLU B 841 38.29 3.69 18.49
C GLU B 841 36.92 3.27 18.98
N LEU B 842 36.84 2.18 19.74
CA LEU B 842 35.55 1.75 20.28
C LEU B 842 35.00 2.76 21.27
N ASP B 843 35.86 3.36 22.09
CA ASP B 843 35.40 4.33 23.07
C ASP B 843 34.87 5.60 22.41
N GLN B 844 35.23 5.85 21.15
CA GLN B 844 34.71 6.99 20.42
C GLN B 844 33.38 6.69 19.74
N LEU B 845 32.86 5.48 19.86
CA LEU B 845 31.60 5.08 19.24
C LEU B 845 30.51 4.79 20.26
N PHE B 846 30.81 4.05 21.32
CA PHE B 846 29.82 3.63 22.30
C PHE B 846 30.20 4.15 23.68
N THR B 847 29.26 4.84 24.32
CA THR B 847 29.41 5.28 25.71
C THR B 847 29.21 4.11 26.65
N PRO B 848 29.69 4.23 27.91
CA PRO B 848 29.49 3.12 28.85
C PRO B 848 28.03 2.76 29.09
N PHE B 849 27.12 3.73 29.00
CA PHE B 849 25.71 3.41 29.15
C PHE B 849 25.18 2.63 27.95
N ASP B 850 25.71 2.89 26.75
CA ASP B 850 25.39 2.05 25.60
C ASP B 850 25.86 0.62 25.80
N HIS B 851 27.07 0.46 26.37
CA HIS B 851 27.56 -0.87 26.70
C HIS B 851 26.65 -1.56 27.71
N LYS B 852 26.18 -0.81 28.72
CA LYS B 852 25.28 -1.38 29.70
C LYS B 852 23.96 -1.81 29.07
N ARG B 853 23.42 -0.99 28.16
CA ARG B 853 22.19 -1.36 27.47
C ARG B 853 22.37 -2.61 26.63
N LEU B 854 23.49 -2.69 25.89
CA LEU B 854 23.77 -3.87 25.08
C LEU B 854 23.90 -5.12 25.94
N GLU B 855 24.61 -5.00 27.08
CA GLU B 855 24.77 -6.15 27.97
C GLU B 855 23.43 -6.58 28.57
N SER B 856 22.58 -5.61 28.94
CA SER B 856 21.26 -5.96 29.48
C SER B 856 20.42 -6.66 28.43
N TYR B 857 20.45 -6.19 27.18
CA TYR B 857 19.70 -6.85 26.13
C TYR B 857 20.21 -8.27 25.89
N ALA B 858 21.53 -8.45 25.89
CA ALA B 858 22.09 -9.77 25.62
C ALA B 858 21.68 -10.79 26.68
N ASN B 859 21.39 -10.34 27.89
CA ASN B 859 20.97 -11.22 28.97
C ASN B 859 19.47 -11.45 29.00
N GLY B 860 18.72 -10.84 28.08
CA GLY B 860 17.28 -11.01 28.04
C GLY B 860 16.51 -10.16 29.02
N LEU B 861 17.06 -9.04 29.45
CA LEU B 861 16.40 -8.14 30.38
C LEU B 861 15.86 -6.88 29.72
N LEU B 862 15.79 -6.85 28.39
CA LEU B 862 15.31 -5.67 27.70
C LEU B 862 14.58 -6.10 26.43
N ASP B 863 13.71 -5.20 25.96
CA ASP B 863 13.05 -5.38 24.67
C ASP B 863 13.97 -4.98 23.54
N TYR B 864 13.81 -5.65 22.39
CA TYR B 864 14.65 -5.34 21.25
C TYR B 864 14.38 -3.98 20.65
N HIS B 865 13.29 -3.32 21.03
CA HIS B 865 13.04 -1.97 20.55
C HIS B 865 13.97 -0.96 21.18
N VAL B 866 14.50 -1.26 22.37
CA VAL B 866 15.36 -0.32 23.08
C VAL B 866 16.70 -0.19 22.38
N VAL B 867 17.39 -1.31 22.17
CA VAL B 867 18.67 -1.32 21.46
C VAL B 867 18.36 -1.53 19.98
N LEU B 868 17.96 -0.43 19.33
CA LEU B 868 17.69 -0.44 17.90
C LEU B 868 18.35 0.71 17.16
N ASP B 869 18.71 1.80 17.82
CA ASP B 869 19.53 2.84 17.23
C ASP B 869 20.99 2.44 17.10
N LEU B 870 21.40 1.40 17.82
CA LEU B 870 22.77 0.89 17.74
C LEU B 870 22.98 -0.09 16.61
N MET B 871 21.91 -0.56 15.96
CA MET B 871 22.05 -1.54 14.89
C MET B 871 22.85 -1.02 13.70
N PRO B 872 22.62 0.19 13.18
CA PRO B 872 23.43 0.64 12.04
C PRO B 872 24.92 0.65 12.31
N THR B 873 25.35 1.05 13.51
CA THR B 873 26.77 1.10 13.81
C THR B 873 27.38 -0.30 13.86
N ILE B 874 26.70 -1.25 14.49
CA ILE B 874 27.21 -2.62 14.55
C ILE B 874 27.25 -3.23 13.15
N ALA B 875 26.21 -3.00 12.35
CA ALA B 875 26.21 -3.52 10.99
C ALA B 875 27.34 -2.94 10.16
N GLN B 876 27.57 -1.63 10.28
CA GLN B 876 28.67 -1.01 9.53
C GLN B 876 30.02 -1.49 10.02
N LEU B 877 30.16 -1.76 11.33
CA LEU B 877 31.40 -2.32 11.84
C LEU B 877 31.65 -3.71 11.29
N TYR B 878 30.62 -4.55 11.22
CA TYR B 878 30.83 -5.92 10.79
C TYR B 878 31.04 -6.01 9.28
N PHE B 879 30.27 -5.27 8.50
CA PHE B 879 30.28 -5.42 7.05
C PHE B 879 31.34 -4.58 6.36
N THR B 880 32.16 -3.84 7.11
CA THR B 880 33.28 -3.11 6.54
C THR B 880 34.61 -3.76 6.83
N GLY B 881 34.64 -4.85 7.61
CA GLY B 881 35.82 -5.62 7.84
C GLY B 881 36.50 -5.39 9.17
N ARG B 882 36.12 -4.36 9.91
CA ARG B 882 36.76 -4.07 11.19
C ARG B 882 36.52 -5.19 12.21
N LEU B 883 35.29 -5.70 12.26
CA LEU B 883 34.92 -6.74 13.21
C LEU B 883 34.77 -8.11 12.57
N ARG B 884 35.05 -8.24 11.28
CA ARG B 884 34.74 -9.48 10.56
C ARG B 884 35.55 -10.65 11.08
N GLU B 885 36.85 -10.45 11.33
CA GLU B 885 37.69 -11.57 11.75
C GLU B 885 37.54 -11.89 13.23
N ALA B 886 37.03 -10.95 14.03
CA ALA B 886 36.89 -11.20 15.46
C ALA B 886 35.71 -12.10 15.77
N VAL B 887 34.59 -11.90 15.08
CA VAL B 887 33.36 -12.66 15.31
C VAL B 887 32.92 -13.26 13.98
N LYS B 888 32.53 -14.54 14.01
CA LYS B 888 32.12 -15.27 12.82
C LYS B 888 30.61 -15.44 12.81
N LEU B 889 30.02 -15.27 11.62
CA LEU B 889 28.58 -15.37 11.44
C LEU B 889 28.28 -16.28 10.26
N SER B 890 27.16 -17.01 10.35
CA SER B 890 26.73 -17.88 9.28
C SER B 890 25.98 -17.06 8.22
N GLY B 891 25.47 -17.76 7.20
CA GLY B 891 24.74 -17.07 6.15
C GLY B 891 23.43 -16.48 6.61
N LEU B 892 22.66 -17.23 7.40
CA LEU B 892 21.39 -16.74 7.90
C LEU B 892 21.57 -15.56 8.85
N GLN B 893 22.55 -15.67 9.76
CA GLN B 893 22.84 -14.56 10.67
C GLN B 893 23.32 -13.34 9.91
N GLN B 894 24.17 -13.52 8.89
CA GLN B 894 24.58 -12.40 8.07
C GLN B 894 23.41 -11.74 7.38
N ALA B 895 22.49 -12.53 6.83
CA ALA B 895 21.32 -11.95 6.15
C ALA B 895 20.45 -11.17 7.12
N ILE B 896 20.19 -11.73 8.30
CA ILE B 896 19.35 -11.04 9.28
C ILE B 896 20.01 -9.75 9.75
N LEU B 897 21.31 -9.80 10.04
CA LEU B 897 22.02 -8.59 10.48
C LEU B 897 22.01 -7.54 9.38
N LEU B 898 22.28 -7.93 8.14
CA LEU B 898 22.25 -6.97 7.04
C LEU B 898 20.88 -6.33 6.93
N ALA B 899 19.82 -7.13 6.93
CA ALA B 899 18.48 -6.58 6.78
C ALA B 899 18.17 -5.59 7.90
N LEU B 900 18.30 -6.04 9.16
CA LEU B 900 17.90 -5.20 10.29
C LEU B 900 18.75 -3.94 10.39
N GLY B 901 20.05 -4.03 10.13
CA GLY B 901 20.92 -2.90 10.31
C GLY B 901 20.96 -1.92 9.15
N LEU B 902 21.02 -2.41 7.92
CA LEU B 902 21.22 -1.55 6.76
C LEU B 902 19.94 -1.29 5.97
N GLN B 903 18.94 -2.18 6.03
CA GLN B 903 17.70 -1.97 5.31
C GLN B 903 16.55 -1.53 6.21
N ARG B 904 16.74 -1.53 7.52
CA ARG B 904 15.76 -0.99 8.46
C ARG B 904 14.40 -1.70 8.33
N LYS B 905 14.44 -3.01 8.16
CA LYS B 905 13.22 -3.78 7.98
C LYS B 905 12.62 -4.16 9.34
N ASP B 906 11.35 -4.53 9.31
CA ASP B 906 10.63 -4.95 10.51
C ASP B 906 10.77 -6.45 10.71
N ILE B 907 10.43 -6.89 11.93
CA ILE B 907 10.54 -8.31 12.24
C ILE B 907 9.49 -9.12 11.49
N ASP B 908 8.26 -8.62 11.39
CA ASP B 908 7.20 -9.30 10.65
C ASP B 908 7.46 -9.36 9.15
N THR B 909 8.02 -8.30 8.56
CA THR B 909 8.41 -8.37 7.16
C THR B 909 9.52 -9.40 6.95
N LEU B 910 10.45 -9.48 7.91
CA LEU B 910 11.51 -10.47 7.82
C LEU B 910 10.97 -11.89 7.93
N ALA B 911 9.96 -12.10 8.78
CA ALA B 911 9.39 -13.44 8.94
C ALA B 911 8.77 -13.94 7.64
N THR B 912 8.09 -13.06 6.91
CA THR B 912 7.48 -13.46 5.64
C THR B 912 8.55 -13.82 4.60
N GLU B 913 9.58 -12.99 4.48
CA GLU B 913 10.60 -13.21 3.46
C GLU B 913 11.36 -14.50 3.68
N LEU B 914 11.72 -14.79 4.93
CA LEU B 914 12.51 -15.95 5.25
C LEU B 914 11.69 -17.21 5.46
N ASN B 915 10.36 -17.10 5.41
CA ASN B 915 9.45 -18.22 5.63
C ASN B 915 9.72 -18.89 6.98
N LEU B 916 9.81 -18.06 8.02
CA LEU B 916 10.06 -18.48 9.39
C LEU B 916 9.10 -17.72 10.29
N PRO B 917 8.73 -18.29 11.44
CA PRO B 917 7.88 -17.55 12.37
C PRO B 917 8.60 -16.33 12.95
N GLY B 918 7.83 -15.30 13.27
CA GLY B 918 8.40 -14.08 13.79
C GLY B 918 9.10 -14.26 15.12
N SER B 919 8.58 -15.15 15.97
CA SER B 919 9.14 -15.40 17.28
C SER B 919 10.40 -16.24 17.24
N GLN B 920 10.76 -16.76 16.07
CA GLN B 920 12.01 -17.50 15.89
C GLN B 920 13.10 -16.66 15.26
N VAL B 921 12.75 -15.65 14.45
CA VAL B 921 13.75 -14.76 13.90
C VAL B 921 14.46 -13.98 15.01
N LEU B 922 13.71 -13.58 16.04
CA LEU B 922 14.32 -12.90 17.17
C LEU B 922 15.23 -13.84 17.95
N ALA B 923 14.88 -15.12 18.03
CA ALA B 923 15.67 -16.07 18.82
C ALA B 923 17.08 -16.21 18.27
N ILE B 924 17.26 -16.10 16.94
CA ILE B 924 18.58 -16.17 16.35
C ILE B 924 19.27 -14.81 16.27
N PHE B 925 18.51 -13.72 16.38
CA PHE B 925 19.08 -12.37 16.41
C PHE B 925 19.70 -12.04 17.77
N MET B 926 19.23 -12.66 18.85
CA MET B 926 19.82 -12.47 20.16
C MET B 926 21.15 -13.22 20.30
N LYS B 927 21.47 -14.10 19.35
CA LYS B 927 22.75 -14.77 19.30
C LYS B 927 23.80 -13.97 18.54
N ILE B 928 23.38 -13.11 17.62
CA ILE B 928 24.32 -12.19 16.99
C ILE B 928 24.84 -11.18 18.00
N MET B 929 23.96 -10.68 18.87
CA MET B 929 24.28 -9.59 19.79
C MET B 929 24.98 -10.05 21.05
N ARG B 930 24.97 -11.35 21.36
CA ARG B 930 25.70 -11.86 22.51
C ARG B 930 27.07 -12.43 22.12
N LYS B 931 27.42 -12.34 20.83
CA LYS B 931 28.77 -12.58 20.35
C LYS B 931 29.56 -11.30 20.17
N VAL B 932 28.89 -10.23 19.73
CA VAL B 932 29.53 -8.93 19.59
C VAL B 932 29.81 -8.32 20.96
N THR B 933 28.88 -8.49 21.91
CA THR B 933 29.03 -7.90 23.22
C THR B 933 30.25 -8.43 23.94
N GLN B 934 30.51 -9.74 23.83
CA GLN B 934 31.67 -10.33 24.48
C GLN B 934 32.97 -9.75 23.91
N HIS B 935 33.05 -9.58 22.59
CA HIS B 935 34.23 -8.98 22.00
C HIS B 935 34.41 -7.54 22.45
N PHE B 936 33.32 -6.77 22.51
CA PHE B 936 33.43 -5.39 22.98
C PHE B 936 33.90 -5.34 24.42
N GLY B 937 33.39 -6.22 25.26
CA GLY B 937 33.81 -6.25 26.66
C GLY B 937 35.26 -6.62 26.82
N ALA B 938 35.71 -7.62 26.06
CA ALA B 938 37.12 -8.00 26.11
C ALA B 938 38.02 -6.87 25.60
N LEU B 939 37.59 -6.16 24.55
CA LEU B 939 38.37 -5.04 24.04
C LEU B 939 38.45 -3.91 25.06
N VAL B 940 37.34 -3.58 25.72
CA VAL B 940 37.34 -2.49 26.68
C VAL B 940 38.16 -2.85 27.91
N SER B 941 37.95 -4.05 28.46
CA SER B 941 38.68 -4.45 29.65
C SER B 941 40.16 -4.62 29.38
N GLY B 942 40.51 -5.19 28.24
CA GLY B 942 41.90 -5.38 27.86
C GLY B 942 42.56 -4.13 27.33
#